data_8UY2
#
_entry.id   8UY2
#
_cell.length_a   130.656
_cell.length_b   149.948
_cell.length_c   171.056
_cell.angle_alpha   90
_cell.angle_beta   90
_cell.angle_gamma   90
#
_symmetry.space_group_name_H-M   'P 2 21 21'
#
loop_
_entity.id
_entity.type
_entity.pdbx_description
1 polymer 'Methylenetetrahydrofolate reductase-like protein'
2 non-polymer 'FLAVIN-ADENINE DINUCLEOTIDE'
3 non-polymer S-ADENOSYLMETHIONINE
4 non-polymer 'ACETATE ION'
5 non-polymer 'SULFATE ION'
6 non-polymer 'SODIUM ION'
7 non-polymer GLYCEROL
8 water water
#
_entity_poly.entity_id   1
_entity_poly.type   'polypeptide(L)'
_entity_poly.pdbx_seq_one_letter_code
;SNAMHIRDMLAEAERTGEPSFSFEYFPPKTAQGVQNLYDRMERMYNYGPKFIDITWGAGGRVAELTCEMVVQAQAYLGLE
TCMHLTCTDMGVERINDALRKAYKAGCTNILALRGDPPRDKEKWEAAKDGFRYAKDLVAHIRKEYGDHFDIGVAGYPEGC
DDNKDEDLLLDHLKEKVDMGAGFIVTQMFYDVDNFLRWVKKVRERGISVPIVPGIMPIATYASFLRRANHMKCKIPEEWM
AKLEPVKNDDVAVREIGKTLVADMCRKILDAGIRHLHFYTMNLAQATRMVLEELNWLPSPDRPLKHALPWKQSLGFGARG
EDVRPIFWRNRNKSYVARTQDWDEFPNGRWGDSRSPAFGELDAYGVGLTGSNEQNRERWGEPKCIRDIANLFIRYLRKEI
DYLPWSEAPVADEADLIKDELIDLNRRGLITVNSQPAVNGAKSNHPVHGWGPSNGYVYQKAYLEFFVSPELYPEIKRRIE
SHPDLTYHAVTKSGNLETNAQSDGPNAVTWGVFPGKEIVQPTIVERISFLAWKDEAYHLGMEWARCYDAGSPSRVLLEEM
MNTWWLVNIVNNDFHQGNTLFEILKGLEVTDLDKVPETQANGTNGVSNGVKASETSV
;
_entity_poly.pdbx_strand_id   A,B,C,D
#
# COMPACT_ATOMS: atom_id res chain seq x y z
N MET A 4 6.57 12.39 19.94
CA MET A 4 7.19 12.36 21.29
C MET A 4 6.20 12.83 22.38
N HIS A 5 5.64 14.04 22.34
CA HIS A 5 4.47 14.37 23.14
C HIS A 5 3.19 14.38 22.32
N ILE A 6 2.16 13.71 22.84
CA ILE A 6 0.92 13.53 22.10
C ILE A 6 0.28 14.88 21.76
N ARG A 7 0.35 15.85 22.67
CA ARG A 7 -0.28 17.16 22.46
C ARG A 7 0.22 17.82 21.18
N ASP A 8 1.50 17.59 20.86
CA ASP A 8 2.12 18.13 19.67
C ASP A 8 1.61 17.43 18.42
N MET A 9 1.53 16.08 18.50
CA MET A 9 0.99 15.26 17.43
C MET A 9 -0.46 15.67 17.12
N LEU A 10 -1.25 15.96 18.18
CA LEU A 10 -2.63 16.37 18.06
C LEU A 10 -2.75 17.76 17.43
N ALA A 11 -1.92 18.70 17.88
CA ALA A 11 -1.85 20.02 17.28
C ALA A 11 -1.57 19.97 15.76
N GLU A 12 -0.66 19.07 15.36
CA GLU A 12 -0.33 18.88 13.95
C GLU A 12 -1.50 18.28 13.18
N ALA A 13 -2.20 17.32 13.80
CA ALA A 13 -3.37 16.71 13.19
C ALA A 13 -4.43 17.78 12.95
N GLU A 14 -4.61 18.67 13.93
CA GLU A 14 -5.64 19.69 13.89
C GLU A 14 -5.32 20.72 12.82
N ARG A 15 -4.04 20.98 12.58
CA ARG A 15 -3.64 21.95 11.56
C ARG A 15 -3.70 21.36 10.16
N THR A 16 -3.08 20.19 9.95
CA THR A 16 -2.92 19.61 8.62
C THR A 16 -4.17 18.87 8.16
N GLY A 17 -4.91 18.26 9.10
CA GLY A 17 -6.02 17.37 8.79
C GLY A 17 -5.55 16.02 8.25
N GLU A 18 -4.22 15.73 8.34
CA GLU A 18 -3.63 14.49 7.91
C GLU A 18 -4.32 13.30 8.61
N PRO A 19 -4.23 12.07 8.07
CA PRO A 19 -4.64 10.86 8.80
C PRO A 19 -3.87 10.77 10.12
N SER A 20 -4.62 10.87 11.23
CA SER A 20 -4.03 10.84 12.57
C SER A 20 -4.88 9.93 13.44
N PHE A 21 -4.29 8.80 13.87
CA PHE A 21 -4.99 7.86 14.70
C PHE A 21 -4.05 7.07 15.59
N SER A 22 -4.63 6.42 16.61
CA SER A 22 -3.90 5.69 17.62
C SER A 22 -4.66 4.45 18.03
N PHE A 23 -3.95 3.43 18.54
CA PHE A 23 -4.57 2.16 18.91
C PHE A 23 -4.35 1.87 20.38
N GLU A 24 -5.41 1.50 21.08
CA GLU A 24 -5.34 1.05 22.47
C GLU A 24 -5.35 -0.48 22.50
N TYR A 25 -4.43 -1.03 23.30
CA TYR A 25 -4.38 -2.45 23.60
C TYR A 25 -4.51 -2.67 25.09
N PHE A 26 -4.91 -3.86 25.50
CA PHE A 26 -4.92 -4.24 26.89
C PHE A 26 -3.97 -5.41 27.13
N PRO A 27 -3.45 -5.59 28.38
CA PRO A 27 -2.64 -6.74 28.73
C PRO A 27 -3.42 -8.04 28.57
N PRO A 28 -2.99 -8.98 27.71
CA PRO A 28 -3.66 -10.28 27.60
C PRO A 28 -3.62 -11.10 28.88
N LYS A 29 -4.53 -12.08 28.98
CA LYS A 29 -4.68 -12.92 30.18
C LYS A 29 -3.83 -14.17 30.13
N THR A 30 -3.19 -14.46 29.00
CA THR A 30 -2.44 -15.67 28.77
C THR A 30 -1.06 -15.28 28.26
N ALA A 31 -0.06 -16.11 28.61
CA ALA A 31 1.31 -15.89 28.14
C ALA A 31 1.39 -15.94 26.61
N GLN A 32 0.68 -16.91 26.05
CA GLN A 32 0.57 -17.07 24.61
C GLN A 32 -0.14 -15.88 23.99
N GLY A 33 -1.16 -15.37 24.69
CA GLY A 33 -1.83 -14.15 24.31
C GLY A 33 -0.89 -12.94 24.22
N VAL A 34 0.05 -12.84 25.17
CA VAL A 34 1.01 -11.74 25.19
C VAL A 34 1.90 -11.81 23.95
N GLN A 35 2.45 -13.00 23.65
CA GLN A 35 3.31 -13.17 22.50
C GLN A 35 2.57 -12.82 21.21
N ASN A 36 1.37 -13.36 21.07
CA ASN A 36 0.53 -13.02 19.93
C ASN A 36 0.22 -11.53 19.82
N LEU A 37 0.03 -10.87 20.97
CA LEU A 37 -0.24 -9.44 20.95
C LEU A 37 0.95 -8.68 20.38
N TYR A 38 2.18 -9.05 20.74
CA TYR A 38 3.35 -8.36 20.20
C TYR A 38 3.39 -8.44 18.68
N ASP A 39 3.11 -9.63 18.13
CA ASP A 39 3.02 -9.80 16.69
C ASP A 39 1.95 -8.89 16.09
N ARG A 40 0.79 -8.80 16.75
CA ARG A 40 -0.31 -8.02 16.24
C ARG A 40 0.03 -6.52 16.26
N MET A 41 0.73 -6.08 17.33
CA MET A 41 1.15 -4.69 17.47
C MET A 41 2.12 -4.32 16.37
N GLU A 42 3.03 -5.25 16.03
CA GLU A 42 3.96 -5.06 14.93
C GLU A 42 3.24 -4.90 13.60
N ARG A 43 2.32 -5.83 13.31
CA ARG A 43 1.56 -5.77 12.06
C ARG A 43 0.77 -4.46 11.97
N MET A 44 0.03 -4.15 13.03
CA MET A 44 -0.86 -2.99 13.01
C MET A 44 -0.11 -1.66 12.99
N TYR A 45 1.16 -1.65 13.43
CA TYR A 45 1.96 -0.44 13.32
C TYR A 45 2.19 -0.01 11.86
N ASN A 46 2.12 -0.96 10.90
CA ASN A 46 2.21 -0.63 9.50
C ASN A 46 0.97 0.08 8.95
N TYR A 47 -0.14 0.07 9.68
CA TYR A 47 -1.28 0.92 9.35
C TYR A 47 -0.94 2.39 9.58
N GLY A 48 0.12 2.67 10.35
CA GLY A 48 0.64 4.01 10.56
C GLY A 48 -0.03 4.78 11.69
N PRO A 49 -0.24 4.21 12.90
CA PRO A 49 -0.77 4.99 14.02
C PRO A 49 0.34 5.89 14.52
N LYS A 50 -0.02 7.05 15.04
CA LYS A 50 0.94 7.97 15.63
C LYS A 50 1.49 7.38 16.91
N PHE A 51 0.68 6.60 17.62
CA PHE A 51 1.10 5.94 18.83
C PHE A 51 0.11 4.84 19.24
N ILE A 52 0.48 4.07 20.26
CA ILE A 52 -0.37 3.04 20.81
C ILE A 52 -0.51 3.25 22.31
N ASP A 53 -1.63 2.83 22.89
CA ASP A 53 -1.93 2.97 24.31
C ASP A 53 -1.86 1.57 24.86
N ILE A 54 -1.42 1.44 26.11
CA ILE A 54 -1.52 0.17 26.82
C ILE A 54 -2.26 0.45 28.10
N THR A 55 -3.30 -0.37 28.37
CA THR A 55 -4.20 -0.13 29.49
C THR A 55 -3.54 -0.63 30.77
N TRP A 56 -4.03 -0.10 31.89
CA TRP A 56 -3.53 -0.44 33.23
C TRP A 56 -4.56 -1.31 33.92
N GLY A 57 -4.14 -2.48 34.37
CA GLY A 57 -5.02 -3.38 35.08
C GLY A 57 -5.38 -2.81 36.45
N ALA A 58 -6.70 -2.58 36.64
CA ALA A 58 -7.29 -2.19 37.91
C ALA A 58 -6.75 -3.04 39.07
N GLY A 59 -6.13 -2.36 40.06
CA GLY A 59 -5.45 -2.98 41.19
C GLY A 59 -3.95 -3.15 40.89
N GLY A 60 -3.61 -4.25 40.24
CA GLY A 60 -2.23 -4.64 40.03
C GLY A 60 -2.16 -6.06 39.50
N ARG A 61 -1.27 -6.91 40.04
CA ARG A 61 -0.96 -8.23 39.50
C ARG A 61 -0.35 -8.12 38.09
N VAL A 62 -1.13 -7.55 37.15
CA VAL A 62 -0.74 -7.27 35.79
C VAL A 62 -0.02 -5.94 35.63
N ALA A 63 0.27 -5.22 36.74
CA ALA A 63 1.17 -4.08 36.67
C ALA A 63 2.52 -4.42 36.01
N GLU A 64 3.09 -5.54 36.46
CA GLU A 64 4.36 -6.01 35.94
C GLU A 64 4.27 -6.26 34.43
N LEU A 65 3.11 -6.80 34.01
CA LEU A 65 2.88 -7.10 32.61
C LEU A 65 2.73 -5.83 31.77
N THR A 66 1.96 -4.85 32.29
CA THR A 66 1.81 -3.58 31.58
C THR A 66 3.18 -2.95 31.35
N CYS A 67 3.97 -2.90 32.41
CA CYS A 67 5.31 -2.32 32.34
C CYS A 67 6.22 -3.11 31.38
N GLU A 68 6.14 -4.44 31.47
CA GLU A 68 6.88 -5.30 30.55
C GLU A 68 6.56 -4.95 29.09
N MET A 69 5.26 -4.76 28.82
CA MET A 69 4.78 -4.52 27.47
C MET A 69 5.14 -3.13 26.97
N VAL A 70 5.09 -2.13 27.86
CA VAL A 70 5.49 -0.79 27.50
C VAL A 70 6.97 -0.80 27.13
N VAL A 71 7.79 -1.49 27.94
CA VAL A 71 9.21 -1.66 27.64
C VAL A 71 9.40 -2.35 26.30
N GLN A 72 8.71 -3.49 26.10
CA GLN A 72 8.83 -4.22 24.85
C GLN A 72 8.45 -3.36 23.65
N ALA A 73 7.33 -2.63 23.77
CA ALA A 73 6.81 -1.82 22.67
C ALA A 73 7.71 -0.61 22.40
N GLN A 74 7.99 0.17 23.44
CA GLN A 74 8.72 1.43 23.32
C GLN A 74 10.18 1.17 23.02
N ALA A 75 10.81 0.35 23.87
CA ALA A 75 12.26 0.18 23.86
C ALA A 75 12.74 -0.78 22.77
N TYR A 76 12.03 -1.87 22.47
CA TYR A 76 12.54 -2.94 21.59
C TYR A 76 11.86 -2.91 20.23
N LEU A 77 10.53 -2.80 20.18
CA LEU A 77 9.81 -2.75 18.91
C LEU A 77 9.77 -1.35 18.32
N GLY A 78 10.21 -0.32 19.06
CA GLY A 78 10.20 1.07 18.58
C GLY A 78 8.81 1.60 18.23
N LEU A 79 7.82 1.33 19.09
CA LEU A 79 6.46 1.80 18.94
C LEU A 79 6.27 2.92 19.96
N GLU A 80 5.79 4.09 19.52
CA GLU A 80 5.55 5.18 20.44
C GLU A 80 4.37 4.83 21.35
N THR A 81 4.59 4.73 22.67
CA THR A 81 3.56 4.25 23.59
C THR A 81 3.09 5.32 24.56
N CYS A 82 1.80 5.26 24.87
CA CYS A 82 1.19 5.96 25.97
C CYS A 82 0.74 4.92 26.97
N MET A 83 1.27 5.01 28.20
CA MET A 83 0.94 4.04 29.23
C MET A 83 -0.20 4.64 30.06
N HIS A 84 -1.26 3.86 30.28
CA HIS A 84 -2.32 4.26 31.19
C HIS A 84 -1.81 3.96 32.58
N LEU A 85 -2.32 4.72 33.55
CA LEU A 85 -1.94 4.50 34.93
C LEU A 85 -3.03 5.04 35.84
N THR A 86 -3.45 4.19 36.81
CA THR A 86 -4.44 4.54 37.81
C THR A 86 -3.71 4.89 39.10
N CYS A 87 -4.45 5.38 40.12
CA CYS A 87 -3.86 5.77 41.39
C CYS A 87 -4.59 5.28 42.62
N THR A 88 -5.93 5.45 42.73
CA THR A 88 -6.66 5.07 43.95
C THR A 88 -6.60 3.57 44.24
N ASP A 89 -6.54 2.74 43.22
CA ASP A 89 -6.47 1.28 43.38
C ASP A 89 -5.10 0.82 43.86
N MET A 90 -4.10 1.71 43.97
CA MET A 90 -2.74 1.35 44.27
C MET A 90 -2.25 2.14 45.46
N GLY A 91 -0.93 2.33 45.60
CA GLY A 91 -0.33 3.27 46.52
C GLY A 91 0.77 4.06 45.86
N VAL A 92 1.41 4.94 46.64
CA VAL A 92 2.40 5.85 46.10
C VAL A 92 3.63 5.10 45.60
N GLU A 93 4.03 4.06 46.32
CA GLU A 93 5.17 3.23 45.94
C GLU A 93 4.94 2.55 44.58
N ARG A 94 3.76 1.97 44.38
CA ARG A 94 3.42 1.32 43.12
C ARG A 94 3.32 2.32 41.96
N ILE A 95 2.79 3.52 42.23
CA ILE A 95 2.70 4.57 41.23
C ILE A 95 4.11 4.99 40.81
N ASN A 96 4.95 5.30 41.80
CA ASN A 96 6.32 5.69 41.55
C ASN A 96 7.11 4.63 40.81
N ASP A 97 6.84 3.37 41.14
CA ASP A 97 7.48 2.24 40.49
C ASP A 97 7.13 2.18 38.99
N ALA A 98 5.83 2.35 38.71
CA ALA A 98 5.35 2.36 37.33
C ALA A 98 5.95 3.52 36.56
N LEU A 99 6.02 4.69 37.18
CA LEU A 99 6.55 5.87 36.51
C LEU A 99 8.02 5.70 36.21
N ARG A 100 8.78 5.16 37.17
CA ARG A 100 10.20 4.88 36.97
C ARG A 100 10.40 3.90 35.81
N LYS A 101 9.57 2.83 35.76
CA LYS A 101 9.65 1.88 34.67
C LYS A 101 9.34 2.53 33.31
N ALA A 102 8.28 3.34 33.25
CA ALA A 102 7.89 4.02 32.02
C ALA A 102 8.98 4.99 31.57
N TYR A 103 9.59 5.65 32.55
CA TYR A 103 10.72 6.54 32.32
C TYR A 103 11.89 5.80 31.66
N LYS A 104 12.33 4.72 32.28
CA LYS A 104 13.44 3.94 31.75
C LYS A 104 13.11 3.32 30.39
N ALA A 105 11.82 3.02 30.15
CA ALA A 105 11.38 2.44 28.89
C ALA A 105 11.45 3.41 27.71
N GLY A 106 11.53 4.72 27.98
CA GLY A 106 11.49 5.74 26.94
C GLY A 106 10.07 6.22 26.66
N CYS A 107 9.09 5.85 27.51
CA CYS A 107 7.73 6.34 27.39
C CYS A 107 7.70 7.81 27.80
N THR A 108 7.03 8.66 27.03
CA THR A 108 6.89 10.08 27.32
C THR A 108 5.44 10.52 27.31
N ASN A 109 4.50 9.59 27.50
CA ASN A 109 3.09 9.89 27.47
C ASN A 109 2.38 8.96 28.45
N ILE A 110 1.65 9.57 29.40
CA ILE A 110 0.90 8.86 30.41
C ILE A 110 -0.55 9.29 30.26
N LEU A 111 -1.48 8.34 30.34
CA LEU A 111 -2.88 8.66 30.55
C LEU A 111 -3.13 8.50 32.05
N ALA A 112 -3.40 9.62 32.72
CA ALA A 112 -3.50 9.67 34.18
C ALA A 112 -4.96 9.47 34.60
N LEU A 113 -5.21 8.39 35.35
CA LEU A 113 -6.55 7.93 35.67
C LEU A 113 -6.66 7.66 37.16
N ARG A 114 -7.90 7.69 37.65
CA ARG A 114 -8.20 7.39 39.04
CA ARG A 114 -8.19 7.39 39.04
C ARG A 114 -8.17 5.88 39.25
N GLY A 115 -8.81 5.16 38.33
CA GLY A 115 -9.22 3.80 38.60
C GLY A 115 -10.41 3.80 39.56
N ASP A 116 -10.79 2.63 40.06
CA ASP A 116 -11.95 2.49 40.93
C ASP A 116 -11.50 2.44 42.37
N PRO A 117 -12.14 3.19 43.30
CA PRO A 117 -11.84 3.09 44.72
C PRO A 117 -12.08 1.69 45.27
N PRO A 118 -11.31 1.22 46.28
CA PRO A 118 -11.58 -0.06 46.90
C PRO A 118 -12.96 -0.07 47.56
N ARG A 119 -13.61 -1.22 47.56
CA ARG A 119 -14.89 -1.39 48.25
C ARG A 119 -14.72 -1.34 49.75
N ASP A 120 -13.61 -1.92 50.25
CA ASP A 120 -13.27 -1.95 51.65
C ASP A 120 -12.52 -0.67 51.97
N LYS A 121 -13.25 0.38 52.37
CA LYS A 121 -12.71 1.72 52.58
C LYS A 121 -11.79 1.82 53.80
N GLU A 122 -11.85 0.83 54.69
CA GLU A 122 -10.90 0.66 55.77
C GLU A 122 -9.49 0.49 55.21
N LYS A 123 -9.37 -0.22 54.08
CA LYS A 123 -8.10 -0.50 53.43
C LYS A 123 -7.99 0.36 52.18
N TRP A 124 -8.03 1.71 52.38
CA TRP A 124 -7.88 2.66 51.29
C TRP A 124 -6.66 3.55 51.54
N GLU A 125 -5.48 2.96 51.33
CA GLU A 125 -4.18 3.62 51.52
C GLU A 125 -4.02 4.82 50.58
N ALA A 126 -4.37 4.66 49.30
CA ALA A 126 -4.14 5.69 48.29
C ALA A 126 -4.72 7.05 48.69
N ALA A 127 -5.88 7.06 49.37
CA ALA A 127 -6.56 8.28 49.76
C ALA A 127 -5.81 8.97 50.90
N LYS A 128 -5.30 8.16 51.86
CA LYS A 128 -4.40 8.67 52.88
C LYS A 128 -3.09 9.18 52.27
N ASP A 129 -2.63 8.50 51.20
CA ASP A 129 -1.47 8.91 50.43
C ASP A 129 -1.72 10.14 49.57
N GLY A 130 -2.94 10.65 49.48
CA GLY A 130 -3.25 11.84 48.69
C GLY A 130 -3.49 11.53 47.22
N PHE A 131 -4.09 10.35 46.91
CA PHE A 131 -4.46 9.94 45.58
C PHE A 131 -5.94 9.55 45.56
N ARG A 132 -6.82 10.52 45.76
CA ARG A 132 -8.26 10.30 45.79
C ARG A 132 -8.87 10.40 44.40
N TYR A 133 -8.29 11.28 43.55
CA TYR A 133 -8.78 11.57 42.23
C TYR A 133 -7.63 11.60 41.23
N ALA A 134 -7.94 11.43 39.95
CA ALA A 134 -6.97 11.53 38.86
C ALA A 134 -6.15 12.82 38.85
N LYS A 135 -6.76 13.93 39.29
CA LYS A 135 -6.04 15.19 39.37
C LYS A 135 -4.77 15.05 40.22
N ASP A 136 -4.84 14.24 41.26
CA ASP A 136 -3.73 14.01 42.15
C ASP A 136 -2.59 13.30 41.46
N LEU A 137 -2.90 12.35 40.58
CA LEU A 137 -1.87 11.70 39.78
C LEU A 137 -1.26 12.64 38.74
N VAL A 138 -2.07 13.49 38.14
CA VAL A 138 -1.58 14.47 37.18
C VAL A 138 -0.57 15.39 37.88
N ALA A 139 -0.98 15.92 39.05
CA ALA A 139 -0.13 16.78 39.83
C ALA A 139 1.17 16.07 40.21
N HIS A 140 1.06 14.79 40.57
CA HIS A 140 2.19 14.03 41.07
C HIS A 140 3.24 13.86 39.98
N ILE A 141 2.78 13.45 38.80
CA ILE A 141 3.67 13.22 37.67
C ILE A 141 4.38 14.53 37.34
N ARG A 142 3.63 15.64 37.28
CA ARG A 142 4.23 16.93 36.99
C ARG A 142 5.25 17.37 38.02
N LYS A 143 5.00 17.10 39.30
CA LYS A 143 5.92 17.54 40.34
C LYS A 143 7.21 16.70 40.33
N GLU A 144 7.10 15.39 40.12
CA GLU A 144 8.25 14.52 40.22
C GLU A 144 9.03 14.42 38.92
N TYR A 145 8.35 14.55 37.76
CA TYR A 145 8.99 14.40 36.46
C TYR A 145 8.93 15.64 35.59
N GLY A 146 8.38 16.75 36.13
CA GLY A 146 8.28 17.99 35.37
C GLY A 146 7.53 17.83 34.06
N ASP A 147 8.20 18.17 32.96
CA ASP A 147 7.60 18.12 31.64
C ASP A 147 7.94 16.83 30.91
N HIS A 148 8.70 15.92 31.52
CA HIS A 148 9.10 14.70 30.83
C HIS A 148 7.94 13.98 30.14
N PHE A 149 6.87 13.74 30.89
CA PHE A 149 5.68 13.07 30.40
C PHE A 149 4.62 14.09 29.99
N ASP A 150 4.06 13.93 28.80
CA ASP A 150 2.79 14.49 28.44
C ASP A 150 1.70 13.65 29.09
N ILE A 151 0.65 14.30 29.59
CA ILE A 151 -0.36 13.65 30.40
C ILE A 151 -1.73 13.82 29.74
N GLY A 152 -2.44 12.72 29.50
CA GLY A 152 -3.83 12.71 29.10
C GLY A 152 -4.75 12.49 30.31
N VAL A 153 -6.01 12.89 30.20
CA VAL A 153 -7.02 12.56 31.21
C VAL A 153 -8.30 12.09 30.52
N ALA A 154 -9.13 11.40 31.29
CA ALA A 154 -10.35 10.80 30.80
C ALA A 154 -11.46 11.85 30.75
N GLY A 155 -12.18 11.89 29.63
CA GLY A 155 -13.40 12.69 29.49
C GLY A 155 -14.61 11.82 29.23
N TYR A 156 -15.81 12.29 29.61
CA TYR A 156 -17.03 11.48 29.57
C TYR A 156 -18.18 12.24 28.91
N PRO A 157 -18.37 12.10 27.57
CA PRO A 157 -19.47 12.75 26.87
C PRO A 157 -20.87 12.41 27.36
N GLU A 158 -21.06 11.19 27.87
CA GLU A 158 -22.36 10.69 28.31
C GLU A 158 -22.39 10.47 29.82
N GLY A 159 -21.59 11.24 30.59
CA GLY A 159 -21.58 11.15 32.04
C GLY A 159 -20.71 10.01 32.56
N CYS A 160 -20.81 9.76 33.87
CA CYS A 160 -19.89 8.88 34.60
C CYS A 160 -20.65 8.10 35.68
N ASP A 161 -19.98 7.07 36.21
CA ASP A 161 -20.60 6.13 37.14
C ASP A 161 -21.01 6.80 38.46
N ASP A 162 -20.06 7.56 39.05
CA ASP A 162 -20.28 8.32 40.28
C ASP A 162 -21.30 9.43 40.02
N ASN A 163 -21.92 9.95 41.08
CA ASN A 163 -23.18 10.70 41.03
C ASN A 163 -22.98 12.18 40.67
N LYS A 164 -22.71 12.44 39.38
CA LYS A 164 -22.28 13.75 38.88
C LYS A 164 -23.29 14.25 37.84
N ASP A 165 -23.80 15.48 38.03
CA ASP A 165 -24.41 16.28 36.97
C ASP A 165 -23.30 16.81 36.08
N GLU A 166 -23.65 17.13 34.82
CA GLU A 166 -22.71 17.51 33.77
C GLU A 166 -21.83 18.73 34.09
N ASP A 167 -22.44 19.73 34.73
CA ASP A 167 -21.71 20.92 35.16
C ASP A 167 -20.57 20.62 36.14
N LEU A 168 -20.87 19.81 37.14
CA LEU A 168 -19.89 19.44 38.15
C LEU A 168 -18.77 18.61 37.52
N LEU A 169 -19.18 17.71 36.61
CA LEU A 169 -18.25 16.88 35.86
C LEU A 169 -17.24 17.70 35.06
N LEU A 170 -17.71 18.79 34.45
CA LEU A 170 -16.86 19.65 33.64
C LEU A 170 -15.96 20.52 34.51
N ASP A 171 -16.47 20.95 35.67
CA ASP A 171 -15.62 21.60 36.66
C ASP A 171 -14.46 20.70 37.07
N HIS A 172 -14.77 19.44 37.36
CA HIS A 172 -13.78 18.45 37.76
C HIS A 172 -12.79 18.15 36.64
N LEU A 173 -13.29 18.13 35.40
CA LEU A 173 -12.45 17.93 34.24
C LEU A 173 -11.47 19.09 34.08
N LYS A 174 -11.97 20.31 34.32
CA LYS A 174 -11.12 21.49 34.24
C LYS A 174 -10.06 21.46 35.32
N GLU A 175 -10.39 21.03 36.55
CA GLU A 175 -9.40 20.88 37.61
C GLU A 175 -8.25 19.98 37.15
N LYS A 176 -8.60 18.79 36.62
CA LYS A 176 -7.60 17.84 36.17
C LYS A 176 -6.72 18.45 35.08
N VAL A 177 -7.35 19.07 34.08
CA VAL A 177 -6.59 19.61 32.96
C VAL A 177 -5.63 20.69 33.47
N ASP A 178 -6.13 21.55 34.37
CA ASP A 178 -5.36 22.64 34.94
C ASP A 178 -4.22 22.18 35.83
N MET A 179 -4.23 20.93 36.31
CA MET A 179 -3.11 20.39 37.06
C MET A 179 -1.92 20.09 36.15
N GLY A 180 -2.15 19.99 34.85
CA GLY A 180 -1.08 19.85 33.89
C GLY A 180 -1.28 18.74 32.88
N ALA A 181 -2.53 18.50 32.46
CA ALA A 181 -2.84 17.54 31.42
C ALA A 181 -2.90 18.28 30.09
N GLY A 182 -2.29 17.70 29.06
CA GLY A 182 -2.19 18.29 27.73
C GLY A 182 -3.30 17.86 26.78
N PHE A 183 -4.06 16.81 27.11
CA PHE A 183 -5.12 16.35 26.26
C PHE A 183 -6.13 15.50 27.04
N ILE A 184 -7.30 15.32 26.41
CA ILE A 184 -8.42 14.55 26.93
C ILE A 184 -8.66 13.37 25.99
N VAL A 185 -8.91 12.19 26.56
CA VAL A 185 -9.33 11.02 25.81
C VAL A 185 -10.71 10.66 26.32
N THR A 186 -11.67 10.51 25.40
CA THR A 186 -13.04 10.27 25.82
C THR A 186 -13.23 8.76 25.99
N GLN A 187 -14.17 8.40 26.85
CA GLN A 187 -14.77 7.10 26.87
C GLN A 187 -15.46 6.88 25.54
N MET A 188 -15.65 5.61 25.17
CA MET A 188 -16.33 5.24 23.94
C MET A 188 -17.72 5.85 23.91
N PHE A 189 -18.22 6.11 22.70
CA PHE A 189 -19.56 6.62 22.51
C PHE A 189 -20.01 6.20 21.12
N TYR A 190 -21.32 6.17 20.91
CA TYR A 190 -21.91 5.95 19.58
C TYR A 190 -22.90 7.03 19.21
N ASP A 191 -23.19 7.98 20.12
CA ASP A 191 -24.03 9.13 19.83
C ASP A 191 -23.16 10.34 19.51
N VAL A 192 -22.88 10.55 18.22
CA VAL A 192 -22.00 11.63 17.78
C VAL A 192 -22.59 13.02 18.03
N ASP A 193 -23.91 13.18 17.95
CA ASP A 193 -24.53 14.49 18.21
C ASP A 193 -24.29 14.91 19.64
N ASN A 194 -24.53 13.98 20.57
CA ASN A 194 -24.26 14.23 21.98
C ASN A 194 -22.77 14.56 22.19
N PHE A 195 -21.89 13.81 21.53
CA PHE A 195 -20.46 14.06 21.63
C PHE A 195 -20.07 15.48 21.19
N LEU A 196 -20.59 15.92 20.05
CA LEU A 196 -20.25 17.23 19.51
C LEU A 196 -20.81 18.37 20.35
N ARG A 197 -21.98 18.12 20.97
CA ARG A 197 -22.57 19.05 21.93
C ARG A 197 -21.69 19.15 23.17
N TRP A 198 -21.23 17.99 23.65
CA TRP A 198 -20.30 17.92 24.78
C TRP A 198 -19.02 18.70 24.51
N VAL A 199 -18.44 18.53 23.31
CA VAL A 199 -17.24 19.27 22.94
C VAL A 199 -17.48 20.77 23.07
N LYS A 200 -18.61 21.23 22.54
CA LYS A 200 -18.99 22.64 22.67
C LYS A 200 -19.03 23.07 24.14
N LYS A 201 -19.62 22.23 25.00
CA LYS A 201 -19.73 22.51 26.42
C LYS A 201 -18.35 22.58 27.07
N VAL A 202 -17.46 21.68 26.67
CA VAL A 202 -16.11 21.61 27.19
C VAL A 202 -15.36 22.90 26.87
N ARG A 203 -15.43 23.34 25.60
CA ARG A 203 -14.77 24.58 25.20
C ARG A 203 -15.37 25.80 25.89
N GLU A 204 -16.70 25.85 26.01
CA GLU A 204 -17.38 26.94 26.71
C GLU A 204 -17.02 27.04 28.18
N ARG A 205 -16.65 25.90 28.79
CA ARG A 205 -16.18 25.89 30.17
C ARG A 205 -14.74 26.42 30.31
N GLY A 206 -14.06 26.65 29.16
CA GLY A 206 -12.72 27.20 29.12
C GLY A 206 -11.66 26.11 29.13
N ILE A 207 -11.97 24.94 28.54
CA ILE A 207 -11.05 23.82 28.44
C ILE A 207 -10.64 23.75 26.96
N SER A 208 -9.37 24.05 26.67
CA SER A 208 -8.88 24.28 25.31
C SER A 208 -7.96 23.17 24.81
N VAL A 209 -7.53 22.24 25.66
CA VAL A 209 -6.62 21.19 25.25
C VAL A 209 -7.28 20.32 24.18
N PRO A 210 -6.52 19.65 23.29
CA PRO A 210 -7.11 18.75 22.31
C PRO A 210 -7.95 17.61 22.90
N ILE A 211 -9.10 17.34 22.27
CA ILE A 211 -10.01 16.27 22.64
C ILE A 211 -9.80 15.11 21.67
N VAL A 212 -9.62 13.91 22.22
CA VAL A 212 -9.40 12.72 21.44
C VAL A 212 -10.60 11.80 21.66
N PRO A 213 -11.42 11.53 20.62
CA PRO A 213 -12.56 10.63 20.73
C PRO A 213 -12.09 9.18 20.81
N GLY A 214 -12.63 8.45 21.80
CA GLY A 214 -12.52 7.01 21.90
C GLY A 214 -13.52 6.33 20.97
N ILE A 215 -13.01 5.66 19.94
CA ILE A 215 -13.81 4.96 18.94
C ILE A 215 -13.64 3.47 19.19
N MET A 216 -14.76 2.75 19.33
CA MET A 216 -14.69 1.32 19.42
C MET A 216 -15.35 0.72 18.18
N PRO A 217 -14.55 0.16 17.24
CA PRO A 217 -15.08 -0.63 16.14
C PRO A 217 -15.87 -1.81 16.65
N ILE A 218 -16.85 -2.25 15.88
CA ILE A 218 -17.69 -3.38 16.20
C ILE A 218 -17.00 -4.63 15.65
N ALA A 219 -16.42 -5.44 16.54
CA ALA A 219 -15.87 -6.75 16.20
C ALA A 219 -16.96 -7.81 16.22
N THR A 220 -17.79 -7.82 17.28
CA THR A 220 -18.84 -8.80 17.49
C THR A 220 -20.07 -8.13 18.09
N TYR A 221 -21.25 -8.64 17.80
CA TYR A 221 -22.48 -8.05 18.33
C TYR A 221 -22.50 -8.12 19.85
N ALA A 222 -22.05 -9.24 20.42
CA ALA A 222 -22.11 -9.43 21.87
C ALA A 222 -21.20 -8.44 22.58
N SER A 223 -19.95 -8.32 22.14
CA SER A 223 -19.00 -7.41 22.80
C SER A 223 -19.44 -5.96 22.62
N PHE A 224 -20.03 -5.66 21.46
CA PHE A 224 -20.60 -4.35 21.14
C PHE A 224 -21.64 -3.94 22.18
N LEU A 225 -22.68 -4.78 22.34
CA LEU A 225 -23.73 -4.53 23.32
C LEU A 225 -23.24 -4.51 24.75
N ARG A 226 -22.45 -5.52 25.10
CA ARG A 226 -22.03 -5.69 26.48
C ARG A 226 -21.17 -4.52 26.92
N ARG A 227 -20.25 -4.10 26.05
CA ARG A 227 -19.38 -2.98 26.36
C ARG A 227 -20.16 -1.66 26.39
N ALA A 228 -21.11 -1.49 25.49
CA ALA A 228 -21.97 -0.29 25.49
C ALA A 228 -22.81 -0.20 26.78
N ASN A 229 -23.56 -1.26 27.09
CA ASN A 229 -24.39 -1.32 28.30
C ASN A 229 -23.60 -1.15 29.59
N HIS A 230 -22.38 -1.71 29.61
CA HIS A 230 -21.53 -1.61 30.77
C HIS A 230 -21.01 -0.20 30.97
N MET A 231 -20.61 0.45 29.86
CA MET A 231 -20.14 1.84 29.89
C MET A 231 -21.33 2.81 29.89
N LYS A 232 -22.58 2.31 29.95
CA LYS A 232 -23.79 3.11 29.92
C LYS A 232 -23.74 4.11 28.76
N CYS A 233 -23.99 3.63 27.55
CA CYS A 233 -23.54 4.26 26.32
C CYS A 233 -24.63 4.09 25.28
N LYS A 234 -25.42 5.15 25.04
CA LYS A 234 -26.54 5.10 24.11
C LYS A 234 -26.05 4.62 22.73
N ILE A 235 -26.68 3.54 22.24
CA ILE A 235 -26.58 3.12 20.86
C ILE A 235 -27.79 3.70 20.11
N PRO A 236 -27.60 4.45 19.01
CA PRO A 236 -28.73 4.89 18.19
C PRO A 236 -29.68 3.77 17.76
N GLU A 237 -30.98 4.07 17.72
CA GLU A 237 -32.00 3.12 17.28
C GLU A 237 -31.76 2.74 15.81
N GLU A 238 -31.31 3.71 14.99
CA GLU A 238 -30.89 3.44 13.62
C GLU A 238 -29.90 2.29 13.51
N TRP A 239 -28.92 2.24 14.41
CA TRP A 239 -27.88 1.22 14.41
C TRP A 239 -28.46 -0.14 14.82
N MET A 240 -29.15 -0.17 15.96
CA MET A 240 -29.76 -1.39 16.49
C MET A 240 -30.70 -2.00 15.44
N ALA A 241 -31.50 -1.14 14.79
CA ALA A 241 -32.39 -1.55 13.71
C ALA A 241 -31.64 -2.20 12.56
N LYS A 242 -30.53 -1.59 12.15
CA LYS A 242 -29.74 -2.08 11.01
C LYS A 242 -29.02 -3.40 11.33
N LEU A 243 -28.66 -3.62 12.61
CA LEU A 243 -27.94 -4.81 13.05
C LEU A 243 -28.86 -5.98 13.37
N GLU A 244 -30.10 -5.70 13.79
CA GLU A 244 -31.06 -6.73 14.24
C GLU A 244 -31.25 -7.88 13.25
N PRO A 245 -31.47 -7.61 11.94
CA PRO A 245 -31.57 -8.67 10.93
C PRO A 245 -30.45 -9.71 10.92
N VAL A 246 -29.24 -9.33 11.38
CA VAL A 246 -28.07 -10.17 11.24
C VAL A 246 -27.26 -10.24 12.53
N LYS A 247 -27.87 -10.04 13.70
CA LYS A 247 -27.13 -9.97 14.95
C LYS A 247 -26.31 -11.23 15.28
N ASN A 248 -26.76 -12.40 14.85
CA ASN A 248 -26.11 -13.65 15.21
C ASN A 248 -25.01 -14.02 14.22
N ASP A 249 -24.86 -13.29 13.10
CA ASP A 249 -23.73 -13.45 12.21
C ASP A 249 -22.77 -12.28 12.38
N ASP A 250 -21.65 -12.51 13.04
CA ASP A 250 -20.68 -11.47 13.34
C ASP A 250 -19.90 -10.98 12.14
N VAL A 251 -19.80 -11.77 11.06
CA VAL A 251 -19.20 -11.28 9.82
C VAL A 251 -20.07 -10.15 9.27
N ALA A 252 -21.38 -10.38 9.26
CA ALA A 252 -22.35 -9.43 8.75
C ALA A 252 -22.46 -8.20 9.66
N VAL A 253 -22.42 -8.46 10.99
CA VAL A 253 -22.45 -7.41 11.98
C VAL A 253 -21.26 -6.49 11.77
N ARG A 254 -20.07 -7.08 11.60
CA ARG A 254 -18.85 -6.31 11.43
C ARG A 254 -18.87 -5.49 10.14
N GLU A 255 -19.41 -6.05 9.06
CA GLU A 255 -19.57 -5.33 7.80
C GLU A 255 -20.45 -4.09 7.95
N ILE A 256 -21.59 -4.24 8.62
CA ILE A 256 -22.50 -3.11 8.82
C ILE A 256 -21.86 -2.09 9.76
N GLY A 257 -21.23 -2.60 10.83
CA GLY A 257 -20.61 -1.76 11.85
C GLY A 257 -19.45 -0.92 11.32
N LYS A 258 -18.70 -1.48 10.35
CA LYS A 258 -17.69 -0.75 9.60
C LYS A 258 -18.27 0.58 9.12
N THR A 259 -19.42 0.51 8.45
CA THR A 259 -20.04 1.68 7.85
C THR A 259 -20.58 2.62 8.93
N LEU A 260 -21.25 2.06 9.93
CA LEU A 260 -21.82 2.85 11.01
C LEU A 260 -20.75 3.70 11.69
N VAL A 261 -19.65 3.03 12.10
CA VAL A 261 -18.57 3.68 12.82
C VAL A 261 -17.80 4.64 11.94
N ALA A 262 -17.53 4.24 10.69
CA ALA A 262 -16.81 5.12 9.76
C ALA A 262 -17.60 6.40 9.49
N ASP A 263 -18.93 6.27 9.33
CA ASP A 263 -19.80 7.43 9.16
C ASP A 263 -19.73 8.36 10.37
N MET A 264 -19.68 7.75 11.56
CA MET A 264 -19.56 8.53 12.79
C MET A 264 -18.24 9.28 12.83
N CYS A 265 -17.17 8.57 12.47
CA CYS A 265 -15.84 9.16 12.39
C CYS A 265 -15.79 10.35 11.43
N ARG A 266 -16.46 10.23 10.26
CA ARG A 266 -16.52 11.32 9.29
C ARG A 266 -17.21 12.54 9.86
N LYS A 267 -18.26 12.32 10.65
CA LYS A 267 -18.96 13.43 11.31
C LYS A 267 -18.05 14.14 12.32
N ILE A 268 -17.19 13.37 12.98
CA ILE A 268 -16.23 13.91 13.93
C ILE A 268 -15.14 14.71 13.19
N LEU A 269 -14.59 14.13 12.12
CA LEU A 269 -13.55 14.78 11.32
C LEU A 269 -14.02 16.08 10.68
N ASP A 270 -15.24 16.07 10.13
CA ASP A 270 -15.88 17.25 9.59
C ASP A 270 -16.16 18.32 10.64
N ALA A 271 -16.28 17.92 11.91
CA ALA A 271 -16.43 18.85 13.02
C ALA A 271 -15.10 19.45 13.45
N GLY A 272 -13.98 18.99 12.85
CA GLY A 272 -12.66 19.54 13.12
C GLY A 272 -11.89 18.81 14.22
N ILE A 273 -12.38 17.64 14.64
CA ILE A 273 -11.68 16.78 15.57
C ILE A 273 -10.96 15.73 14.75
N ARG A 274 -9.63 15.78 14.70
CA ARG A 274 -8.83 15.16 13.66
C ARG A 274 -8.05 13.94 14.06
N HIS A 275 -7.97 13.59 15.35
CA HIS A 275 -7.23 12.42 15.79
C HIS A 275 -8.22 11.41 16.31
N LEU A 276 -8.18 10.18 15.80
CA LEU A 276 -9.10 9.14 16.22
C LEU A 276 -8.36 8.09 17.05
N HIS A 277 -8.91 7.75 18.22
CA HIS A 277 -8.32 6.78 19.13
C HIS A 277 -9.16 5.52 19.12
N PHE A 278 -8.63 4.44 18.52
CA PHE A 278 -9.37 3.19 18.36
C PHE A 278 -9.10 2.20 19.50
N TYR A 279 -10.18 1.79 20.18
CA TYR A 279 -10.14 0.66 21.09
C TYR A 279 -10.17 -0.63 20.26
N THR A 280 -9.02 -1.29 20.11
CA THR A 280 -8.89 -2.45 19.23
C THR A 280 -9.44 -3.70 19.87
N MET A 281 -9.50 -3.74 21.21
CA MET A 281 -9.76 -4.96 21.95
C MET A 281 -8.77 -6.07 21.57
N ASN A 282 -7.52 -5.67 21.26
CA ASN A 282 -6.48 -6.57 20.81
C ASN A 282 -6.83 -7.36 19.55
N LEU A 283 -7.72 -6.80 18.70
CA LEU A 283 -8.03 -7.36 17.38
C LEU A 283 -7.68 -6.33 16.32
N ALA A 284 -7.35 -6.78 15.11
CA ALA A 284 -6.90 -5.90 14.03
C ALA A 284 -8.00 -5.53 13.05
N GLN A 285 -8.96 -6.41 12.81
CA GLN A 285 -9.73 -6.45 11.57
C GLN A 285 -10.72 -5.28 11.55
N ALA A 286 -11.52 -5.12 12.62
CA ALA A 286 -12.54 -4.08 12.65
C ALA A 286 -11.96 -2.68 12.52
N THR A 287 -10.81 -2.46 13.19
CA THR A 287 -10.09 -1.19 13.09
C THR A 287 -9.59 -0.98 11.65
N ARG A 288 -8.93 -2.00 11.08
CA ARG A 288 -8.47 -1.95 9.69
C ARG A 288 -9.62 -1.57 8.75
N MET A 289 -10.79 -2.17 8.98
CA MET A 289 -11.93 -2.03 8.09
C MET A 289 -12.44 -0.58 8.13
N VAL A 290 -12.53 -0.01 9.33
CA VAL A 290 -12.93 1.38 9.49
C VAL A 290 -11.92 2.31 8.81
N LEU A 291 -10.63 2.01 8.96
CA LEU A 291 -9.58 2.83 8.33
C LEU A 291 -9.64 2.76 6.80
N GLU A 292 -9.93 1.58 6.24
CA GLU A 292 -10.15 1.44 4.80
C GLU A 292 -11.31 2.34 4.38
N GLU A 293 -12.39 2.31 5.15
CA GLU A 293 -13.57 3.10 4.84
C GLU A 293 -13.28 4.61 4.86
N LEU A 294 -12.37 5.03 5.74
CA LEU A 294 -11.95 6.43 5.80
C LEU A 294 -10.86 6.77 4.80
N ASN A 295 -10.36 5.80 4.01
CA ASN A 295 -9.18 5.97 3.17
C ASN A 295 -7.99 6.48 3.98
N TRP A 296 -7.73 5.86 5.12
CA TRP A 296 -6.64 6.24 6.02
C TRP A 296 -5.51 5.24 6.11
N LEU A 297 -5.56 4.15 5.33
CA LEU A 297 -4.45 3.22 5.24
C LEU A 297 -3.41 3.70 4.23
N PRO A 298 -2.09 3.48 4.49
CA PRO A 298 -1.04 4.08 3.65
C PRO A 298 -0.77 3.43 2.29
N GLN A 340 -3.77 -14.99 10.78
CA GLN A 340 -3.90 -13.63 11.37
C GLN A 340 -5.35 -13.25 11.67
N ASP A 341 -6.33 -13.91 11.02
CA ASP A 341 -7.74 -13.74 11.28
C ASP A 341 -8.35 -14.91 12.04
N TRP A 342 -7.50 -15.77 12.61
CA TRP A 342 -7.93 -17.00 13.23
C TRP A 342 -8.75 -16.75 14.50
N ASP A 343 -8.50 -15.62 15.18
CA ASP A 343 -9.20 -15.23 16.40
C ASP A 343 -10.04 -13.96 16.20
N GLU A 344 -10.39 -13.62 14.94
CA GLU A 344 -11.31 -12.54 14.58
C GLU A 344 -12.52 -12.37 15.49
N PHE A 345 -13.12 -13.51 15.95
CA PHE A 345 -14.39 -13.52 16.65
C PHE A 345 -14.22 -14.13 18.03
N PRO A 346 -13.80 -13.36 19.04
CA PRO A 346 -13.74 -13.87 20.42
C PRO A 346 -15.13 -14.09 21.00
N ASN A 347 -15.16 -14.81 22.12
CA ASN A 347 -16.41 -15.21 22.75
C ASN A 347 -16.26 -15.14 24.25
N GLY A 348 -15.88 -13.94 24.73
CA GLY A 348 -15.57 -13.73 26.13
C GLY A 348 -14.48 -14.70 26.63
N ARG A 349 -14.81 -15.41 27.73
CA ARG A 349 -13.88 -16.35 28.34
C ARG A 349 -13.97 -17.74 27.71
N TRP A 350 -14.80 -17.91 26.67
CA TRP A 350 -15.05 -19.17 26.04
C TRP A 350 -14.27 -19.36 24.73
N GLY A 351 -13.68 -18.29 24.19
CA GLY A 351 -12.88 -18.39 22.97
C GLY A 351 -11.50 -19.00 23.24
N ASP A 352 -10.65 -18.97 22.20
CA ASP A 352 -9.30 -19.49 22.33
C ASP A 352 -8.50 -18.56 23.24
N SER A 353 -7.91 -19.13 24.30
CA SER A 353 -7.13 -18.38 25.29
C SER A 353 -5.78 -17.91 24.74
N ARG A 354 -5.37 -18.44 23.58
CA ARG A 354 -4.15 -17.99 22.92
C ARG A 354 -4.35 -16.64 22.24
N SER A 355 -5.59 -16.23 22.00
CA SER A 355 -5.88 -14.95 21.40
C SER A 355 -5.54 -13.82 22.38
N PRO A 356 -4.87 -12.74 21.93
CA PRO A 356 -4.77 -11.49 22.70
C PRO A 356 -6.12 -10.96 23.19
N ALA A 357 -7.17 -11.16 22.36
CA ALA A 357 -8.51 -10.68 22.63
C ALA A 357 -9.29 -11.51 23.65
N PHE A 358 -8.70 -12.59 24.18
CA PHE A 358 -9.42 -13.45 25.10
C PHE A 358 -9.84 -12.74 26.40
N GLY A 359 -11.00 -13.14 26.93
CA GLY A 359 -11.51 -12.69 28.22
C GLY A 359 -12.75 -11.81 28.06
N GLU A 360 -13.45 -11.53 29.19
CA GLU A 360 -14.66 -10.71 29.20
C GLU A 360 -14.29 -9.23 29.32
N LEU A 361 -14.44 -8.47 28.23
CA LEU A 361 -13.76 -7.19 28.04
C LEU A 361 -14.73 -6.01 28.14
N ASP A 362 -15.53 -6.01 29.22
CA ASP A 362 -16.58 -5.03 29.42
C ASP A 362 -16.02 -3.74 30.00
N ALA A 363 -15.03 -3.88 30.90
CA ALA A 363 -14.43 -2.78 31.64
C ALA A 363 -12.91 -2.89 31.65
N TYR A 364 -12.28 -1.85 32.22
CA TYR A 364 -10.84 -1.71 32.22
C TYR A 364 -10.13 -2.59 33.23
N GLY A 365 -10.88 -3.25 34.10
CA GLY A 365 -10.30 -4.20 35.00
C GLY A 365 -11.34 -4.77 35.97
N VAL A 366 -10.87 -5.83 36.60
CA VAL A 366 -11.68 -6.78 37.33
C VAL A 366 -12.59 -6.12 38.39
N GLY A 367 -13.83 -6.57 38.41
CA GLY A 367 -14.70 -6.30 39.54
C GLY A 367 -16.13 -6.04 39.10
N LEU A 368 -16.95 -5.84 40.13
CA LEU A 368 -18.37 -5.56 40.02
C LEU A 368 -18.54 -4.07 39.75
N THR A 369 -19.66 -3.73 39.11
CA THR A 369 -20.10 -2.34 38.98
C THR A 369 -20.88 -1.92 40.24
N GLY A 370 -21.11 -0.61 40.34
CA GLY A 370 -22.05 -0.03 41.27
C GLY A 370 -21.45 0.20 42.66
N SER A 371 -22.08 1.12 43.40
CA SER A 371 -21.73 1.44 44.78
C SER A 371 -22.02 0.23 45.65
N ASN A 372 -21.32 0.12 46.78
CA ASN A 372 -21.61 -0.90 47.78
C ASN A 372 -23.09 -0.87 48.15
N GLU A 373 -23.64 0.34 48.32
CA GLU A 373 -25.05 0.51 48.64
C GLU A 373 -25.92 -0.06 47.51
N GLN A 374 -25.60 0.29 46.26
CA GLN A 374 -26.37 -0.18 45.11
C GLN A 374 -26.37 -1.71 45.01
N ASN A 375 -25.22 -2.33 45.26
CA ASN A 375 -25.07 -3.77 45.21
C ASN A 375 -25.79 -4.49 46.34
N ARG A 376 -25.78 -3.90 47.54
CA ARG A 376 -26.63 -4.39 48.62
C ARG A 376 -28.12 -4.27 48.25
N GLU A 377 -28.47 -3.21 47.52
CA GLU A 377 -29.84 -2.97 47.07
C GLU A 377 -30.31 -4.00 46.04
N ARG A 378 -29.43 -4.40 45.11
CA ARG A 378 -29.73 -5.39 44.09
C ARG A 378 -29.68 -6.85 44.56
N TRP A 379 -28.69 -7.19 45.40
CA TRP A 379 -28.42 -8.56 45.79
C TRP A 379 -28.81 -8.85 47.22
N GLY A 380 -29.40 -7.85 47.89
CA GLY A 380 -29.86 -8.01 49.27
C GLY A 380 -28.68 -8.15 50.25
N GLU A 381 -28.97 -8.75 51.40
CA GLU A 381 -28.01 -9.03 52.45
C GLU A 381 -28.13 -10.50 52.80
N PRO A 382 -27.47 -11.42 52.06
CA PRO A 382 -27.61 -12.86 52.31
C PRO A 382 -26.96 -13.29 53.62
N LYS A 383 -27.70 -14.02 54.45
CA LYS A 383 -27.24 -14.53 55.74
C LYS A 383 -26.84 -16.00 55.68
N CYS A 384 -27.24 -16.71 54.60
CA CYS A 384 -27.05 -18.14 54.46
C CYS A 384 -27.05 -18.53 52.98
N ILE A 385 -26.83 -19.83 52.72
CA ILE A 385 -26.75 -20.36 51.36
C ILE A 385 -28.07 -20.19 50.61
N ARG A 386 -29.19 -20.45 51.30
CA ARG A 386 -30.51 -20.39 50.68
C ARG A 386 -30.78 -19.01 50.08
N ASP A 387 -30.31 -17.94 50.76
CA ASP A 387 -30.49 -16.58 50.29
C ASP A 387 -29.80 -16.35 48.94
N ILE A 388 -28.57 -16.87 48.82
CA ILE A 388 -27.79 -16.81 47.60
C ILE A 388 -28.53 -17.56 46.50
N ALA A 389 -28.95 -18.78 46.83
CA ALA A 389 -29.69 -19.63 45.90
C ALA A 389 -30.93 -18.91 45.36
N ASN A 390 -31.69 -18.25 46.25
CA ASN A 390 -32.88 -17.52 45.83
C ASN A 390 -32.53 -16.35 44.92
N LEU A 391 -31.39 -15.70 45.20
CA LEU A 391 -30.92 -14.64 44.32
C LEU A 391 -30.67 -15.17 42.91
N PHE A 392 -30.03 -16.35 42.84
CA PHE A 392 -29.71 -16.97 41.56
C PHE A 392 -30.97 -17.42 40.82
N ILE A 393 -31.95 -17.93 41.57
CA ILE A 393 -33.22 -18.35 40.98
C ILE A 393 -33.95 -17.13 40.43
N ARG A 394 -33.92 -16.01 41.17
CA ARG A 394 -34.46 -14.76 40.67
C ARG A 394 -33.80 -14.35 39.35
N TYR A 395 -32.49 -14.56 39.24
CA TYR A 395 -31.79 -14.33 37.98
C TYR A 395 -32.32 -15.24 36.87
N LEU A 396 -32.46 -16.53 37.16
CA LEU A 396 -32.92 -17.51 36.18
C LEU A 396 -34.38 -17.27 35.74
N ARG A 397 -35.22 -16.78 36.66
CA ARG A 397 -36.60 -16.44 36.38
C ARG A 397 -36.75 -15.05 35.76
N LYS A 398 -35.64 -14.39 35.37
CA LYS A 398 -35.67 -13.13 34.65
C LYS A 398 -36.19 -11.99 35.53
N GLU A 399 -36.09 -12.14 36.86
CA GLU A 399 -36.54 -11.14 37.82
C GLU A 399 -35.41 -10.16 38.14
N ILE A 400 -34.15 -10.60 38.01
CA ILE A 400 -32.96 -9.77 38.10
C ILE A 400 -32.20 -9.94 36.80
N ASP A 401 -31.58 -8.87 36.30
CA ASP A 401 -30.78 -8.90 35.09
C ASP A 401 -29.35 -9.37 35.32
N TYR A 402 -28.76 -9.13 36.49
CA TYR A 402 -27.33 -9.35 36.70
C TYR A 402 -27.04 -9.96 38.07
N LEU A 403 -26.32 -11.09 38.06
CA LEU A 403 -25.62 -11.62 39.21
C LEU A 403 -24.18 -11.12 39.22
N PRO A 404 -23.47 -11.17 40.37
CA PRO A 404 -22.03 -10.87 40.42
C PRO A 404 -21.13 -11.50 39.35
N TRP A 405 -21.48 -12.73 38.92
CA TRP A 405 -20.71 -13.43 37.89
C TRP A 405 -21.35 -13.35 36.52
N SER A 406 -22.35 -12.46 36.31
CA SER A 406 -23.15 -12.45 35.10
C SER A 406 -22.71 -11.30 34.17
N GLU A 407 -22.17 -11.67 33.01
CA GLU A 407 -22.00 -10.81 31.85
C GLU A 407 -23.32 -10.12 31.43
N ALA A 408 -24.41 -10.89 31.41
CA ALA A 408 -25.66 -10.48 30.77
C ALA A 408 -26.85 -11.13 31.46
N PRO A 409 -28.10 -10.73 31.11
CA PRO A 409 -29.29 -11.46 31.59
C PRO A 409 -29.37 -12.87 31.03
N VAL A 410 -30.14 -13.72 31.70
CA VAL A 410 -30.30 -15.12 31.30
C VAL A 410 -30.68 -15.22 29.83
N ALA A 411 -29.99 -16.10 29.10
CA ALA A 411 -30.17 -16.28 27.67
C ALA A 411 -31.40 -17.17 27.45
N ASP A 412 -31.99 -17.03 26.25
CA ASP A 412 -33.10 -17.86 25.81
C ASP A 412 -32.80 -19.34 25.75
N GLU A 413 -31.52 -19.71 25.55
CA GLU A 413 -31.13 -21.10 25.51
C GLU A 413 -31.19 -21.77 26.89
N ALA A 414 -31.43 -21.00 27.96
CA ALA A 414 -31.71 -21.55 29.27
C ALA A 414 -33.17 -21.93 29.47
N ASP A 415 -34.09 -21.42 28.63
CA ASP A 415 -35.53 -21.59 28.84
C ASP A 415 -35.96 -23.05 29.00
N LEU A 416 -35.43 -23.93 28.15
CA LEU A 416 -35.80 -25.34 28.16
C LEU A 416 -35.06 -26.16 29.21
N ILE A 417 -34.06 -25.58 29.91
CA ILE A 417 -33.40 -26.24 31.05
C ILE A 417 -33.55 -25.44 32.34
N LYS A 418 -34.43 -24.44 32.35
CA LYS A 418 -34.57 -23.52 33.47
C LYS A 418 -34.93 -24.22 34.78
N ASP A 419 -35.85 -25.19 34.71
CA ASP A 419 -36.28 -25.89 35.91
C ASP A 419 -35.17 -26.71 36.56
N GLU A 420 -34.33 -27.34 35.76
CA GLU A 420 -33.22 -28.16 36.23
C GLU A 420 -32.17 -27.26 36.88
N LEU A 421 -31.88 -26.11 36.24
CA LEU A 421 -30.97 -25.12 36.80
C LEU A 421 -31.47 -24.63 38.15
N ILE A 422 -32.75 -24.24 38.20
CA ILE A 422 -33.39 -23.82 39.44
C ILE A 422 -33.25 -24.90 40.51
N ASP A 423 -33.41 -26.17 40.11
CA ASP A 423 -33.37 -27.29 41.04
C ASP A 423 -31.98 -27.43 41.68
N LEU A 424 -30.93 -27.30 40.85
CA LEU A 424 -29.57 -27.29 41.34
C LEU A 424 -29.35 -26.19 42.37
N ASN A 425 -29.80 -24.97 42.03
CA ASN A 425 -29.56 -23.82 42.91
C ASN A 425 -30.31 -23.97 44.22
N ARG A 426 -31.56 -24.49 44.19
CA ARG A 426 -32.31 -24.78 45.41
C ARG A 426 -31.52 -25.68 46.36
N ARG A 427 -30.82 -26.69 45.79
CA ARG A 427 -30.05 -27.64 46.55
C ARG A 427 -28.65 -27.14 46.93
N GLY A 428 -28.31 -25.90 46.55
CA GLY A 428 -27.08 -25.25 46.95
C GLY A 428 -25.90 -25.52 46.00
N LEU A 429 -26.17 -26.06 44.81
CA LEU A 429 -25.18 -26.10 43.74
C LEU A 429 -25.36 -24.81 42.96
N ILE A 430 -24.58 -23.79 43.31
CA ILE A 430 -24.78 -22.44 42.81
C ILE A 430 -24.24 -22.34 41.39
N THR A 431 -25.13 -22.29 40.39
CA THR A 431 -24.74 -22.32 38.99
C THR A 431 -24.28 -20.93 38.54
N VAL A 432 -23.15 -20.90 37.83
CA VAL A 432 -22.51 -19.70 37.32
C VAL A 432 -22.76 -19.57 35.82
N ASN A 433 -22.74 -20.69 35.09
CA ASN A 433 -22.85 -20.70 33.65
C ASN A 433 -23.33 -22.09 33.19
N SER A 434 -23.96 -22.14 32.02
CA SER A 434 -24.55 -23.38 31.51
C SER A 434 -24.79 -23.28 30.01
N GLN A 435 -24.93 -24.42 29.35
CA GLN A 435 -25.56 -24.45 28.04
C GLN A 435 -26.19 -25.81 27.78
N PRO A 436 -27.30 -25.84 27.01
CA PRO A 436 -27.93 -27.09 26.62
C PRO A 436 -27.17 -27.76 25.47
N ALA A 437 -27.32 -29.08 25.39
CA ALA A 437 -26.92 -29.82 24.20
C ALA A 437 -27.80 -29.39 23.01
N VAL A 438 -27.19 -29.35 21.82
CA VAL A 438 -27.86 -29.04 20.57
C VAL A 438 -27.26 -29.95 19.53
N ASN A 439 -28.12 -30.65 18.77
CA ASN A 439 -27.67 -31.65 17.82
C ASN A 439 -28.09 -31.22 16.43
N GLY A 440 -27.38 -30.22 15.88
CA GLY A 440 -27.54 -29.86 14.49
C GLY A 440 -28.80 -29.02 14.24
N ALA A 441 -29.01 -27.99 15.07
CA ALA A 441 -29.98 -26.96 14.76
C ALA A 441 -29.56 -26.23 13.50
N LYS A 442 -30.53 -25.82 12.67
CA LYS A 442 -30.25 -24.90 11.59
C LYS A 442 -29.65 -23.63 12.18
N SER A 443 -28.72 -23.01 11.44
CA SER A 443 -27.97 -21.86 11.89
C SER A 443 -28.82 -20.59 12.04
N ASN A 444 -30.04 -20.59 11.53
CA ASN A 444 -30.99 -19.50 11.70
C ASN A 444 -32.01 -19.80 12.80
N HIS A 445 -31.82 -20.88 13.55
CA HIS A 445 -32.67 -21.20 14.67
C HIS A 445 -32.76 -20.00 15.63
N PRO A 446 -33.98 -19.53 15.99
CA PRO A 446 -34.12 -18.28 16.74
C PRO A 446 -33.39 -18.24 18.10
N VAL A 447 -33.35 -19.37 18.79
CA VAL A 447 -32.63 -19.52 20.05
C VAL A 447 -31.18 -19.95 19.82
N HIS A 448 -30.97 -21.08 19.14
CA HIS A 448 -29.67 -21.76 19.05
C HIS A 448 -28.78 -21.27 17.90
N GLY A 449 -29.33 -20.54 16.93
CA GLY A 449 -28.65 -20.24 15.69
C GLY A 449 -27.56 -19.18 15.88
N TRP A 450 -26.52 -19.28 15.05
CA TRP A 450 -25.49 -18.26 14.89
C TRP A 450 -24.73 -18.47 13.59
N GLY A 451 -23.93 -17.47 13.21
CA GLY A 451 -23.16 -17.52 11.99
C GLY A 451 -24.02 -17.29 10.75
N PRO A 452 -23.50 -17.54 9.54
CA PRO A 452 -24.28 -17.40 8.30
C PRO A 452 -25.42 -18.41 8.18
N SER A 453 -26.18 -18.30 7.10
CA SER A 453 -27.35 -19.15 6.88
C SER A 453 -26.96 -20.41 6.09
N ASN A 454 -27.91 -21.36 6.10
CA ASN A 454 -27.77 -22.65 5.47
C ASN A 454 -26.65 -23.44 6.16
N GLY A 455 -26.50 -23.26 7.47
CA GLY A 455 -25.55 -24.01 8.28
C GLY A 455 -26.25 -24.84 9.34
N TYR A 456 -25.45 -25.69 10.02
CA TYR A 456 -25.93 -26.44 11.18
C TYR A 456 -25.00 -26.16 12.36
N VAL A 457 -25.57 -26.08 13.56
CA VAL A 457 -24.82 -25.74 14.74
C VAL A 457 -25.05 -26.82 15.81
N TYR A 458 -24.01 -26.98 16.65
CA TYR A 458 -23.92 -28.07 17.61
C TYR A 458 -23.41 -27.54 18.94
N GLN A 459 -23.93 -28.12 20.04
CA GLN A 459 -23.47 -27.77 21.37
C GLN A 459 -23.42 -29.02 22.24
N LYS A 460 -22.26 -29.21 22.89
CA LYS A 460 -22.15 -30.10 24.04
C LYS A 460 -22.77 -29.37 25.22
N ALA A 461 -23.62 -30.07 26.00
CA ALA A 461 -24.11 -29.58 27.27
C ALA A 461 -22.96 -29.36 28.23
N TYR A 462 -22.98 -28.25 28.95
CA TYR A 462 -22.03 -28.04 30.02
C TYR A 462 -22.70 -27.32 31.18
N LEU A 463 -22.03 -27.42 32.32
CA LEU A 463 -22.51 -26.86 33.57
C LEU A 463 -21.32 -26.34 34.35
N GLU A 464 -21.44 -25.15 34.92
CA GLU A 464 -20.39 -24.58 35.73
C GLU A 464 -20.98 -24.02 37.01
N PHE A 465 -20.43 -24.41 38.17
CA PHE A 465 -21.05 -24.06 39.44
C PHE A 465 -20.06 -24.07 40.58
N PHE A 466 -20.42 -23.33 41.63
CA PHE A 466 -19.80 -23.40 42.93
C PHE A 466 -20.47 -24.51 43.74
N VAL A 467 -19.68 -25.24 44.53
CA VAL A 467 -20.21 -26.27 45.39
C VAL A 467 -19.37 -26.37 46.66
N SER A 468 -20.02 -26.74 47.77
CA SER A 468 -19.36 -26.84 49.07
C SER A 468 -18.29 -27.92 49.04
N PRO A 469 -17.20 -27.79 49.83
CA PRO A 469 -16.16 -28.83 49.91
C PRO A 469 -16.68 -30.16 50.45
N GLU A 470 -17.72 -30.10 51.29
CA GLU A 470 -18.39 -31.28 51.82
C GLU A 470 -18.97 -32.14 50.70
N LEU A 471 -19.57 -31.48 49.69
CA LEU A 471 -20.29 -32.17 48.63
C LEU A 471 -19.43 -32.48 47.41
N TYR A 472 -18.29 -31.77 47.25
CA TYR A 472 -17.46 -31.93 46.06
C TYR A 472 -16.97 -33.37 45.87
N PRO A 473 -16.42 -34.06 46.89
CA PRO A 473 -15.94 -35.45 46.74
C PRO A 473 -16.92 -36.41 46.06
N GLU A 474 -18.21 -36.23 46.39
CA GLU A 474 -19.26 -37.05 45.82
C GLU A 474 -19.45 -36.73 44.34
N ILE A 475 -19.50 -35.44 44.02
CA ILE A 475 -19.61 -34.98 42.64
C ILE A 475 -18.46 -35.56 41.80
N LYS A 476 -17.24 -35.49 42.34
CA LYS A 476 -16.07 -36.02 41.69
C LYS A 476 -16.24 -37.51 41.38
N ARG A 477 -16.59 -38.27 42.43
CA ARG A 477 -16.80 -39.70 42.33
C ARG A 477 -17.79 -40.04 41.21
N ARG A 478 -18.90 -39.28 41.16
CA ARG A 478 -19.96 -39.51 40.18
C ARG A 478 -19.52 -39.20 38.76
N ILE A 479 -18.78 -38.11 38.56
CA ILE A 479 -18.31 -37.72 37.23
C ILE A 479 -17.32 -38.76 36.70
N GLU A 480 -16.33 -39.12 37.54
CA GLU A 480 -15.32 -40.12 37.16
C GLU A 480 -15.91 -41.45 36.69
N SER A 481 -17.07 -41.85 37.25
CA SER A 481 -17.76 -43.05 36.84
C SER A 481 -18.36 -42.97 35.44
N HIS A 482 -18.63 -41.74 34.93
CA HIS A 482 -19.16 -41.54 33.58
C HIS A 482 -18.07 -41.01 32.66
N PRO A 483 -17.40 -41.87 31.85
CA PRO A 483 -16.17 -41.48 31.17
C PRO A 483 -16.31 -40.48 30.01
N ASP A 484 -17.56 -40.25 29.54
CA ASP A 484 -17.83 -39.31 28.46
C ASP A 484 -18.00 -37.87 28.95
N LEU A 485 -17.84 -37.64 30.27
CA LEU A 485 -17.85 -36.33 30.87
C LEU A 485 -16.42 -35.87 31.08
N THR A 486 -16.13 -34.62 30.69
CA THR A 486 -14.88 -33.98 31.03
C THR A 486 -15.17 -33.00 32.14
N TYR A 487 -14.35 -32.97 33.20
CA TYR A 487 -14.56 -32.01 34.27
C TYR A 487 -13.26 -31.29 34.62
N HIS A 488 -13.43 -30.05 35.10
CA HIS A 488 -12.36 -29.26 35.67
C HIS A 488 -12.88 -28.72 37.00
N ALA A 489 -12.09 -28.81 38.07
CA ALA A 489 -12.53 -28.33 39.37
C ALA A 489 -11.35 -27.73 40.11
N VAL A 490 -11.61 -26.66 40.88
CA VAL A 490 -10.55 -26.00 41.62
C VAL A 490 -11.12 -25.13 42.74
N THR A 491 -10.29 -24.87 43.76
CA THR A 491 -10.61 -23.95 44.84
C THR A 491 -9.85 -22.64 44.60
N LYS A 492 -10.16 -21.62 45.40
CA LYS A 492 -9.50 -20.32 45.31
C LYS A 492 -7.98 -20.45 45.44
N SER A 493 -7.52 -21.24 46.41
CA SER A 493 -6.10 -21.36 46.73
C SER A 493 -5.51 -22.73 46.39
N GLY A 494 -6.26 -23.66 45.79
CA GLY A 494 -5.81 -25.04 45.61
C GLY A 494 -5.47 -25.38 44.16
N ASN A 495 -5.22 -26.68 43.91
CA ASN A 495 -4.79 -27.19 42.62
C ASN A 495 -5.96 -27.64 41.75
N LEU A 496 -5.71 -27.61 40.43
CA LEU A 496 -6.67 -27.97 39.40
C LEU A 496 -6.81 -29.49 39.37
N GLU A 497 -8.04 -29.98 39.52
CA GLU A 497 -8.37 -31.38 39.31
C GLU A 497 -9.16 -31.50 38.01
N THR A 498 -8.90 -32.60 37.27
CA THR A 498 -9.53 -32.86 35.99
C THR A 498 -9.33 -34.32 35.62
N ASN A 499 -10.22 -34.84 34.79
CA ASN A 499 -10.05 -36.17 34.20
C ASN A 499 -9.47 -36.11 32.79
N ALA A 500 -9.34 -34.91 32.22
CA ALA A 500 -8.79 -34.72 30.89
C ALA A 500 -7.30 -35.10 30.90
N GLN A 501 -6.95 -36.18 30.19
CA GLN A 501 -5.60 -36.74 30.20
C GLN A 501 -4.62 -35.77 29.54
N SER A 502 -4.84 -35.46 28.26
CA SER A 502 -4.08 -34.44 27.55
C SER A 502 -4.38 -33.05 28.11
N ASP A 503 -5.66 -32.80 28.36
CA ASP A 503 -6.17 -31.50 28.74
C ASP A 503 -5.74 -30.40 27.75
N GLY A 504 -5.90 -30.70 26.45
CA GLY A 504 -5.95 -29.71 25.39
C GLY A 504 -7.35 -29.12 25.31
N PRO A 505 -7.64 -28.25 24.31
CA PRO A 505 -8.95 -27.61 24.19
C PRO A 505 -10.06 -28.60 23.79
N ASN A 506 -11.26 -28.41 24.35
CA ASN A 506 -12.43 -29.22 24.05
C ASN A 506 -13.48 -28.30 23.45
N ALA A 507 -13.87 -28.58 22.20
CA ALA A 507 -14.90 -27.79 21.52
C ALA A 507 -16.26 -28.16 22.09
N VAL A 508 -17.03 -27.16 22.54
CA VAL A 508 -18.35 -27.38 23.11
C VAL A 508 -19.45 -26.67 22.34
N THR A 509 -19.08 -25.77 21.42
CA THR A 509 -20.00 -25.24 20.42
C THR A 509 -19.28 -25.21 19.09
N TRP A 510 -19.88 -25.77 18.05
CA TRP A 510 -19.31 -25.66 16.72
C TRP A 510 -20.39 -25.54 15.66
N GLY A 511 -19.97 -25.16 14.45
CA GLY A 511 -20.87 -24.82 13.37
C GLY A 511 -20.32 -25.24 12.02
N VAL A 512 -21.20 -25.80 11.17
CA VAL A 512 -20.86 -26.29 9.84
C VAL A 512 -21.58 -25.38 8.87
N PHE A 513 -20.82 -24.62 8.07
CA PHE A 513 -21.37 -23.64 7.15
C PHE A 513 -20.87 -23.90 5.74
N PRO A 514 -21.68 -23.63 4.68
CA PRO A 514 -21.26 -23.87 3.30
C PRO A 514 -19.94 -23.22 2.92
N GLY A 515 -19.03 -24.01 2.34
CA GLY A 515 -17.77 -23.46 1.83
C GLY A 515 -16.78 -23.12 2.93
N LYS A 516 -16.99 -23.59 4.16
CA LYS A 516 -16.16 -23.21 5.29
C LYS A 516 -15.62 -24.42 6.05
N GLU A 517 -14.53 -24.18 6.78
CA GLU A 517 -14.00 -25.07 7.79
C GLU A 517 -14.89 -24.95 9.02
N ILE A 518 -14.78 -25.94 9.89
CA ILE A 518 -15.62 -26.00 11.07
C ILE A 518 -15.26 -24.86 12.02
N VAL A 519 -16.26 -24.07 12.42
CA VAL A 519 -16.08 -22.93 13.29
C VAL A 519 -16.37 -23.38 14.73
N GLN A 520 -15.48 -22.99 15.66
CA GLN A 520 -15.47 -23.50 17.04
C GLN A 520 -15.37 -22.33 18.01
N PRO A 521 -16.42 -21.50 18.14
CA PRO A 521 -16.37 -20.34 19.01
C PRO A 521 -16.28 -20.59 20.51
N THR A 522 -16.58 -21.81 20.97
CA THR A 522 -16.68 -22.10 22.39
C THR A 522 -15.84 -23.32 22.72
N ILE A 523 -14.87 -23.09 23.60
CA ILE A 523 -13.82 -24.03 23.97
C ILE A 523 -13.83 -24.09 25.50
N VAL A 524 -13.63 -25.30 26.03
CA VAL A 524 -13.33 -25.48 27.43
C VAL A 524 -11.89 -25.97 27.47
N GLU A 525 -11.05 -25.25 28.22
CA GLU A 525 -9.63 -25.52 28.23
C GLU A 525 -9.06 -25.11 29.58
N ARG A 526 -8.00 -25.81 30.00
CA ARG A 526 -7.34 -25.62 31.29
C ARG A 526 -7.01 -24.16 31.55
N ILE A 527 -6.28 -23.53 30.62
CA ILE A 527 -5.81 -22.16 30.78
C ILE A 527 -6.99 -21.18 30.86
N SER A 528 -7.96 -21.34 29.97
CA SER A 528 -9.17 -20.51 30.01
C SER A 528 -9.84 -20.61 31.38
N PHE A 529 -10.00 -21.84 31.85
CA PHE A 529 -10.68 -22.12 33.11
C PHE A 529 -9.94 -21.54 34.32
N LEU A 530 -8.60 -21.67 34.36
CA LEU A 530 -7.80 -21.10 35.46
C LEU A 530 -7.86 -19.57 35.44
N ALA A 531 -7.77 -18.98 34.24
CA ALA A 531 -7.97 -17.55 34.08
C ALA A 531 -9.31 -17.11 34.70
N TRP A 532 -10.36 -17.90 34.46
CA TRP A 532 -11.67 -17.62 35.00
C TRP A 532 -11.73 -17.84 36.51
N LYS A 533 -11.20 -18.98 37.00
CA LYS A 533 -11.11 -19.27 38.43
C LYS A 533 -10.74 -17.98 39.18
N ASP A 534 -9.59 -17.40 38.80
CA ASP A 534 -9.05 -16.27 39.54
C ASP A 534 -10.07 -15.13 39.58
N GLU A 535 -10.65 -14.83 38.41
CA GLU A 535 -11.64 -13.79 38.30
C GLU A 535 -12.90 -14.08 39.10
N ALA A 536 -13.38 -15.33 39.04
CA ALA A 536 -14.61 -15.72 39.72
C ALA A 536 -14.51 -15.58 41.24
N TYR A 537 -13.42 -16.12 41.80
CA TYR A 537 -13.18 -15.99 43.24
C TYR A 537 -12.98 -14.53 43.63
N HIS A 538 -12.36 -13.73 42.75
CA HIS A 538 -12.20 -12.31 42.98
C HIS A 538 -13.55 -11.60 43.05
N LEU A 539 -14.44 -11.89 42.09
CA LEU A 539 -15.76 -11.28 42.06
C LEU A 539 -16.57 -11.63 43.30
N GLY A 540 -16.42 -12.87 43.77
CA GLY A 540 -17.06 -13.26 45.02
C GLY A 540 -16.58 -12.43 46.20
N MET A 541 -15.27 -12.22 46.27
CA MET A 541 -14.68 -11.41 47.33
C MET A 541 -15.10 -9.95 47.23
N GLU A 542 -15.17 -9.41 46.01
CA GLU A 542 -15.61 -8.03 45.79
C GLU A 542 -17.08 -7.90 46.17
N TRP A 543 -17.86 -8.98 46.04
CA TRP A 543 -19.24 -9.01 46.52
C TRP A 543 -19.25 -8.96 48.05
N ALA A 544 -18.50 -9.87 48.68
CA ALA A 544 -18.31 -9.88 50.13
C ALA A 544 -18.00 -8.49 50.70
N ARG A 545 -17.11 -7.76 50.02
CA ARG A 545 -16.67 -6.46 50.49
C ARG A 545 -17.69 -5.34 50.30
N CYS A 546 -18.79 -5.58 49.59
CA CYS A 546 -19.93 -4.68 49.61
C CYS A 546 -20.61 -4.63 50.98
N TYR A 547 -20.29 -5.58 51.89
CA TYR A 547 -20.83 -5.64 53.22
C TYR A 547 -19.76 -5.27 54.26
N ASP A 548 -20.24 -4.86 55.44
CA ASP A 548 -19.39 -4.36 56.52
C ASP A 548 -18.52 -5.49 57.09
N ALA A 549 -17.35 -5.08 57.63
CA ALA A 549 -16.26 -5.96 58.02
C ALA A 549 -16.68 -7.20 58.82
N GLY A 550 -17.54 -7.04 59.83
CA GLY A 550 -18.00 -8.12 60.68
C GLY A 550 -19.28 -8.80 60.23
N SER A 551 -19.89 -8.33 59.11
CA SER A 551 -21.27 -8.64 58.77
C SER A 551 -21.47 -10.14 58.51
N PRO A 552 -22.67 -10.70 58.77
CA PRO A 552 -23.02 -12.05 58.32
C PRO A 552 -22.80 -12.30 56.83
N SER A 553 -23.23 -11.32 56.02
CA SER A 553 -23.09 -11.41 54.56
C SER A 553 -21.64 -11.56 54.13
N ARG A 554 -20.75 -10.77 54.73
CA ARG A 554 -19.35 -10.79 54.36
C ARG A 554 -18.70 -12.11 54.77
N VAL A 555 -18.86 -12.49 56.04
CA VAL A 555 -18.21 -13.70 56.55
C VAL A 555 -18.71 -14.92 55.75
N LEU A 556 -20.00 -14.93 55.41
CA LEU A 556 -20.60 -15.98 54.59
C LEU A 556 -19.89 -16.07 53.25
N LEU A 557 -19.89 -14.96 52.51
CA LEU A 557 -19.34 -14.91 51.16
C LEU A 557 -17.83 -15.19 51.13
N GLU A 558 -17.09 -14.74 52.14
CA GLU A 558 -15.65 -14.99 52.22
C GLU A 558 -15.37 -16.45 52.52
N GLU A 559 -16.12 -17.05 53.46
CA GLU A 559 -16.00 -18.48 53.76
C GLU A 559 -16.27 -19.30 52.50
N MET A 560 -17.34 -18.93 51.78
CA MET A 560 -17.71 -19.61 50.53
C MET A 560 -16.55 -19.58 49.54
N MET A 561 -16.02 -18.39 49.26
CA MET A 561 -14.96 -18.24 48.28
C MET A 561 -13.68 -18.94 48.71
N ASN A 562 -13.36 -18.91 50.02
CA ASN A 562 -12.16 -19.58 50.52
C ASN A 562 -12.27 -21.10 50.63
N THR A 563 -13.47 -21.68 50.54
CA THR A 563 -13.64 -23.13 50.76
C THR A 563 -14.34 -23.86 49.62
N TRP A 564 -15.25 -23.19 48.89
CA TRP A 564 -16.03 -23.84 47.84
C TRP A 564 -15.22 -24.07 46.58
N TRP A 565 -15.60 -25.12 45.85
CA TRP A 565 -15.01 -25.49 44.57
C TRP A 565 -15.79 -24.84 43.43
N LEU A 566 -15.05 -24.38 42.42
CA LEU A 566 -15.61 -24.04 41.12
C LEU A 566 -15.42 -25.27 40.24
N VAL A 567 -16.52 -25.71 39.61
CA VAL A 567 -16.56 -26.96 38.87
C VAL A 567 -17.16 -26.68 37.51
N ASN A 568 -16.53 -27.25 36.47
CA ASN A 568 -16.99 -27.19 35.09
C ASN A 568 -17.13 -28.63 34.63
N ILE A 569 -18.32 -28.99 34.12
CA ILE A 569 -18.59 -30.33 33.62
C ILE A 569 -19.11 -30.18 32.20
N VAL A 570 -18.54 -30.97 31.28
CA VAL A 570 -18.97 -31.00 29.89
C VAL A 570 -19.39 -32.43 29.60
N ASN A 571 -20.58 -32.56 28.97
CA ASN A 571 -21.04 -33.84 28.47
C ASN A 571 -20.70 -33.91 26.99
N ASN A 572 -19.71 -34.72 26.64
CA ASN A 572 -19.22 -34.78 25.27
C ASN A 572 -20.23 -35.42 24.35
N ASP A 573 -21.18 -36.22 24.87
CA ASP A 573 -22.27 -36.71 24.07
C ASP A 573 -23.36 -35.63 23.91
N PHE A 574 -23.35 -34.97 22.77
CA PHE A 574 -24.23 -33.86 22.46
C PHE A 574 -25.58 -34.36 21.94
N HIS A 575 -25.76 -35.68 21.81
CA HIS A 575 -27.06 -36.28 21.60
C HIS A 575 -27.90 -36.24 22.88
N GLN A 576 -27.27 -36.13 24.06
CA GLN A 576 -27.93 -36.21 25.36
C GLN A 576 -28.08 -34.83 26.01
N GLY A 577 -29.34 -34.42 26.27
CA GLY A 577 -29.68 -33.18 26.93
C GLY A 577 -29.58 -33.22 28.45
N ASN A 578 -29.98 -34.33 29.10
CA ASN A 578 -30.28 -34.34 30.54
C ASN A 578 -29.28 -35.05 31.45
N THR A 579 -28.25 -35.69 30.92
CA THR A 579 -27.44 -36.60 31.74
C THR A 579 -26.63 -35.88 32.82
N LEU A 580 -26.29 -34.60 32.61
CA LEU A 580 -25.62 -33.82 33.65
C LEU A 580 -26.52 -33.59 34.85
N PHE A 581 -27.78 -33.24 34.58
CA PHE A 581 -28.77 -33.04 35.63
C PHE A 581 -29.10 -34.33 36.37
N GLU A 582 -29.17 -35.44 35.61
CA GLU A 582 -29.39 -36.77 36.18
C GLU A 582 -28.27 -37.15 37.16
N ILE A 583 -27.02 -37.05 36.68
CA ILE A 583 -25.83 -37.31 37.49
C ILE A 583 -25.85 -36.53 38.81
N LEU A 584 -26.39 -35.31 38.83
CA LEU A 584 -26.36 -34.44 40.00
C LEU A 584 -27.66 -34.46 40.80
N LYS A 585 -28.56 -35.44 40.57
CA LYS A 585 -29.90 -35.37 41.10
C LYS A 585 -30.07 -35.56 42.62
N GLY A 586 -29.27 -36.44 43.26
CA GLY A 586 -29.40 -36.75 44.68
C GLY A 586 -28.81 -35.71 45.65
N LEU A 587 -28.05 -34.74 45.10
CA LEU A 587 -27.03 -34.03 45.86
C LEU A 587 -27.60 -32.75 46.44
N GLU A 588 -27.32 -32.49 47.71
CA GLU A 588 -27.75 -31.28 48.38
C GLU A 588 -26.70 -30.85 49.39
N VAL A 589 -26.42 -29.54 49.42
CA VAL A 589 -25.61 -28.96 50.48
C VAL A 589 -26.49 -28.89 51.72
N THR A 590 -26.00 -29.38 52.87
CA THR A 590 -26.74 -29.29 54.12
C THR A 590 -26.37 -27.97 54.81
N ASP A 591 -27.20 -27.58 55.79
CA ASP A 591 -27.08 -26.29 56.46
C ASP A 591 -27.20 -25.12 55.47
N LEU A 592 -28.25 -25.17 54.64
CA LEU A 592 -28.60 -24.09 53.73
C LEU A 592 -29.07 -22.84 54.47
N ASP A 593 -29.64 -23.02 55.67
CA ASP A 593 -30.14 -21.94 56.49
C ASP A 593 -29.19 -21.50 57.60
N LYS A 594 -28.03 -22.16 57.73
CA LYS A 594 -27.05 -21.85 58.76
C LYS A 594 -26.48 -20.44 58.56
N VAL A 595 -26.51 -19.66 59.65
CA VAL A 595 -25.98 -18.32 59.68
C VAL A 595 -24.67 -18.38 60.49
N PRO A 596 -23.53 -17.88 59.95
CA PRO A 596 -22.31 -17.71 60.75
C PRO A 596 -22.45 -16.60 61.80
N SER B 1 29.13 -29.29 2.32
CA SER B 1 30.10 -28.23 2.69
C SER B 1 31.27 -28.84 3.43
N ASN B 2 32.33 -28.05 3.53
CA ASN B 2 33.55 -28.43 4.23
C ASN B 2 34.17 -29.69 3.66
N ALA B 3 33.87 -30.02 2.39
CA ALA B 3 34.33 -31.27 1.80
C ALA B 3 33.84 -32.51 2.53
N MET B 4 32.71 -32.41 3.27
CA MET B 4 32.17 -33.54 3.98
C MET B 4 31.58 -34.48 2.92
N HIS B 5 32.04 -35.72 2.94
CA HIS B 5 31.52 -36.80 2.12
C HIS B 5 30.80 -37.83 2.98
N ILE B 6 29.62 -38.25 2.53
CA ILE B 6 28.78 -39.16 3.28
C ILE B 6 29.47 -40.51 3.49
N ARG B 7 30.24 -40.99 2.53
CA ARG B 7 30.96 -42.25 2.68
C ARG B 7 31.83 -42.29 3.96
N ASP B 8 32.42 -41.14 4.31
CA ASP B 8 33.25 -41.00 5.49
C ASP B 8 32.40 -40.98 6.75
N MET B 9 31.28 -40.26 6.70
CA MET B 9 30.29 -40.22 7.78
C MET B 9 29.78 -41.63 8.09
N LEU B 10 29.51 -42.42 7.04
CA LEU B 10 29.02 -43.78 7.18
C LEU B 10 30.11 -44.71 7.73
N ALA B 11 31.35 -44.56 7.24
CA ALA B 11 32.48 -45.29 7.80
C ALA B 11 32.62 -45.07 9.31
N GLU B 12 32.43 -43.82 9.74
CA GLU B 12 32.50 -43.49 11.15
C GLU B 12 31.34 -44.06 11.94
N ALA B 13 30.15 -44.08 11.36
CA ALA B 13 29.00 -44.71 12.00
C ALA B 13 29.28 -46.19 12.23
N GLU B 14 29.89 -46.83 11.23
CA GLU B 14 30.15 -48.26 11.28
C GLU B 14 31.23 -48.59 12.31
N ARG B 15 32.18 -47.67 12.51
CA ARG B 15 33.26 -47.85 13.47
C ARG B 15 32.81 -47.58 14.90
N THR B 16 32.18 -46.42 15.13
CA THR B 16 31.78 -45.98 16.45
C THR B 16 30.50 -46.62 16.96
N GLY B 17 29.57 -46.91 16.05
CA GLY B 17 28.22 -47.32 16.42
C GLY B 17 27.37 -46.17 17.00
N GLU B 18 27.86 -44.92 16.84
CA GLU B 18 27.20 -43.73 17.32
C GLU B 18 25.81 -43.61 16.71
N PRO B 19 24.87 -42.86 17.31
CA PRO B 19 23.61 -42.50 16.65
C PRO B 19 23.91 -41.79 15.32
N SER B 20 23.55 -42.44 14.22
CA SER B 20 23.83 -41.92 12.89
C SER B 20 22.57 -42.08 12.06
N PHE B 21 21.95 -40.96 11.70
CA PHE B 21 20.76 -40.96 10.89
C PHE B 21 20.63 -39.70 10.05
N SER B 22 19.75 -39.77 9.05
CA SER B 22 19.53 -38.72 8.08
C SER B 22 18.05 -38.65 7.74
N PHE B 23 17.58 -37.50 7.29
CA PHE B 23 16.17 -37.28 6.98
C PHE B 23 15.99 -36.88 5.54
N GLU B 24 15.08 -37.54 4.82
CA GLU B 24 14.72 -37.18 3.47
C GLU B 24 13.44 -36.34 3.48
N TYR B 25 13.48 -35.24 2.71
CA TYR B 25 12.33 -34.38 2.48
C TYR B 25 12.05 -34.30 0.99
N PHE B 26 10.79 -34.01 0.65
CA PHE B 26 10.44 -33.76 -0.74
C PHE B 26 10.01 -32.31 -0.92
N PRO B 27 10.11 -31.76 -2.15
CA PRO B 27 9.60 -30.44 -2.48
C PRO B 27 8.10 -30.37 -2.28
N PRO B 28 7.56 -29.51 -1.38
CA PRO B 28 6.11 -29.38 -1.20
C PRO B 28 5.39 -28.87 -2.44
N LYS B 29 4.06 -29.10 -2.47
CA LYS B 29 3.24 -28.74 -3.62
C LYS B 29 2.68 -27.34 -3.54
N THR B 30 2.82 -26.67 -2.39
CA THR B 30 2.25 -25.35 -2.15
C THR B 30 3.36 -24.42 -1.67
N ALA B 31 3.23 -23.12 -1.99
CA ALA B 31 4.19 -22.12 -1.52
C ALA B 31 4.22 -22.04 0.01
N GLN B 32 3.02 -22.10 0.59
CA GLN B 32 2.86 -22.14 2.04
C GLN B 32 3.48 -23.42 2.62
N GLY B 33 3.31 -24.52 1.90
CA GLY B 33 3.97 -25.77 2.22
C GLY B 33 5.49 -25.68 2.28
N VAL B 34 6.08 -24.91 1.36
CA VAL B 34 7.51 -24.74 1.31
C VAL B 34 8.00 -24.02 2.55
N GLN B 35 7.35 -22.89 2.88
CA GLN B 35 7.72 -22.12 4.06
C GLN B 35 7.63 -22.96 5.32
N ASN B 36 6.51 -23.67 5.46
CA ASN B 36 6.33 -24.56 6.59
C ASN B 36 7.40 -25.65 6.65
N LEU B 37 7.81 -26.14 5.48
CA LEU B 37 8.83 -27.17 5.45
C LEU B 37 10.15 -26.65 6.01
N TYR B 38 10.53 -25.42 5.66
CA TYR B 38 11.78 -24.86 6.19
C TYR B 38 11.77 -24.83 7.71
N ASP B 39 10.65 -24.41 8.31
CA ASP B 39 10.50 -24.42 9.76
C ASP B 39 10.67 -25.84 10.31
N ARG B 40 10.07 -26.82 9.63
CA ARG B 40 10.12 -28.19 10.10
C ARG B 40 11.55 -28.75 10.03
N MET B 41 12.26 -28.40 8.95
CA MET B 41 13.63 -28.84 8.75
C MET B 41 14.52 -28.27 9.85
N GLU B 42 14.28 -26.99 10.23
CA GLU B 42 15.00 -26.37 11.31
C GLU B 42 14.76 -27.10 12.64
N ARG B 43 13.48 -27.36 12.96
CA ARG B 43 13.14 -28.02 14.22
C ARG B 43 13.78 -29.41 14.27
N MET B 44 13.60 -30.17 13.18
CA MET B 44 14.06 -31.55 13.13
C MET B 44 15.57 -31.68 13.13
N TYR B 45 16.28 -30.63 12.70
CA TYR B 45 17.74 -30.65 12.75
C TYR B 45 18.26 -30.76 14.19
N ASN B 46 17.48 -30.32 15.17
CA ASN B 46 17.85 -30.47 16.58
C ASN B 46 17.78 -31.90 17.06
N TYR B 47 17.13 -32.81 16.33
CA TYR B 47 17.22 -34.25 16.62
C TYR B 47 18.63 -34.76 16.35
N GLY B 48 19.41 -34.02 15.58
CA GLY B 48 20.81 -34.29 15.32
C GLY B 48 21.05 -35.24 14.15
N PRO B 49 20.40 -35.08 12.96
CA PRO B 49 20.75 -35.88 11.80
C PRO B 49 22.13 -35.45 11.31
N LYS B 50 22.88 -36.38 10.73
CA LYS B 50 24.16 -36.05 10.11
C LYS B 50 23.95 -35.19 8.88
N PHE B 51 22.83 -35.41 8.18
CA PHE B 51 22.48 -34.66 7.00
C PHE B 51 21.01 -34.87 6.63
N ILE B 52 20.54 -34.11 5.65
CA ILE B 52 19.18 -34.24 5.13
C ILE B 52 19.26 -34.43 3.63
N ASP B 53 18.29 -35.14 3.06
CA ASP B 53 18.18 -35.41 1.63
C ASP B 53 17.05 -34.52 1.13
N ILE B 54 17.20 -34.01 -0.09
CA ILE B 54 16.10 -33.35 -0.76
C ILE B 54 15.88 -34.07 -2.07
N THR B 55 14.63 -34.49 -2.31
CA THR B 55 14.30 -35.34 -3.45
C THR B 55 14.19 -34.47 -4.70
N TRP B 56 14.33 -35.14 -5.84
CA TRP B 56 14.25 -34.51 -7.15
C TRP B 56 12.92 -34.82 -7.81
N GLY B 57 12.20 -33.77 -8.21
CA GLY B 57 10.93 -33.93 -8.88
C GLY B 57 11.15 -34.51 -10.28
N ALA B 58 10.55 -35.70 -10.50
CA ALA B 58 10.53 -36.38 -11.79
C ALA B 58 10.18 -35.43 -12.93
N GLY B 59 11.09 -35.34 -13.92
CA GLY B 59 10.91 -34.48 -15.07
C GLY B 59 11.70 -33.19 -14.93
N GLY B 60 11.86 -32.66 -13.71
CA GLY B 60 12.43 -31.35 -13.50
C GLY B 60 11.43 -30.22 -13.72
N ARG B 61 10.16 -30.45 -13.38
CA ARG B 61 9.15 -29.39 -13.27
C ARG B 61 9.47 -28.49 -12.07
N VAL B 62 9.64 -29.12 -10.90
CA VAL B 62 9.99 -28.50 -9.63
C VAL B 62 11.51 -28.46 -9.38
N ALA B 63 12.28 -28.58 -10.46
CA ALA B 63 13.74 -28.52 -10.40
C ALA B 63 14.21 -27.23 -9.74
N GLU B 64 13.61 -26.10 -10.13
CA GLU B 64 13.90 -24.80 -9.56
C GLU B 64 13.65 -24.82 -8.05
N LEU B 65 12.58 -25.50 -7.62
CA LEU B 65 12.22 -25.58 -6.22
C LEU B 65 13.21 -26.45 -5.43
N THR B 66 13.58 -27.61 -6.00
CA THR B 66 14.59 -28.44 -5.36
C THR B 66 15.87 -27.65 -5.12
N CYS B 67 16.33 -26.97 -6.18
CA CYS B 67 17.55 -26.17 -6.11
C CYS B 67 17.42 -25.01 -5.11
N GLU B 68 16.25 -24.35 -5.13
CA GLU B 68 15.94 -23.30 -4.19
C GLU B 68 16.12 -23.80 -2.76
N MET B 69 15.56 -24.99 -2.50
CA MET B 69 15.55 -25.59 -1.17
C MET B 69 16.93 -26.05 -0.73
N VAL B 70 17.71 -26.60 -1.66
CA VAL B 70 19.07 -26.99 -1.34
C VAL B 70 19.87 -25.76 -0.93
N VAL B 71 19.72 -24.68 -1.71
CA VAL B 71 20.38 -23.42 -1.39
C VAL B 71 19.92 -22.89 -0.03
N GLN B 72 18.59 -22.86 0.19
CA GLN B 72 18.05 -22.38 1.45
C GLN B 72 18.58 -23.21 2.63
N ALA B 73 18.58 -24.54 2.48
CA ALA B 73 18.97 -25.45 3.54
C ALA B 73 20.47 -25.37 3.81
N GLN B 74 21.28 -25.55 2.75
CA GLN B 74 22.73 -25.65 2.87
C GLN B 74 23.30 -24.26 3.18
N ALA B 75 22.96 -23.28 2.35
CA ALA B 75 23.62 -21.98 2.37
C ALA B 75 23.11 -21.05 3.49
N TYR B 76 21.81 -21.05 3.79
CA TYR B 76 21.22 -20.07 4.72
C TYR B 76 20.92 -20.71 6.08
N LEU B 77 20.27 -21.87 6.12
CA LEU B 77 19.91 -22.53 7.37
C LEU B 77 21.04 -23.38 7.93
N GLY B 78 22.15 -23.55 7.19
CA GLY B 78 23.29 -24.32 7.62
C GLY B 78 22.99 -25.80 7.90
N LEU B 79 22.21 -26.45 7.03
CA LEU B 79 21.87 -27.87 7.17
C LEU B 79 22.65 -28.63 6.10
N GLU B 80 23.38 -29.67 6.50
CA GLU B 80 24.17 -30.44 5.55
C GLU B 80 23.23 -31.22 4.65
N THR B 81 23.26 -30.96 3.33
CA THR B 81 22.31 -31.56 2.40
C THR B 81 22.96 -32.52 1.41
N CYS B 82 22.23 -33.59 1.09
CA CYS B 82 22.45 -34.44 -0.07
C CYS B 82 21.31 -34.20 -1.05
N MET B 83 21.63 -33.78 -2.26
CA MET B 83 20.61 -33.45 -3.25
C MET B 83 20.45 -34.68 -4.15
N HIS B 84 19.20 -35.14 -4.33
CA HIS B 84 18.91 -36.18 -5.30
C HIS B 84 18.87 -35.56 -6.67
N LEU B 85 19.21 -36.36 -7.69
CA LEU B 85 19.19 -35.89 -9.06
C LEU B 85 18.96 -37.06 -10.02
N THR B 86 18.01 -36.90 -10.97
CA THR B 86 17.73 -37.87 -12.02
C THR B 86 18.39 -37.42 -13.31
N CYS B 87 18.40 -38.27 -14.35
CA CYS B 87 19.05 -37.96 -15.62
C CYS B 87 18.20 -38.26 -16.86
N THR B 88 17.58 -39.45 -16.97
CA THR B 88 16.81 -39.80 -18.19
C THR B 88 15.59 -38.91 -18.42
N ASP B 89 15.02 -38.40 -17.32
CA ASP B 89 13.89 -37.49 -17.35
C ASP B 89 14.21 -36.14 -17.98
N MET B 90 15.51 -35.81 -18.12
CA MET B 90 15.98 -34.47 -18.35
C MET B 90 16.91 -34.48 -19.55
N GLY B 91 17.83 -33.53 -19.64
CA GLY B 91 18.93 -33.54 -20.59
C GLY B 91 20.17 -32.94 -19.95
N VAL B 92 21.22 -32.75 -20.76
CA VAL B 92 22.56 -32.42 -20.26
C VAL B 92 22.56 -31.04 -19.62
N GLU B 93 21.88 -30.08 -20.26
CA GLU B 93 21.85 -28.72 -19.77
C GLU B 93 21.17 -28.65 -18.41
N ARG B 94 20.02 -29.33 -18.26
CA ARG B 94 19.32 -29.34 -16.98
C ARG B 94 20.12 -30.03 -15.86
N ILE B 95 20.82 -31.12 -16.21
CA ILE B 95 21.65 -31.84 -15.25
C ILE B 95 22.77 -30.92 -14.79
N ASN B 96 23.48 -30.34 -15.75
CA ASN B 96 24.59 -29.44 -15.45
C ASN B 96 24.15 -28.24 -14.63
N ASP B 97 22.96 -27.72 -14.93
CA ASP B 97 22.39 -26.60 -14.19
C ASP B 97 22.16 -26.98 -12.73
N ALA B 98 21.56 -28.14 -12.50
CA ALA B 98 21.32 -28.62 -11.15
C ALA B 98 22.62 -28.82 -10.39
N LEU B 99 23.63 -29.42 -11.06
CA LEU B 99 24.90 -29.67 -10.39
C LEU B 99 25.58 -28.37 -10.03
N ARG B 100 25.56 -27.40 -10.95
CA ARG B 100 26.13 -26.08 -10.72
C ARG B 100 25.44 -25.40 -9.53
N LYS B 101 24.11 -25.50 -9.45
CA LYS B 101 23.38 -24.93 -8.32
C LYS B 101 23.78 -25.60 -7.00
N ALA B 102 23.84 -26.93 -6.99
CA ALA B 102 24.23 -27.67 -5.79
C ALA B 102 25.66 -27.31 -5.36
N TYR B 103 26.53 -27.15 -6.37
CA TYR B 103 27.90 -26.69 -6.16
C TYR B 103 27.93 -25.33 -5.46
N LYS B 104 27.25 -24.34 -6.04
CA LYS B 104 27.25 -23.00 -5.49
C LYS B 104 26.59 -22.96 -4.10
N ALA B 105 25.64 -23.86 -3.85
CA ALA B 105 24.95 -23.93 -2.57
C ALA B 105 25.84 -24.44 -1.45
N GLY B 106 26.97 -25.10 -1.77
CA GLY B 106 27.81 -25.73 -0.79
C GLY B 106 27.43 -27.18 -0.52
N CYS B 107 26.58 -27.78 -1.36
CA CYS B 107 26.28 -29.19 -1.27
C CYS B 107 27.50 -29.99 -1.75
N THR B 108 27.87 -31.05 -1.05
CA THR B 108 28.99 -31.92 -1.45
C THR B 108 28.56 -33.38 -1.56
N ASN B 109 27.24 -33.64 -1.65
CA ASN B 109 26.72 -34.99 -1.71
C ASN B 109 25.52 -35.05 -2.65
N ILE B 110 25.60 -35.92 -3.66
CA ILE B 110 24.57 -36.10 -4.66
C ILE B 110 24.09 -37.53 -4.56
N LEU B 111 22.78 -37.76 -4.61
CA LEU B 111 22.24 -39.08 -4.87
C LEU B 111 21.92 -39.15 -6.35
N ALA B 112 22.69 -39.97 -7.10
CA ALA B 112 22.60 -40.04 -8.55
C ALA B 112 21.60 -41.12 -8.95
N LEU B 113 20.54 -40.71 -9.65
CA LEU B 113 19.41 -41.57 -10.00
C LEU B 113 19.11 -41.48 -11.47
N ARG B 114 18.46 -42.51 -11.99
CA ARG B 114 18.05 -42.53 -13.38
C ARG B 114 16.79 -41.69 -13.54
N GLY B 115 15.85 -41.87 -12.60
CA GLY B 115 14.47 -41.48 -12.82
C GLY B 115 13.83 -42.44 -13.83
N ASP B 116 12.62 -42.10 -14.29
CA ASP B 116 11.86 -42.97 -15.18
C ASP B 116 12.03 -42.52 -16.62
N PRO B 117 12.33 -43.43 -17.57
CA PRO B 117 12.37 -43.07 -18.99
C PRO B 117 11.02 -42.56 -19.48
N PRO B 118 10.97 -41.68 -20.51
CA PRO B 118 9.69 -41.27 -21.10
C PRO B 118 8.95 -42.47 -21.70
N ARG B 119 7.62 -42.44 -21.64
CA ARG B 119 6.79 -43.48 -22.23
C ARG B 119 6.88 -43.48 -23.76
N ASP B 120 6.98 -42.29 -24.38
CA ASP B 120 6.93 -42.14 -25.82
C ASP B 120 8.17 -42.68 -26.54
N LYS B 121 9.37 -42.38 -26.03
CA LYS B 121 10.64 -42.88 -26.55
C LYS B 121 11.13 -42.17 -27.81
N GLU B 122 10.24 -41.75 -28.71
CA GLU B 122 10.54 -40.87 -29.83
C GLU B 122 11.15 -39.56 -29.33
N LYS B 123 10.62 -39.06 -28.19
CA LYS B 123 11.07 -37.84 -27.56
C LYS B 123 11.90 -38.18 -26.33
N TRP B 124 13.05 -38.84 -26.56
CA TRP B 124 13.97 -39.22 -25.47
C TRP B 124 15.35 -38.57 -25.65
N GLU B 125 15.47 -37.30 -25.27
CA GLU B 125 16.70 -36.51 -25.42
C GLU B 125 17.90 -37.09 -24.65
N ALA B 126 17.66 -37.49 -23.40
CA ALA B 126 18.75 -37.88 -22.50
C ALA B 126 19.55 -39.06 -23.07
N ALA B 127 18.84 -40.04 -23.66
CA ALA B 127 19.50 -41.18 -24.32
C ALA B 127 20.34 -40.73 -25.50
N LYS B 128 19.84 -39.74 -26.23
CA LYS B 128 20.60 -39.04 -27.27
C LYS B 128 21.84 -38.37 -26.69
N ASP B 129 21.73 -37.92 -25.43
CA ASP B 129 22.80 -37.24 -24.73
C ASP B 129 23.71 -38.20 -23.98
N GLY B 130 23.37 -39.50 -23.95
CA GLY B 130 24.16 -40.52 -23.27
C GLY B 130 23.84 -40.61 -21.77
N PHE B 131 22.56 -40.44 -21.42
CA PHE B 131 22.06 -40.58 -20.04
C PHE B 131 20.90 -41.57 -20.02
N ARG B 132 21.22 -42.84 -20.28
CA ARG B 132 20.23 -43.91 -20.30
C ARG B 132 20.04 -44.50 -18.91
N TYR B 133 21.12 -44.53 -18.11
CA TYR B 133 21.15 -45.19 -16.81
C TYR B 133 21.83 -44.29 -15.80
N ALA B 134 21.54 -44.54 -14.50
CA ALA B 134 22.18 -43.80 -13.42
C ALA B 134 23.71 -43.84 -13.46
N LYS B 135 24.29 -44.95 -13.95
CA LYS B 135 25.73 -45.06 -14.09
C LYS B 135 26.29 -43.91 -14.91
N ASP B 136 25.54 -43.47 -15.91
CA ASP B 136 25.98 -42.39 -16.79
C ASP B 136 26.06 -41.07 -16.04
N LEU B 137 25.10 -40.82 -15.13
CA LEU B 137 25.16 -39.64 -14.30
C LEU B 137 26.31 -39.70 -13.29
N VAL B 138 26.57 -40.88 -12.73
CA VAL B 138 27.69 -41.05 -11.80
C VAL B 138 28.99 -40.70 -12.51
N ALA B 139 29.18 -41.28 -13.70
CA ALA B 139 30.35 -40.99 -14.50
C ALA B 139 30.47 -39.50 -14.83
N HIS B 140 29.34 -38.87 -15.13
CA HIS B 140 29.32 -37.48 -15.56
C HIS B 140 29.77 -36.57 -14.41
N ILE B 141 29.22 -36.82 -13.22
CA ILE B 141 29.54 -36.02 -12.06
C ILE B 141 31.02 -36.16 -11.77
N ARG B 142 31.54 -37.38 -11.80
CA ARG B 142 32.97 -37.60 -11.59
C ARG B 142 33.85 -36.90 -12.62
N LYS B 143 33.44 -36.89 -13.88
CA LYS B 143 34.20 -36.23 -14.94
C LYS B 143 34.25 -34.71 -14.76
N GLU B 144 33.11 -34.11 -14.45
CA GLU B 144 32.98 -32.66 -14.41
C GLU B 144 33.40 -32.08 -13.08
N TYR B 145 33.18 -32.81 -11.97
CA TYR B 145 33.46 -32.29 -10.63
C TYR B 145 34.51 -33.09 -9.89
N GLY B 146 35.10 -34.14 -10.51
CA GLY B 146 36.12 -34.93 -9.85
C GLY B 146 35.61 -35.57 -8.55
N ASP B 147 36.27 -35.27 -7.43
CA ASP B 147 35.94 -35.77 -6.11
C ASP B 147 35.07 -34.80 -5.34
N HIS B 148 34.69 -33.65 -5.92
CA HIS B 148 33.99 -32.62 -5.15
C HIS B 148 32.74 -33.19 -4.48
N PHE B 149 31.91 -33.90 -5.25
CA PHE B 149 30.71 -34.52 -4.77
C PHE B 149 30.97 -35.98 -4.46
N ASP B 150 30.57 -36.41 -3.25
CA ASP B 150 30.33 -37.80 -2.99
C ASP B 150 28.99 -38.19 -3.60
N ILE B 151 28.91 -39.39 -4.16
CA ILE B 151 27.77 -39.82 -4.94
C ILE B 151 27.19 -41.08 -4.32
N GLY B 152 25.88 -41.05 -4.03
CA GLY B 152 25.11 -42.23 -3.64
C GLY B 152 24.36 -42.80 -4.85
N VAL B 153 23.96 -44.07 -4.76
CA VAL B 153 23.09 -44.67 -5.76
C VAL B 153 22.01 -45.48 -5.07
N ALA B 154 20.96 -45.77 -5.84
CA ALA B 154 19.79 -46.46 -5.32
C ALA B 154 20.07 -47.97 -5.32
N GLY B 155 19.70 -48.63 -4.21
CA GLY B 155 19.66 -50.08 -4.11
C GLY B 155 18.25 -50.60 -3.85
N TYR B 156 17.95 -51.83 -4.27
CA TYR B 156 16.59 -52.39 -4.23
C TYR B 156 16.57 -53.79 -3.62
N PRO B 157 16.38 -53.92 -2.28
CA PRO B 157 16.29 -55.23 -1.63
C PRO B 157 15.20 -56.17 -2.12
N GLU B 158 14.07 -55.61 -2.58
CA GLU B 158 12.92 -56.40 -3.01
C GLU B 158 12.69 -56.22 -4.50
N GLY B 159 13.77 -56.13 -5.30
CA GLY B 159 13.66 -56.17 -6.75
C GLY B 159 13.52 -54.74 -7.28
N CYS B 160 12.29 -54.28 -7.57
CA CYS B 160 12.00 -52.90 -7.96
C CYS B 160 12.80 -52.45 -9.21
N ASP B 161 13.38 -51.23 -9.21
CA ASP B 161 14.09 -50.68 -10.36
C ASP B 161 13.11 -50.59 -11.53
N ASP B 162 13.28 -51.39 -12.57
CA ASP B 162 12.30 -51.63 -13.63
C ASP B 162 11.89 -53.09 -13.65
N ASN B 163 12.82 -54.01 -13.32
CA ASN B 163 12.57 -55.43 -13.29
C ASN B 163 13.27 -56.03 -12.07
N LYS B 164 12.63 -57.04 -11.45
CA LYS B 164 13.14 -57.72 -10.26
C LYS B 164 14.07 -58.89 -10.60
N ASP B 165 14.33 -59.13 -11.91
CA ASP B 165 15.10 -60.25 -12.39
C ASP B 165 16.00 -60.88 -11.33
N GLU B 166 16.78 -60.04 -10.60
CA GLU B 166 17.67 -60.47 -9.54
C GLU B 166 18.99 -60.59 -10.27
N ASP B 167 20.12 -60.61 -9.56
CA ASP B 167 21.43 -61.00 -10.10
C ASP B 167 21.92 -60.12 -11.23
N LEU B 168 21.16 -59.95 -12.29
CA LEU B 168 21.32 -58.89 -13.27
C LEU B 168 21.27 -57.51 -12.58
N LEU B 169 20.32 -57.35 -11.66
CA LEU B 169 20.18 -56.16 -10.86
C LEU B 169 21.45 -55.81 -10.07
N LEU B 170 22.09 -56.83 -9.49
CA LEU B 170 23.31 -56.66 -8.72
C LEU B 170 24.50 -56.39 -9.62
N ASP B 171 24.55 -57.01 -10.79
CA ASP B 171 25.54 -56.66 -11.81
C ASP B 171 25.45 -55.19 -12.18
N HIS B 172 24.23 -54.72 -12.42
CA HIS B 172 23.97 -53.32 -12.77
C HIS B 172 24.31 -52.36 -11.64
N LEU B 173 24.02 -52.80 -10.40
CA LEU B 173 24.37 -52.03 -9.22
C LEU B 173 25.89 -51.90 -9.10
N LYS B 174 26.60 -53.01 -9.39
CA LYS B 174 28.05 -53.00 -9.32
C LYS B 174 28.63 -52.07 -10.38
N GLU B 175 28.07 -52.07 -11.60
CA GLU B 175 28.49 -51.13 -12.64
C GLU B 175 28.41 -49.69 -12.14
N LYS B 176 27.25 -49.31 -11.56
CA LYS B 176 27.07 -47.94 -11.11
C LYS B 176 28.02 -47.61 -9.98
N VAL B 177 28.20 -48.51 -9.01
CA VAL B 177 29.11 -48.23 -7.90
C VAL B 177 30.53 -48.04 -8.43
N ASP B 178 30.94 -48.89 -9.37
CA ASP B 178 32.27 -48.84 -9.96
C ASP B 178 32.50 -47.62 -10.84
N MET B 179 31.45 -46.90 -11.24
CA MET B 179 31.61 -45.64 -11.93
C MET B 179 32.07 -44.52 -11.00
N GLY B 180 31.90 -44.72 -9.70
CA GLY B 180 32.43 -43.80 -8.70
C GLY B 180 31.42 -43.38 -7.65
N ALA B 181 30.52 -44.30 -7.25
CA ALA B 181 29.59 -44.06 -6.17
C ALA B 181 30.20 -44.57 -4.88
N GLY B 182 30.10 -43.79 -3.81
CA GLY B 182 30.67 -44.08 -2.52
C GLY B 182 29.71 -44.79 -1.58
N PHE B 183 28.40 -44.77 -1.87
CA PHE B 183 27.44 -45.44 -1.00
C PHE B 183 26.15 -45.77 -1.74
N ILE B 184 25.36 -46.67 -1.09
CA ILE B 184 24.06 -47.11 -1.58
C ILE B 184 23.00 -46.67 -0.60
N VAL B 185 21.86 -46.19 -1.12
CA VAL B 185 20.68 -45.95 -0.30
C VAL B 185 19.58 -46.86 -0.83
N THR B 186 18.94 -47.62 0.06
CA THR B 186 17.93 -48.58 -0.37
C THR B 186 16.57 -47.89 -0.46
N GLN B 187 15.73 -48.45 -1.34
CA GLN B 187 14.31 -48.20 -1.31
C GLN B 187 13.77 -48.70 0.04
N MET B 188 12.62 -48.15 0.44
CA MET B 188 11.96 -48.56 1.67
C MET B 188 11.67 -50.07 1.66
N PHE B 189 11.64 -50.65 2.85
CA PHE B 189 11.29 -52.05 3.04
C PHE B 189 10.74 -52.21 4.45
N TYR B 190 10.00 -53.28 4.69
CA TYR B 190 9.58 -53.69 6.04
C TYR B 190 9.93 -55.14 6.37
N ASP B 191 10.49 -55.87 5.39
CA ASP B 191 10.95 -57.23 5.59
C ASP B 191 12.46 -57.21 5.84
N VAL B 192 12.83 -57.16 7.11
CA VAL B 192 14.23 -57.02 7.52
C VAL B 192 15.05 -58.25 7.20
N ASP B 193 14.45 -59.44 7.27
CA ASP B 193 15.18 -60.67 6.96
C ASP B 193 15.62 -60.67 5.50
N ASN B 194 14.68 -60.31 4.60
CA ASN B 194 15.00 -60.20 3.19
C ASN B 194 16.08 -59.14 2.96
N PHE B 195 15.98 -58.02 3.67
CA PHE B 195 16.98 -56.96 3.57
C PHE B 195 18.38 -57.45 3.94
N LEU B 196 18.50 -58.17 5.06
CA LEU B 196 19.78 -58.64 5.54
C LEU B 196 20.38 -59.71 4.63
N ARG B 197 19.51 -60.53 4.03
CA ARG B 197 19.91 -61.51 3.03
C ARG B 197 20.44 -60.79 1.77
N TRP B 198 19.71 -59.74 1.35
CA TRP B 198 20.13 -58.90 0.24
C TRP B 198 21.51 -58.29 0.47
N VAL B 199 21.73 -57.76 1.68
CA VAL B 199 23.03 -57.19 2.03
C VAL B 199 24.13 -58.21 1.81
N LYS B 200 23.90 -59.44 2.31
CA LYS B 200 24.84 -60.53 2.12
C LYS B 200 25.14 -60.76 0.64
N LYS B 201 24.08 -60.74 -0.18
CA LYS B 201 24.22 -60.93 -1.62
C LYS B 201 25.05 -59.81 -2.25
N VAL B 202 24.81 -58.57 -1.79
CA VAL B 202 25.49 -57.40 -2.30
C VAL B 202 26.99 -57.52 -2.04
N ARG B 203 27.35 -57.88 -0.80
CA ARG B 203 28.75 -58.04 -0.43
C ARG B 203 29.41 -59.19 -1.19
N GLU B 204 28.70 -60.31 -1.34
CA GLU B 204 29.20 -61.47 -2.08
C GLU B 204 29.45 -61.16 -3.55
N ARG B 205 28.71 -60.17 -4.11
CA ARG B 205 28.90 -59.76 -5.48
C ARG B 205 30.12 -58.86 -5.63
N GLY B 206 30.74 -58.47 -4.50
CA GLY B 206 31.96 -57.68 -4.48
C GLY B 206 31.67 -56.18 -4.45
N ILE B 207 30.56 -55.79 -3.81
CA ILE B 207 30.15 -54.41 -3.63
C ILE B 207 30.36 -54.13 -2.15
N SER B 208 31.34 -53.28 -1.82
CA SER B 208 31.81 -53.06 -0.46
C SER B 208 31.43 -51.70 0.11
N VAL B 209 30.91 -50.79 -0.72
CA VAL B 209 30.55 -49.47 -0.27
C VAL B 209 29.47 -49.54 0.83
N PRO B 210 29.40 -48.58 1.77
CA PRO B 210 28.40 -48.60 2.82
C PRO B 210 26.95 -48.60 2.32
N ILE B 211 26.10 -49.41 2.97
CA ILE B 211 24.68 -49.53 2.63
C ILE B 211 23.88 -48.72 3.64
N VAL B 212 22.96 -47.90 3.13
CA VAL B 212 22.10 -47.08 3.96
C VAL B 212 20.67 -47.59 3.77
N PRO B 213 20.03 -48.18 4.79
CA PRO B 213 18.64 -48.60 4.71
C PRO B 213 17.69 -47.40 4.71
N GLY B 214 16.75 -47.41 3.76
CA GLY B 214 15.63 -46.49 3.71
C GLY B 214 14.53 -46.96 4.66
N ILE B 215 14.29 -46.18 5.71
CA ILE B 215 13.30 -46.48 6.72
C ILE B 215 12.16 -45.52 6.55
N MET B 216 10.93 -46.05 6.44
CA MET B 216 9.76 -45.22 6.46
C MET B 216 8.94 -45.46 7.71
N PRO B 217 8.95 -44.49 8.66
CA PRO B 217 8.05 -44.52 9.80
C PRO B 217 6.58 -44.50 9.36
N ILE B 218 5.71 -45.09 10.17
CA ILE B 218 4.28 -45.15 9.90
C ILE B 218 3.64 -43.90 10.48
N ALA B 219 3.27 -42.95 9.61
CA ALA B 219 2.52 -41.75 10.00
C ALA B 219 1.02 -42.04 10.08
N THR B 220 0.48 -42.70 9.04
CA THR B 220 -0.94 -43.01 8.90
C THR B 220 -1.08 -44.40 8.27
N TYR B 221 -2.17 -45.10 8.58
CA TYR B 221 -2.40 -46.42 8.02
C TYR B 221 -2.51 -46.37 6.49
N ALA B 222 -3.21 -45.36 5.97
CA ALA B 222 -3.46 -45.25 4.54
C ALA B 222 -2.16 -45.04 3.78
N SER B 223 -1.35 -44.07 4.21
CA SER B 223 -0.09 -43.78 3.52
C SER B 223 0.88 -44.96 3.62
N PHE B 224 0.85 -45.64 4.77
CA PHE B 224 1.64 -46.85 5.01
C PHE B 224 1.34 -47.92 3.95
N LEU B 225 0.06 -48.31 3.83
CA LEU B 225 -0.36 -49.29 2.85
C LEU B 225 -0.12 -48.84 1.42
N ARG B 226 -0.53 -47.61 1.11
CA ARG B 226 -0.50 -47.12 -0.25
C ARG B 226 0.94 -47.06 -0.77
N ARG B 227 1.84 -46.58 0.09
CA ARG B 227 3.25 -46.49 -0.27
C ARG B 227 3.89 -47.88 -0.39
N ALA B 228 3.53 -48.79 0.51
CA ALA B 228 4.03 -50.16 0.45
C ALA B 228 3.58 -50.88 -0.82
N ASN B 229 2.27 -50.89 -1.09
CA ASN B 229 1.69 -51.52 -2.26
C ASN B 229 2.23 -50.94 -3.56
N HIS B 230 2.45 -49.61 -3.57
CA HIS B 230 2.96 -48.94 -4.76
C HIS B 230 4.42 -49.32 -5.02
N MET B 231 5.22 -49.38 -3.94
CA MET B 231 6.62 -49.80 -4.06
C MET B 231 6.74 -51.32 -4.14
N LYS B 232 5.61 -52.07 -4.12
CA LYS B 232 5.60 -53.51 -4.10
C LYS B 232 6.54 -54.03 -3.01
N CYS B 233 6.08 -53.97 -1.76
CA CYS B 233 6.93 -53.95 -0.59
C CYS B 233 6.26 -54.78 0.51
N LYS B 234 6.74 -56.01 0.70
CA LYS B 234 6.11 -56.97 1.62
C LYS B 234 5.99 -56.35 3.02
N ILE B 235 4.75 -56.27 3.52
CA ILE B 235 4.48 -55.98 4.92
C ILE B 235 4.34 -57.32 5.65
N PRO B 236 5.10 -57.60 6.73
CA PRO B 236 4.85 -58.79 7.55
C PRO B 236 3.39 -58.95 8.03
N GLU B 237 2.89 -60.18 8.04
CA GLU B 237 1.56 -60.49 8.57
C GLU B 237 1.47 -60.12 10.03
N GLU B 238 2.56 -60.31 10.79
CA GLU B 238 2.71 -59.84 12.17
C GLU B 238 2.24 -58.38 12.35
N TRP B 239 2.67 -57.51 11.42
CA TRP B 239 2.42 -56.08 11.49
C TRP B 239 0.96 -55.80 11.16
N MET B 240 0.51 -56.34 10.02
CA MET B 240 -0.87 -56.16 9.55
C MET B 240 -1.86 -56.60 10.62
N ALA B 241 -1.57 -57.76 11.22
CA ALA B 241 -2.37 -58.31 12.31
C ALA B 241 -2.44 -57.36 13.49
N LYS B 242 -1.30 -56.78 13.87
CA LYS B 242 -1.21 -55.93 15.05
C LYS B 242 -1.90 -54.58 14.83
N LEU B 243 -1.92 -54.11 13.56
CA LEU B 243 -2.53 -52.82 13.21
C LEU B 243 -4.03 -52.92 12.97
N GLU B 244 -4.52 -54.10 12.50
CA GLU B 244 -5.92 -54.30 12.13
C GLU B 244 -6.94 -53.87 13.20
N PRO B 245 -6.75 -54.22 14.48
CA PRO B 245 -7.64 -53.76 15.56
C PRO B 245 -7.94 -52.26 15.60
N VAL B 246 -6.99 -51.43 15.12
CA VAL B 246 -7.06 -49.98 15.25
C VAL B 246 -6.70 -49.26 13.97
N LYS B 247 -6.89 -49.88 12.80
CA LYS B 247 -6.48 -49.28 11.52
C LYS B 247 -7.10 -47.90 11.22
N ASN B 248 -8.31 -47.64 11.73
CA ASN B 248 -8.99 -46.38 11.42
C ASN B 248 -8.64 -45.27 12.38
N ASP B 249 -7.90 -45.56 13.45
CA ASP B 249 -7.40 -44.52 14.34
C ASP B 249 -5.90 -44.38 14.13
N ASP B 250 -5.49 -43.29 13.48
CA ASP B 250 -4.09 -43.10 13.12
C ASP B 250 -3.20 -42.78 14.31
N VAL B 251 -3.76 -42.27 15.41
CA VAL B 251 -2.97 -42.08 16.63
C VAL B 251 -2.51 -43.44 17.12
N ALA B 252 -3.44 -44.40 17.16
CA ALA B 252 -3.16 -45.74 17.63
C ALA B 252 -2.25 -46.50 16.67
N VAL B 253 -2.51 -46.31 15.36
CA VAL B 253 -1.68 -46.89 14.31
C VAL B 253 -0.23 -46.43 14.48
N ARG B 254 -0.05 -45.12 14.66
CA ARG B 254 1.28 -44.54 14.79
C ARG B 254 1.99 -45.03 16.05
N GLU B 255 1.26 -45.19 17.15
CA GLU B 255 1.81 -45.76 18.38
C GLU B 255 2.36 -47.17 18.19
N ILE B 256 1.58 -48.02 17.52
CA ILE B 256 2.00 -49.40 17.26
C ILE B 256 3.17 -49.40 16.27
N GLY B 257 3.06 -48.56 15.23
CA GLY B 257 4.05 -48.48 14.17
C GLY B 257 5.43 -48.01 14.66
N LYS B 258 5.42 -47.11 15.66
CA LYS B 258 6.62 -46.70 16.38
C LYS B 258 7.41 -47.93 16.78
N THR B 259 6.74 -48.86 17.46
CA THR B 259 7.36 -50.05 18.00
C THR B 259 7.79 -51.00 16.88
N LEU B 260 6.92 -51.21 15.89
CA LEU B 260 7.21 -52.09 14.78
C LEU B 260 8.51 -51.69 14.07
N VAL B 261 8.57 -50.41 13.69
CA VAL B 261 9.69 -49.87 12.94
C VAL B 261 10.94 -49.80 13.82
N ALA B 262 10.79 -49.40 15.06
CA ALA B 262 11.92 -49.32 15.98
C ALA B 262 12.57 -50.69 16.17
N ASP B 263 11.72 -51.73 16.33
CA ASP B 263 12.18 -53.10 16.43
C ASP B 263 12.96 -53.53 15.19
N MET B 264 12.46 -53.11 14.03
CA MET B 264 13.12 -53.42 12.77
C MET B 264 14.49 -52.75 12.71
N CYS B 265 14.53 -51.47 13.10
CA CYS B 265 15.76 -50.71 13.16
C CYS B 265 16.80 -51.35 14.08
N ARG B 266 16.36 -51.87 15.25
CA ARG B 266 17.27 -52.54 16.18
C ARG B 266 17.89 -53.79 15.55
N LYS B 267 17.09 -54.52 14.77
CA LYS B 267 17.57 -55.71 14.08
C LYS B 267 18.63 -55.32 13.05
N ILE B 268 18.45 -54.16 12.40
CA ILE B 268 19.40 -53.65 11.43
C ILE B 268 20.70 -53.22 12.11
N LEU B 269 20.59 -52.46 13.22
CA LEU B 269 21.73 -51.98 14.00
C LEU B 269 22.57 -53.13 14.56
N ASP B 270 21.90 -54.14 15.11
CA ASP B 270 22.55 -55.35 15.61
C ASP B 270 23.24 -56.14 14.51
N ALA B 271 22.77 -56.00 13.26
CA ALA B 271 23.41 -56.61 12.11
C ALA B 271 24.64 -55.85 11.66
N GLY B 272 24.91 -54.67 12.25
CA GLY B 272 26.10 -53.90 11.96
C GLY B 272 25.89 -52.84 10.89
N ILE B 273 24.64 -52.57 10.51
CA ILE B 273 24.29 -51.49 9.61
C ILE B 273 23.87 -50.32 10.46
N ARG B 274 24.68 -49.26 10.50
CA ARG B 274 24.63 -48.28 11.59
C ARG B 274 24.05 -46.93 11.24
N HIS B 275 23.81 -46.62 9.97
CA HIS B 275 23.23 -45.34 9.59
C HIS B 275 21.81 -45.57 9.10
N LEU B 276 20.84 -44.84 9.66
CA LEU B 276 19.44 -45.00 9.29
C LEU B 276 19.00 -43.77 8.50
N HIS B 277 18.38 -44.01 7.33
CA HIS B 277 17.87 -42.95 6.49
C HIS B 277 16.36 -42.93 6.55
N PHE B 278 15.78 -41.91 7.20
CA PHE B 278 14.33 -41.82 7.39
C PHE B 278 13.63 -41.03 6.30
N TYR B 279 12.68 -41.67 5.60
CA TYR B 279 11.73 -40.98 4.74
C TYR B 279 10.68 -40.32 5.62
N THR B 280 10.77 -39.01 5.84
CA THR B 280 9.91 -38.29 6.77
C THR B 280 8.55 -38.00 6.16
N MET B 281 8.46 -37.98 4.81
CA MET B 281 7.30 -37.48 4.12
C MET B 281 6.92 -36.07 4.57
N ASN B 282 7.94 -35.26 4.89
CA ASN B 282 7.77 -33.92 5.41
C ASN B 282 6.94 -33.83 6.69
N LEU B 283 6.95 -34.90 7.51
CA LEU B 283 6.35 -34.91 8.84
C LEU B 283 7.44 -35.22 9.87
N ALA B 284 7.27 -34.72 11.09
CA ALA B 284 8.29 -34.86 12.14
C ALA B 284 8.01 -36.00 13.11
N GLN B 285 6.75 -36.31 13.37
CA GLN B 285 6.32 -36.94 14.62
C GLN B 285 6.75 -38.42 14.60
N ALA B 286 6.41 -39.15 13.55
CA ALA B 286 6.70 -40.58 13.48
C ALA B 286 8.19 -40.87 13.52
N THR B 287 8.98 -40.03 12.86
CA THR B 287 10.43 -40.13 12.90
C THR B 287 10.96 -39.88 14.31
N ARG B 288 10.50 -38.78 14.93
CA ARG B 288 10.83 -38.46 16.31
C ARG B 288 10.55 -39.67 17.23
N MET B 289 9.39 -40.28 17.02
CA MET B 289 8.90 -41.35 17.89
C MET B 289 9.80 -42.58 17.80
N VAL B 290 10.19 -42.93 16.57
CA VAL B 290 11.11 -44.04 16.35
C VAL B 290 12.46 -43.74 17.01
N LEU B 291 12.94 -42.50 16.90
CA LEU B 291 14.22 -42.13 17.49
C LEU B 291 14.17 -42.18 19.01
N GLU B 292 13.05 -41.77 19.61
CA GLU B 292 12.85 -41.90 21.05
C GLU B 292 12.96 -43.37 21.45
N GLU B 293 12.30 -44.23 20.67
CA GLU B 293 12.31 -45.66 20.96
C GLU B 293 13.72 -46.28 20.87
N LEU B 294 14.56 -45.75 19.97
CA LEU B 294 15.95 -46.18 19.86
C LEU B 294 16.88 -45.48 20.85
N ASN B 295 16.38 -44.55 21.68
CA ASN B 295 17.21 -43.69 22.50
C ASN B 295 18.27 -42.97 21.68
N TRP B 296 17.86 -42.36 20.56
CA TRP B 296 18.73 -41.63 19.65
C TRP B 296 18.48 -40.13 19.63
N LEU B 297 17.58 -39.62 20.49
CA LEU B 297 17.40 -38.20 20.66
C LEU B 297 18.41 -37.65 21.65
N PRO B 298 18.94 -36.42 21.44
CA PRO B 298 19.96 -35.85 22.34
C PRO B 298 19.46 -35.31 23.69
N GLN B 340 4.22 -28.25 16.50
CA GLN B 340 3.48 -28.13 15.22
C GLN B 340 3.01 -29.53 14.77
N ASP B 341 1.93 -29.99 15.38
CA ASP B 341 1.28 -31.27 15.09
C ASP B 341 -0.04 -31.07 14.40
N TRP B 342 -0.31 -29.87 13.87
CA TRP B 342 -1.59 -29.55 13.28
C TRP B 342 -1.85 -30.33 12.00
N ASP B 343 -0.77 -30.72 11.30
CA ASP B 343 -0.84 -31.50 10.07
C ASP B 343 -0.23 -32.90 10.23
N GLU B 344 -0.15 -33.40 11.46
CA GLU B 344 0.35 -34.74 11.76
C GLU B 344 -0.28 -35.87 10.94
N PHE B 345 -1.54 -35.72 10.53
CA PHE B 345 -2.29 -36.75 9.83
C PHE B 345 -2.76 -36.24 8.48
N PRO B 346 -1.91 -36.29 7.42
CA PRO B 346 -2.33 -35.94 6.06
C PRO B 346 -3.29 -36.96 5.48
N ASN B 347 -3.92 -36.59 4.38
CA ASN B 347 -4.98 -37.36 3.75
C ASN B 347 -4.85 -37.23 2.23
N GLY B 348 -3.65 -37.53 1.72
CA GLY B 348 -3.34 -37.41 0.32
C GLY B 348 -3.57 -35.99 -0.19
N ARG B 349 -4.37 -35.86 -1.26
CA ARG B 349 -4.67 -34.55 -1.84
C ARG B 349 -5.86 -33.87 -1.15
N TRP B 350 -6.42 -34.49 -0.12
CA TRP B 350 -7.58 -33.99 0.58
C TRP B 350 -7.28 -33.26 1.88
N GLY B 351 -6.05 -33.37 2.40
CA GLY B 351 -5.67 -32.69 3.63
C GLY B 351 -5.36 -31.22 3.38
N ASP B 352 -4.83 -30.55 4.42
CA ASP B 352 -4.54 -29.12 4.31
C ASP B 352 -3.37 -28.92 3.35
N SER B 353 -3.56 -28.10 2.32
CA SER B 353 -2.54 -27.83 1.32
C SER B 353 -1.40 -26.95 1.87
N ARG B 354 -1.59 -26.35 3.04
CA ARG B 354 -0.53 -25.61 3.71
C ARG B 354 0.54 -26.52 4.31
N SER B 355 0.20 -27.80 4.52
CA SER B 355 1.12 -28.76 5.09
C SER B 355 2.22 -29.08 4.08
N PRO B 356 3.50 -29.12 4.51
CA PRO B 356 4.59 -29.73 3.72
C PRO B 356 4.26 -31.13 3.19
N ALA B 357 3.53 -31.90 4.01
CA ALA B 357 3.18 -33.27 3.70
C ALA B 357 2.02 -33.44 2.72
N PHE B 358 1.45 -32.35 2.22
CA PHE B 358 0.31 -32.45 1.31
C PHE B 358 0.65 -33.17 0.00
N GLY B 359 -0.33 -33.91 -0.51
CA GLY B 359 -0.28 -34.56 -1.83
C GLY B 359 -0.24 -36.07 -1.72
N GLU B 360 -0.44 -36.75 -2.86
CA GLU B 360 -0.43 -38.21 -2.97
C GLU B 360 1.01 -38.66 -3.23
N LEU B 361 1.64 -39.26 -2.21
CA LEU B 361 3.10 -39.32 -2.12
C LEU B 361 3.62 -40.71 -2.40
N ASP B 362 3.73 -41.07 -3.70
CA ASP B 362 4.63 -42.14 -4.06
C ASP B 362 5.33 -41.97 -5.40
N ALA B 363 6.54 -42.58 -5.52
CA ALA B 363 7.30 -42.69 -6.74
C ALA B 363 7.69 -41.32 -7.29
N TYR B 364 7.90 -40.37 -6.36
CA TYR B 364 8.75 -39.21 -6.60
C TYR B 364 8.12 -38.20 -7.56
N GLY B 365 6.77 -38.23 -7.63
CA GLY B 365 5.97 -37.38 -8.47
C GLY B 365 5.64 -37.93 -9.87
N VAL B 366 5.97 -39.21 -10.14
CA VAL B 366 6.32 -39.61 -11.50
C VAL B 366 5.11 -39.57 -12.44
N GLY B 367 3.94 -40.09 -12.03
CA GLY B 367 2.93 -40.53 -12.99
C GLY B 367 2.51 -41.97 -12.77
N LEU B 368 2.23 -42.72 -13.85
CA LEU B 368 1.74 -44.09 -13.79
C LEU B 368 2.90 -45.04 -13.63
N THR B 369 2.64 -46.23 -13.06
CA THR B 369 3.67 -47.13 -12.54
C THR B 369 4.35 -48.02 -13.60
N GLY B 370 3.59 -48.95 -14.23
CA GLY B 370 4.16 -50.10 -14.92
C GLY B 370 4.72 -49.78 -16.31
N SER B 371 5.14 -50.83 -17.03
CA SER B 371 5.52 -50.74 -18.43
C SER B 371 4.31 -50.34 -19.27
N ASN B 372 4.55 -49.70 -20.41
CA ASN B 372 3.50 -49.43 -21.39
C ASN B 372 2.72 -50.71 -21.71
N GLU B 373 3.45 -51.83 -21.89
CA GLU B 373 2.85 -53.14 -22.10
C GLU B 373 1.90 -53.52 -20.95
N GLN B 374 2.38 -53.39 -19.71
CA GLN B 374 1.62 -53.78 -18.53
C GLN B 374 0.34 -52.95 -18.40
N ASN B 375 0.46 -51.64 -18.68
CA ASN B 375 -0.67 -50.72 -18.61
C ASN B 375 -1.71 -50.98 -19.69
N ARG B 376 -1.24 -51.31 -20.91
CA ARG B 376 -2.15 -51.77 -21.96
C ARG B 376 -2.85 -53.06 -21.55
N GLU B 377 -2.12 -53.95 -20.83
CA GLU B 377 -2.65 -55.23 -20.38
C GLU B 377 -3.76 -55.05 -19.35
N ARG B 378 -3.58 -54.12 -18.42
CA ARG B 378 -4.58 -53.91 -17.37
C ARG B 378 -5.72 -52.95 -17.72
N TRP B 379 -5.49 -51.95 -18.56
CA TRP B 379 -6.52 -50.98 -18.92
C TRP B 379 -7.03 -51.17 -20.34
N GLY B 380 -6.53 -52.21 -21.02
CA GLY B 380 -6.97 -52.50 -22.37
C GLY B 380 -6.49 -51.45 -23.38
N GLU B 381 -7.18 -51.41 -24.51
CA GLU B 381 -6.92 -50.48 -25.60
C GLU B 381 -8.23 -49.78 -25.92
N PRO B 382 -8.63 -48.72 -25.17
CA PRO B 382 -9.93 -48.07 -25.38
C PRO B 382 -10.01 -47.33 -26.71
N LYS B 383 -11.05 -47.57 -27.48
CA LYS B 383 -11.29 -46.96 -28.78
C LYS B 383 -12.30 -45.80 -28.71
N CYS B 384 -13.07 -45.74 -27.61
CA CYS B 384 -14.16 -44.78 -27.46
C CYS B 384 -14.44 -44.52 -25.98
N ILE B 385 -15.38 -43.62 -25.70
CA ILE B 385 -15.72 -43.21 -24.33
C ILE B 385 -16.29 -44.41 -23.54
N ARG B 386 -17.13 -45.23 -24.17
CA ARG B 386 -17.77 -46.35 -23.51
C ARG B 386 -16.73 -47.33 -22.94
N ASP B 387 -15.60 -47.51 -23.64
CA ASP B 387 -14.53 -48.37 -23.17
C ASP B 387 -13.92 -47.89 -21.86
N ILE B 388 -13.71 -46.57 -21.79
CA ILE B 388 -13.20 -45.93 -20.59
C ILE B 388 -14.22 -46.13 -19.46
N ALA B 389 -15.49 -45.83 -19.76
CA ALA B 389 -16.59 -45.99 -18.81
C ALA B 389 -16.62 -47.42 -18.23
N ASN B 390 -16.49 -48.42 -19.12
CA ASN B 390 -16.50 -49.81 -18.67
C ASN B 390 -15.29 -50.13 -17.78
N LEU B 391 -14.15 -49.52 -18.09
CA LEU B 391 -12.98 -49.68 -17.26
C LEU B 391 -13.24 -49.16 -15.85
N PHE B 392 -13.87 -47.99 -15.78
CA PHE B 392 -14.20 -47.36 -14.50
C PHE B 392 -15.26 -48.16 -13.72
N ILE B 393 -16.24 -48.73 -14.45
CA ILE B 393 -17.26 -49.55 -13.81
C ILE B 393 -16.61 -50.82 -13.27
N ARG B 394 -15.69 -51.42 -14.03
CA ARG B 394 -14.89 -52.55 -13.54
C ARG B 394 -14.16 -52.21 -12.24
N TYR B 395 -13.62 -50.98 -12.17
CA TYR B 395 -13.00 -50.50 -10.94
C TYR B 395 -14.01 -50.44 -9.79
N LEU B 396 -15.19 -49.86 -10.05
CA LEU B 396 -16.23 -49.69 -9.04
C LEU B 396 -16.81 -51.03 -8.56
N ARG B 397 -16.87 -52.02 -9.47
CA ARG B 397 -17.30 -53.37 -9.15
C ARG B 397 -16.19 -54.23 -8.55
N LYS B 398 -15.04 -53.64 -8.21
CA LYS B 398 -13.95 -54.33 -7.54
C LYS B 398 -13.31 -55.41 -8.43
N GLU B 399 -13.46 -55.29 -9.75
CA GLU B 399 -12.95 -56.25 -10.70
C GLU B 399 -11.52 -55.89 -11.12
N ILE B 400 -11.15 -54.59 -11.08
CA ILE B 400 -9.77 -54.15 -11.16
C ILE B 400 -9.46 -53.30 -9.94
N ASP B 401 -8.21 -53.34 -9.49
CA ASP B 401 -7.78 -52.66 -8.28
C ASP B 401 -7.42 -51.20 -8.49
N TYR B 402 -6.95 -50.81 -9.70
CA TYR B 402 -6.38 -49.48 -9.91
C TYR B 402 -6.78 -48.92 -11.27
N LEU B 403 -7.31 -47.70 -11.27
CA LEU B 403 -7.40 -46.83 -12.44
C LEU B 403 -6.18 -45.92 -12.49
N PRO B 404 -5.84 -45.32 -13.65
CA PRO B 404 -4.80 -44.28 -13.74
C PRO B 404 -4.84 -43.16 -12.69
N TRP B 405 -6.03 -42.78 -12.22
CA TRP B 405 -6.19 -41.74 -11.21
C TRP B 405 -6.43 -42.31 -9.82
N SER B 406 -6.22 -43.63 -9.60
CA SER B 406 -6.60 -44.29 -8.36
C SER B 406 -5.38 -44.52 -7.47
N GLU B 407 -5.39 -43.88 -6.29
CA GLU B 407 -4.47 -44.19 -5.21
C GLU B 407 -4.64 -45.65 -4.74
N ALA B 408 -5.89 -46.14 -4.66
CA ALA B 408 -6.20 -47.40 -4.01
C ALA B 408 -7.42 -48.06 -4.63
N PRO B 409 -7.77 -49.33 -4.27
CA PRO B 409 -9.04 -49.93 -4.67
C PRO B 409 -10.24 -49.21 -4.06
N VAL B 410 -11.43 -49.35 -4.66
CA VAL B 410 -12.62 -48.66 -4.17
C VAL B 410 -12.87 -48.97 -2.69
N ALA B 411 -13.14 -47.92 -1.91
CA ALA B 411 -13.46 -48.04 -0.50
C ALA B 411 -14.88 -48.58 -0.30
N ASP B 412 -15.09 -49.18 0.87
CA ASP B 412 -16.40 -49.67 1.31
C ASP B 412 -17.48 -48.60 1.37
N GLU B 413 -17.09 -47.34 1.61
CA GLU B 413 -18.06 -46.25 1.66
C GLU B 413 -18.68 -45.94 0.29
N ALA B 414 -18.15 -46.54 -0.79
CA ALA B 414 -18.77 -46.48 -2.09
C ALA B 414 -19.89 -47.49 -2.30
N ASP B 415 -19.97 -48.54 -1.46
CA ASP B 415 -20.89 -49.64 -1.66
C ASP B 415 -22.35 -49.21 -1.77
N LEU B 416 -22.76 -48.29 -0.90
CA LEU B 416 -24.16 -47.82 -0.88
C LEU B 416 -24.45 -46.72 -1.91
N ILE B 417 -23.44 -46.21 -2.64
CA ILE B 417 -23.65 -45.30 -3.76
C ILE B 417 -23.11 -45.87 -5.07
N LYS B 418 -22.77 -47.17 -5.09
CA LYS B 418 -22.10 -47.79 -6.22
C LYS B 418 -22.94 -47.70 -7.50
N ASP B 419 -24.23 -47.93 -7.38
CA ASP B 419 -25.13 -47.94 -8.54
C ASP B 419 -25.22 -46.58 -9.20
N GLU B 420 -25.28 -45.51 -8.40
CA GLU B 420 -25.36 -44.15 -8.91
CA GLU B 420 -25.36 -44.16 -8.92
C GLU B 420 -24.07 -43.76 -9.61
N LEU B 421 -22.93 -44.13 -9.00
CA LEU B 421 -21.62 -43.91 -9.62
C LEU B 421 -21.52 -44.62 -10.97
N ILE B 422 -21.88 -45.90 -10.99
CA ILE B 422 -21.93 -46.68 -12.22
C ILE B 422 -22.81 -45.96 -13.25
N ASP B 423 -23.95 -45.41 -12.82
CA ASP B 423 -24.91 -44.77 -13.72
C ASP B 423 -24.30 -43.55 -14.41
N LEU B 424 -23.60 -42.73 -13.61
CA LEU B 424 -22.87 -41.59 -14.16
C LEU B 424 -21.85 -42.04 -15.20
N ASN B 425 -21.04 -43.06 -14.88
CA ASN B 425 -20.00 -43.52 -15.79
C ASN B 425 -20.57 -44.08 -17.09
N ARG B 426 -21.69 -44.83 -16.99
CA ARG B 426 -22.38 -45.30 -18.18
C ARG B 426 -22.78 -44.17 -19.12
N ARG B 427 -23.20 -43.04 -18.56
CA ARG B 427 -23.60 -41.87 -19.34
C ARG B 427 -22.40 -41.00 -19.75
N GLY B 428 -21.16 -41.40 -19.41
CA GLY B 428 -19.96 -40.72 -19.85
C GLY B 428 -19.53 -39.58 -18.93
N LEU B 429 -20.09 -39.48 -17.72
CA LEU B 429 -19.56 -38.63 -16.68
C LEU B 429 -18.56 -39.49 -15.92
N ILE B 430 -17.29 -39.39 -16.30
CA ILE B 430 -16.26 -40.30 -15.84
C ILE B 430 -15.85 -39.88 -14.43
N THR B 431 -16.25 -40.65 -13.41
CA THR B 431 -16.00 -40.29 -12.02
C THR B 431 -14.57 -40.66 -11.62
N VAL B 432 -13.91 -39.72 -10.95
CA VAL B 432 -12.53 -39.84 -10.50
C VAL B 432 -12.50 -40.11 -9.00
N ASN B 433 -13.39 -39.48 -8.24
CA ASN B 433 -13.42 -39.58 -6.79
C ASN B 433 -14.82 -39.20 -6.28
N SER B 434 -15.16 -39.67 -5.09
CA SER B 434 -16.50 -39.50 -4.54
C SER B 434 -16.50 -39.78 -3.05
N GLN B 435 -17.53 -39.27 -2.35
CA GLN B 435 -17.85 -39.77 -1.04
C GLN B 435 -19.32 -39.54 -0.73
N PRO B 436 -19.93 -40.45 0.07
CA PRO B 436 -21.31 -40.28 0.49
C PRO B 436 -21.42 -39.29 1.63
N ALA B 437 -22.61 -38.67 1.75
CA ALA B 437 -22.97 -37.93 2.94
C ALA B 437 -23.08 -38.89 4.13
N VAL B 438 -22.67 -38.40 5.30
CA VAL B 438 -22.78 -39.12 6.56
C VAL B 438 -23.18 -38.10 7.61
N ASN B 439 -24.20 -38.40 8.40
CA ASN B 439 -24.75 -37.47 9.38
C ASN B 439 -24.59 -38.05 10.76
N GLY B 440 -23.35 -38.02 11.26
CA GLY B 440 -23.11 -38.32 12.67
C GLY B 440 -23.11 -39.82 12.96
N ALA B 441 -22.42 -40.60 12.10
CA ALA B 441 -22.16 -41.99 12.39
C ALA B 441 -21.28 -42.06 13.62
N LYS B 442 -21.47 -43.09 14.45
CA LYS B 442 -20.54 -43.38 15.52
C LYS B 442 -19.17 -43.62 14.89
N SER B 443 -18.11 -43.17 15.59
CA SER B 443 -16.75 -43.24 15.09
C SER B 443 -16.22 -44.67 14.95
N ASN B 444 -16.92 -45.67 15.53
CA ASN B 444 -16.59 -47.07 15.36
C ASN B 444 -17.41 -47.74 14.25
N HIS B 445 -18.21 -46.97 13.50
CA HIS B 445 -18.98 -47.52 12.42
C HIS B 445 -18.07 -48.28 11.45
N PRO B 446 -18.38 -49.55 11.10
CA PRO B 446 -17.44 -50.37 10.34
C PRO B 446 -17.05 -49.82 8.96
N VAL B 447 -17.99 -49.15 8.30
CA VAL B 447 -17.73 -48.48 7.02
C VAL B 447 -17.25 -47.04 7.22
N HIS B 448 -18.04 -46.22 7.92
CA HIS B 448 -17.87 -44.78 8.00
C HIS B 448 -16.93 -44.30 9.10
N GLY B 449 -16.62 -45.16 10.07
CA GLY B 449 -15.93 -44.75 11.27
C GLY B 449 -14.45 -44.45 11.04
N TRP B 450 -13.91 -43.53 11.84
CA TRP B 450 -12.49 -43.29 11.93
C TRP B 450 -12.17 -42.55 13.22
N GLY B 451 -10.88 -42.48 13.54
CA GLY B 451 -10.43 -41.79 14.74
C GLY B 451 -10.69 -42.62 15.99
N PRO B 452 -10.55 -42.03 17.21
CA PRO B 452 -10.82 -42.75 18.45
C PRO B 452 -12.28 -43.13 18.63
N SER B 453 -12.59 -43.82 19.73
CA SER B 453 -13.96 -44.25 20.01
C SER B 453 -14.73 -43.21 20.83
N ASN B 454 -16.05 -43.43 20.84
CA ASN B 454 -17.00 -42.56 21.49
C ASN B 454 -17.01 -41.20 20.80
N GLY B 455 -16.82 -41.18 19.48
CA GLY B 455 -16.98 -40.00 18.67
C GLY B 455 -18.11 -40.11 17.65
N TYR B 456 -18.38 -39.01 16.96
CA TYR B 456 -19.31 -38.96 15.84
C TYR B 456 -18.61 -38.34 14.64
N VAL B 457 -18.88 -38.85 13.45
CA VAL B 457 -18.21 -38.43 12.24
C VAL B 457 -19.24 -38.01 11.20
N TYR B 458 -18.82 -37.07 10.35
CA TYR B 458 -19.70 -36.42 9.41
C TYR B 458 -18.99 -36.30 8.06
N GLN B 459 -19.78 -36.43 6.98
CA GLN B 459 -19.27 -36.20 5.64
C GLN B 459 -20.29 -35.46 4.81
N LYS B 460 -19.85 -34.38 4.15
CA LYS B 460 -20.55 -33.79 3.03
C LYS B 460 -20.33 -34.69 1.84
N ALA B 461 -21.39 -35.00 1.10
CA ALA B 461 -21.29 -35.71 -0.16
C ALA B 461 -20.51 -34.85 -1.16
N TYR B 462 -19.60 -35.48 -1.89
CA TYR B 462 -18.94 -34.83 -3.01
C TYR B 462 -18.74 -35.81 -4.16
N LEU B 463 -18.50 -35.20 -5.32
CA LEU B 463 -18.35 -35.91 -6.56
C LEU B 463 -17.30 -35.19 -7.39
N GLU B 464 -16.38 -35.94 -7.97
CA GLU B 464 -15.35 -35.39 -8.84
C GLU B 464 -15.29 -36.21 -10.11
N PHE B 465 -15.36 -35.54 -11.27
CA PHE B 465 -15.48 -36.26 -12.53
C PHE B 465 -15.00 -35.43 -13.70
N PHE B 466 -14.61 -36.16 -14.77
CA PHE B 466 -14.37 -35.60 -16.09
C PHE B 466 -15.69 -35.56 -16.84
N VAL B 467 -15.91 -34.50 -17.63
CA VAL B 467 -17.08 -34.38 -18.46
C VAL B 467 -16.74 -33.61 -19.75
N SER B 468 -17.46 -33.94 -20.83
CA SER B 468 -17.21 -33.36 -22.14
C SER B 468 -17.52 -31.85 -22.10
N PRO B 469 -16.82 -31.02 -22.92
CA PRO B 469 -17.11 -29.58 -23.00
C PRO B 469 -18.51 -29.26 -23.48
N GLU B 470 -19.08 -30.17 -24.30
CA GLU B 470 -20.44 -30.05 -24.81
C GLU B 470 -21.45 -30.06 -23.67
N LEU B 471 -21.22 -30.93 -22.68
CA LEU B 471 -22.17 -31.15 -21.58
C LEU B 471 -21.91 -30.25 -20.36
N TYR B 472 -20.68 -29.71 -20.23
CA TYR B 472 -20.31 -28.92 -19.06
C TYR B 472 -21.26 -27.73 -18.84
N PRO B 473 -21.55 -26.88 -19.85
CA PRO B 473 -22.45 -25.73 -19.69
C PRO B 473 -23.76 -26.01 -18.96
N GLU B 474 -24.34 -27.19 -19.25
CA GLU B 474 -25.58 -27.62 -18.65
C GLU B 474 -25.36 -27.94 -17.17
N ILE B 475 -24.30 -28.69 -16.89
CA ILE B 475 -23.92 -29.03 -15.51
C ILE B 475 -23.73 -27.76 -14.69
N LYS B 476 -23.04 -26.77 -15.27
CA LYS B 476 -22.82 -25.50 -14.61
C LYS B 476 -24.14 -24.83 -14.26
N ARG B 477 -25.00 -24.70 -15.28
CA ARG B 477 -26.32 -24.11 -15.12
C ARG B 477 -27.10 -24.77 -13.97
N ARG B 478 -27.06 -26.10 -13.93
CA ARG B 478 -27.77 -26.88 -12.91
C ARG B 478 -27.22 -26.67 -11.50
N ILE B 479 -25.88 -26.63 -11.36
CA ILE B 479 -25.25 -26.44 -10.06
C ILE B 479 -25.59 -25.04 -9.53
N GLU B 480 -25.41 -24.01 -10.37
CA GLU B 480 -25.70 -22.63 -10.01
C GLU B 480 -27.13 -22.42 -9.48
N SER B 481 -28.10 -23.19 -9.99
CA SER B 481 -29.47 -23.12 -9.53
C SER B 481 -29.66 -23.67 -8.11
N HIS B 482 -28.76 -24.54 -7.63
CA HIS B 482 -28.82 -25.10 -6.29
C HIS B 482 -27.74 -24.48 -5.39
N PRO B 483 -28.10 -23.45 -4.58
CA PRO B 483 -27.08 -22.60 -3.93
C PRO B 483 -26.26 -23.25 -2.82
N ASP B 484 -26.71 -24.42 -2.31
CA ASP B 484 -26.03 -25.12 -1.25
C ASP B 484 -24.94 -26.06 -1.76
N LEU B 485 -24.70 -26.07 -3.08
CA LEU B 485 -23.61 -26.77 -3.72
C LEU B 485 -22.44 -25.84 -3.94
N THR B 486 -21.23 -26.27 -3.60
CA THR B 486 -19.99 -25.58 -3.95
C THR B 486 -19.37 -26.38 -5.09
N TYR B 487 -18.91 -25.70 -6.15
CA TYR B 487 -18.27 -26.41 -7.24
C TYR B 487 -16.97 -25.74 -7.65
N HIS B 488 -16.04 -26.57 -8.19
CA HIS B 488 -14.82 -26.12 -8.82
C HIS B 488 -14.73 -26.87 -10.15
N ALA B 489 -14.44 -26.16 -11.24
CA ALA B 489 -14.35 -26.78 -12.55
C ALA B 489 -13.24 -26.14 -13.34
N VAL B 490 -12.53 -26.94 -14.14
CA VAL B 490 -11.41 -26.43 -14.93
C VAL B 490 -11.03 -27.41 -16.05
N THR B 491 -10.40 -26.86 -17.10
CA THR B 491 -9.83 -27.64 -18.18
C THR B 491 -8.33 -27.73 -17.98
N LYS B 492 -7.67 -28.55 -18.81
CA LYS B 492 -6.22 -28.71 -18.77
C LYS B 492 -5.49 -27.37 -18.89
N SER B 493 -5.93 -26.55 -19.85
CA SER B 493 -5.26 -25.31 -20.22
C SER B 493 -6.05 -24.05 -19.87
N GLY B 494 -7.22 -24.17 -19.22
CA GLY B 494 -8.09 -23.03 -19.01
C GLY B 494 -8.13 -22.59 -17.54
N ASN B 495 -9.04 -21.64 -17.27
CA ASN B 495 -9.19 -21.01 -15.97
C ASN B 495 -10.23 -21.73 -15.11
N LEU B 496 -10.06 -21.54 -13.80
CA LEU B 496 -10.84 -22.15 -12.75
C LEU B 496 -12.17 -21.41 -12.67
N GLU B 497 -13.28 -22.14 -12.78
CA GLU B 497 -14.61 -21.63 -12.50
C GLU B 497 -15.08 -22.21 -11.17
N THR B 498 -15.77 -21.38 -10.38
CA THR B 498 -16.27 -21.77 -9.07
C THR B 498 -17.34 -20.79 -8.63
N ASN B 499 -18.24 -21.23 -7.76
CA ASN B 499 -19.23 -20.36 -7.12
C ASN B 499 -18.80 -19.91 -5.73
N ALA B 500 -17.68 -20.46 -5.21
CA ALA B 500 -17.17 -20.07 -3.90
C ALA B 500 -16.63 -18.64 -3.97
N GLN B 501 -17.29 -17.68 -3.28
CA GLN B 501 -16.93 -16.27 -3.39
C GLN B 501 -15.54 -16.01 -2.79
N SER B 502 -15.38 -16.33 -1.49
CA SER B 502 -14.09 -16.24 -0.81
C SER B 502 -13.15 -17.33 -1.34
N ASP B 503 -13.70 -18.53 -1.54
CA ASP B 503 -12.95 -19.70 -1.96
C ASP B 503 -11.75 -19.97 -1.04
N GLY B 504 -12.02 -19.95 0.27
CA GLY B 504 -11.18 -20.59 1.27
C GLY B 504 -11.48 -22.08 1.35
N PRO B 505 -10.94 -22.80 2.35
CA PRO B 505 -11.19 -24.23 2.50
C PRO B 505 -12.61 -24.57 2.89
N ASN B 506 -13.14 -25.67 2.35
CA ASN B 506 -14.43 -26.22 2.72
C ASN B 506 -14.21 -27.59 3.32
N ALA B 507 -14.57 -27.77 4.60
CA ALA B 507 -14.47 -29.07 5.26
C ALA B 507 -15.59 -29.97 4.77
N VAL B 508 -15.23 -31.16 4.31
CA VAL B 508 -16.19 -32.14 3.81
C VAL B 508 -16.15 -33.45 4.58
N THR B 509 -15.17 -33.65 5.46
CA THR B 509 -15.20 -34.71 6.45
C THR B 509 -14.74 -34.12 7.77
N TRP B 510 -15.52 -34.32 8.85
CA TRP B 510 -15.09 -33.92 10.17
C TRP B 510 -15.57 -34.87 11.23
N GLY B 511 -14.99 -34.74 12.43
CA GLY B 511 -15.21 -35.68 13.51
C GLY B 511 -15.20 -34.98 14.87
N VAL B 512 -16.11 -35.41 15.75
CA VAL B 512 -16.28 -34.86 17.09
C VAL B 512 -15.90 -35.97 18.05
N PHE B 513 -14.83 -35.76 18.81
CA PHE B 513 -14.31 -36.77 19.74
C PHE B 513 -14.21 -36.18 21.15
N PRO B 514 -14.41 -36.97 22.22
CA PRO B 514 -14.40 -36.46 23.60
C PRO B 514 -13.13 -35.68 23.98
N GLY B 515 -13.31 -34.48 24.52
CA GLY B 515 -12.19 -33.70 25.05
C GLY B 515 -11.34 -33.07 23.96
N LYS B 516 -11.81 -33.03 22.71
CA LYS B 516 -11.02 -32.56 21.59
C LYS B 516 -11.74 -31.47 20.80
N GLU B 517 -10.94 -30.69 20.05
CA GLU B 517 -11.42 -29.80 19.01
C GLU B 517 -11.83 -30.64 17.81
N ILE B 518 -12.64 -30.07 16.95
CA ILE B 518 -13.18 -30.75 15.80
C ILE B 518 -12.04 -31.05 14.82
N VAL B 519 -11.93 -32.31 14.40
CA VAL B 519 -10.91 -32.78 13.48
C VAL B 519 -11.49 -32.78 12.06
N GLN B 520 -10.72 -32.27 11.10
CA GLN B 520 -11.15 -31.99 9.73
C GLN B 520 -10.16 -32.57 8.72
N PRO B 521 -10.08 -33.90 8.58
CA PRO B 521 -9.16 -34.53 7.64
C PRO B 521 -9.35 -34.30 6.16
N THR B 522 -10.52 -33.83 5.73
CA THR B 522 -10.83 -33.74 4.31
C THR B 522 -11.38 -32.35 4.00
N ILE B 523 -10.68 -31.65 3.09
CA ILE B 523 -10.87 -30.27 2.74
C ILE B 523 -10.95 -30.21 1.21
N VAL B 524 -11.86 -29.39 0.68
CA VAL B 524 -11.87 -29.04 -0.73
C VAL B 524 -11.51 -27.57 -0.77
N GLU B 525 -10.48 -27.24 -1.54
CA GLU B 525 -9.91 -25.91 -1.53
C GLU B 525 -9.30 -25.63 -2.90
N ARG B 526 -9.32 -24.37 -3.31
CA ARG B 526 -8.84 -23.94 -4.61
C ARG B 526 -7.43 -24.46 -4.92
N ILE B 527 -6.46 -24.20 -4.02
CA ILE B 527 -5.08 -24.59 -4.23
C ILE B 527 -4.93 -26.11 -4.33
N SER B 528 -5.60 -26.84 -3.44
CA SER B 528 -5.58 -28.30 -3.46
C SER B 528 -6.08 -28.80 -4.82
N PHE B 529 -7.21 -28.24 -5.25
CA PHE B 529 -7.86 -28.65 -6.48
C PHE B 529 -7.01 -28.37 -7.71
N LEU B 530 -6.37 -27.20 -7.78
CA LEU B 530 -5.52 -26.87 -8.92
C LEU B 530 -4.26 -27.73 -8.94
N ALA B 531 -3.69 -27.98 -7.76
CA ALA B 531 -2.60 -28.94 -7.63
C ALA B 531 -2.97 -30.29 -8.25
N TRP B 532 -4.20 -30.74 -7.95
CA TRP B 532 -4.71 -31.97 -8.48
C TRP B 532 -5.00 -31.88 -9.99
N LYS B 533 -5.69 -30.83 -10.44
CA LYS B 533 -5.95 -30.61 -11.86
C LYS B 533 -4.71 -30.99 -12.68
N ASP B 534 -3.59 -30.34 -12.36
CA ASP B 534 -2.38 -30.49 -13.15
C ASP B 534 -1.97 -31.96 -13.18
N GLU B 535 -1.97 -32.60 -12.01
CA GLU B 535 -1.62 -33.99 -11.89
C GLU B 535 -2.58 -34.90 -12.66
N ALA B 536 -3.88 -34.64 -12.54
CA ALA B 536 -4.90 -35.47 -13.17
C ALA B 536 -4.78 -35.46 -14.70
N TYR B 537 -4.69 -34.26 -15.28
CA TYR B 537 -4.52 -34.15 -16.73
C TYR B 537 -3.18 -34.77 -17.17
N HIS B 538 -2.15 -34.67 -16.32
CA HIS B 538 -0.86 -35.29 -16.60
C HIS B 538 -0.99 -36.82 -16.65
N LEU B 539 -1.66 -37.41 -15.65
CA LEU B 539 -1.87 -38.84 -15.58
C LEU B 539 -2.65 -39.35 -16.80
N GLY B 540 -3.64 -38.56 -17.24
CA GLY B 540 -4.35 -38.91 -18.46
C GLY B 540 -3.46 -38.96 -19.69
N MET B 541 -2.57 -37.97 -19.79
CA MET B 541 -1.61 -37.92 -20.90
C MET B 541 -0.59 -39.04 -20.84
N GLU B 542 -0.13 -39.37 -19.63
CA GLU B 542 0.82 -40.47 -19.43
C GLU B 542 0.12 -41.80 -19.77
N TRP B 543 -1.21 -41.87 -19.57
CA TRP B 543 -1.97 -43.04 -20.02
C TRP B 543 -2.01 -43.09 -21.55
N ALA B 544 -2.38 -41.97 -22.17
CA ALA B 544 -2.35 -41.83 -23.62
C ALA B 544 -1.03 -42.33 -24.24
N ARG B 545 0.08 -41.96 -23.61
CA ARG B 545 1.40 -42.29 -24.14
C ARG B 545 1.81 -43.75 -23.96
N CYS B 546 1.04 -44.54 -23.19
CA CYS B 546 1.18 -45.98 -23.21
C CYS B 546 0.82 -46.59 -24.57
N TYR B 547 0.14 -45.82 -25.44
CA TYR B 547 -0.25 -46.28 -26.76
C TYR B 547 0.56 -45.59 -27.86
N ASP B 548 0.61 -46.24 -29.04
CA ASP B 548 1.39 -45.78 -30.17
C ASP B 548 0.90 -44.44 -30.73
N ALA B 549 1.83 -43.69 -31.32
CA ALA B 549 1.66 -42.29 -31.74
C ALA B 549 0.34 -41.99 -32.46
N GLY B 550 -0.02 -42.82 -33.46
CA GLY B 550 -1.23 -42.61 -34.25
C GLY B 550 -2.46 -43.35 -33.72
N SER B 551 -2.33 -44.11 -32.63
CA SER B 551 -3.30 -45.14 -32.25
C SER B 551 -4.64 -44.52 -31.87
N PRO B 552 -5.77 -45.24 -32.06
CA PRO B 552 -7.08 -44.79 -31.55
C PRO B 552 -7.10 -44.42 -30.07
N SER B 553 -6.45 -45.28 -29.26
CA SER B 553 -6.40 -45.09 -27.82
C SER B 553 -5.72 -43.77 -27.44
N ARG B 554 -4.60 -43.47 -28.10
CA ARG B 554 -3.85 -42.27 -27.80
C ARG B 554 -4.64 -41.03 -28.20
N VAL B 555 -5.08 -40.98 -29.45
CA VAL B 555 -5.77 -39.79 -29.96
C VAL B 555 -7.02 -39.52 -29.12
N LEU B 556 -7.73 -40.61 -28.73
CA LEU B 556 -8.90 -40.51 -27.87
C LEU B 556 -8.54 -39.85 -26.55
N LEU B 557 -7.57 -40.44 -25.83
CA LEU B 557 -7.19 -39.97 -24.51
C LEU B 557 -6.64 -38.54 -24.52
N GLU B 558 -5.89 -38.18 -25.57
CA GLU B 558 -5.33 -36.84 -25.70
C GLU B 558 -6.43 -35.82 -25.97
N GLU B 559 -7.37 -36.14 -26.87
CA GLU B 559 -8.53 -35.27 -27.13
C GLU B 559 -9.33 -35.03 -25.86
N MET B 560 -9.57 -36.11 -25.11
CA MET B 560 -10.29 -36.03 -23.84
C MET B 560 -9.61 -35.07 -22.85
N MET B 561 -8.31 -35.29 -22.62
CA MET B 561 -7.57 -34.47 -21.66
C MET B 561 -7.47 -33.02 -22.12
N ASN B 562 -7.32 -32.78 -23.43
CA ASN B 562 -7.21 -31.43 -23.96
C ASN B 562 -8.54 -30.67 -24.02
N THR B 563 -9.69 -31.35 -23.88
CA THR B 563 -11.00 -30.69 -24.05
C THR B 563 -11.94 -30.85 -22.87
N TRP B 564 -11.87 -31.97 -22.13
CA TRP B 564 -12.82 -32.24 -21.07
C TRP B 564 -12.53 -31.43 -19.82
N TRP B 565 -13.60 -31.16 -19.05
CA TRP B 565 -13.53 -30.47 -17.79
C TRP B 565 -13.39 -31.46 -16.63
N LEU B 566 -12.55 -31.10 -15.66
CA LEU B 566 -12.54 -31.74 -14.37
C LEU B 566 -13.42 -30.90 -13.46
N VAL B 567 -14.35 -31.57 -12.78
CA VAL B 567 -15.39 -30.91 -12.00
C VAL B 567 -15.42 -31.56 -10.62
N ASN B 568 -15.49 -30.73 -9.59
CA ASN B 568 -15.66 -31.14 -8.21
C ASN B 568 -16.92 -30.45 -7.70
N ILE B 569 -17.87 -31.22 -7.17
CA ILE B 569 -19.11 -30.71 -6.61
C ILE B 569 -19.24 -31.23 -5.20
N VAL B 570 -19.54 -30.35 -4.25
CA VAL B 570 -19.79 -30.68 -2.87
C VAL B 570 -21.21 -30.22 -2.54
N ASN B 571 -21.97 -31.11 -1.89
CA ASN B 571 -23.25 -30.79 -1.33
C ASN B 571 -23.06 -30.48 0.13
N ASN B 572 -23.17 -29.19 0.48
CA ASN B 572 -22.91 -28.75 1.84
C ASN B 572 -23.98 -29.23 2.82
N ASP B 573 -25.18 -29.59 2.32
CA ASP B 573 -26.16 -30.23 3.16
C ASP B 573 -25.86 -31.72 3.31
N PHE B 574 -25.26 -32.07 4.44
CA PHE B 574 -24.80 -33.43 4.74
C PHE B 574 -25.95 -34.28 5.30
N HIS B 575 -27.14 -33.68 5.47
CA HIS B 575 -28.35 -34.44 5.71
C HIS B 575 -28.81 -35.17 4.45
N GLN B 576 -28.43 -34.69 3.26
CA GLN B 576 -28.88 -35.22 1.98
C GLN B 576 -27.82 -36.09 1.30
N GLY B 577 -28.15 -37.37 1.04
CA GLY B 577 -27.29 -38.30 0.31
C GLY B 577 -27.34 -38.17 -1.22
N ASN B 578 -28.53 -37.88 -1.80
CA ASN B 578 -28.79 -38.13 -3.22
C ASN B 578 -28.86 -36.91 -4.13
N THR B 579 -28.79 -35.69 -3.62
CA THR B 579 -29.09 -34.52 -4.45
C THR B 579 -28.04 -34.29 -5.55
N LEU B 580 -26.80 -34.75 -5.35
CA LEU B 580 -25.80 -34.65 -6.42
C LEU B 580 -26.15 -35.53 -7.61
N PHE B 581 -26.57 -36.77 -7.33
CA PHE B 581 -26.98 -37.71 -8.36
C PHE B 581 -28.26 -37.25 -9.07
N GLU B 582 -29.20 -36.67 -8.30
CA GLU B 582 -30.43 -36.11 -8.84
C GLU B 582 -30.15 -34.98 -9.81
N ILE B 583 -29.33 -34.01 -9.38
CA ILE B 583 -28.91 -32.87 -10.21
C ILE B 583 -28.32 -33.33 -11.54
N LEU B 584 -27.60 -34.48 -11.57
CA LEU B 584 -26.92 -34.95 -12.76
C LEU B 584 -27.69 -36.03 -13.51
N LYS B 585 -28.98 -36.23 -13.18
CA LYS B 585 -29.79 -37.27 -13.78
C LYS B 585 -30.25 -36.78 -15.16
N GLY B 586 -30.15 -37.67 -16.16
CA GLY B 586 -30.54 -37.35 -17.53
C GLY B 586 -29.52 -36.57 -18.36
N LEU B 587 -28.32 -36.31 -17.83
CA LEU B 587 -27.20 -35.81 -18.61
C LEU B 587 -26.43 -36.99 -19.18
N GLU B 588 -26.12 -36.91 -20.49
CA GLU B 588 -25.36 -37.96 -21.16
C GLU B 588 -24.44 -37.34 -22.20
N VAL B 589 -23.19 -37.81 -22.23
CA VAL B 589 -22.26 -37.44 -23.29
C VAL B 589 -22.68 -38.22 -24.53
N THR B 590 -22.76 -37.53 -25.68
CA THR B 590 -23.10 -38.19 -26.94
C THR B 590 -21.83 -38.74 -27.59
N ASP B 591 -22.04 -39.66 -28.55
CA ASP B 591 -20.97 -40.31 -29.28
C ASP B 591 -20.05 -41.09 -28.34
N LEU B 592 -20.65 -41.92 -27.50
CA LEU B 592 -19.92 -42.77 -26.57
C LEU B 592 -19.18 -43.90 -27.28
N ASP B 593 -19.69 -44.33 -28.45
CA ASP B 593 -19.10 -45.38 -29.25
C ASP B 593 -18.27 -44.88 -30.43
N LYS B 594 -18.19 -43.55 -30.63
CA LYS B 594 -17.46 -42.96 -31.73
C LYS B 594 -15.96 -43.21 -31.59
N VAL B 595 -15.35 -43.73 -32.67
CA VAL B 595 -13.93 -44.01 -32.73
C VAL B 595 -13.28 -42.92 -33.59
N PRO B 596 -12.24 -42.21 -33.09
CA PRO B 596 -11.55 -41.19 -33.90
C PRO B 596 -10.68 -41.79 -35.04
N ALA C 3 24.09 -11.73 -6.82
CA ALA C 3 24.38 -12.41 -8.11
C ALA C 3 23.10 -13.00 -8.71
N MET C 4 22.08 -12.13 -8.86
CA MET C 4 20.83 -12.51 -9.49
C MET C 4 21.12 -12.74 -10.98
N HIS C 5 20.76 -13.93 -11.44
CA HIS C 5 20.60 -14.23 -12.86
C HIS C 5 19.12 -14.27 -13.22
N ILE C 6 18.81 -13.62 -14.34
CA ILE C 6 17.42 -13.47 -14.76
C ILE C 6 16.77 -14.84 -15.01
N ARG C 7 17.51 -15.79 -15.58
CA ARG C 7 16.97 -17.11 -15.89
C ARG C 7 16.38 -17.80 -14.65
N ASP C 8 17.01 -17.56 -13.49
CA ASP C 8 16.56 -18.10 -12.23
C ASP C 8 15.28 -17.43 -11.75
N MET C 9 15.26 -16.10 -11.87
CA MET C 9 14.10 -15.29 -11.54
C MET C 9 12.90 -15.71 -12.39
N LEU C 10 13.15 -15.96 -13.69
CA LEU C 10 12.12 -16.40 -14.63
C LEU C 10 11.60 -17.79 -14.30
N ALA C 11 12.52 -18.71 -14.00
CA ALA C 11 12.14 -20.04 -13.54
C ALA C 11 11.21 -20.00 -12.33
N GLU C 12 11.50 -19.10 -11.37
CA GLU C 12 10.67 -18.94 -10.18
C GLU C 12 9.31 -18.35 -10.53
N ALA C 13 9.28 -17.38 -11.46
CA ALA C 13 8.01 -16.81 -11.91
C ALA C 13 7.13 -17.89 -12.52
N GLU C 14 7.77 -18.77 -13.32
CA GLU C 14 7.07 -19.80 -14.07
C GLU C 14 6.54 -20.86 -13.12
N ARG C 15 7.23 -21.10 -12.00
CA ARG C 15 6.80 -22.06 -11.00
C ARG C 15 5.69 -21.51 -10.11
N THR C 16 5.93 -20.35 -9.50
CA THR C 16 5.04 -19.78 -8.48
C THR C 16 3.83 -19.07 -9.09
N GLY C 17 4.00 -18.46 -10.27
CA GLY C 17 2.98 -17.60 -10.86
C GLY C 17 2.87 -16.25 -10.15
N GLU C 18 3.84 -15.93 -9.26
CA GLU C 18 3.90 -14.67 -8.54
C GLU C 18 3.89 -13.48 -9.54
N PRO C 19 3.51 -12.27 -9.09
CA PRO C 19 3.74 -11.06 -9.89
C PRO C 19 5.23 -10.91 -10.21
N SER C 20 5.57 -10.99 -11.50
CA SER C 20 6.95 -10.94 -11.95
C SER C 20 7.03 -10.03 -13.17
N PHE C 21 7.72 -8.88 -13.02
CA PHE C 21 7.83 -7.94 -14.10
C PHE C 21 9.11 -7.12 -14.00
N SER C 22 9.46 -6.48 -15.11
CA SER C 22 10.69 -5.70 -15.24
C SER C 22 10.42 -4.46 -16.08
N PHE C 23 11.23 -3.41 -15.88
CA PHE C 23 11.08 -2.16 -16.61
C PHE C 23 12.30 -1.85 -17.44
N GLU C 24 12.08 -1.50 -18.71
CA GLU C 24 13.13 -1.00 -19.60
C GLU C 24 13.10 0.52 -19.64
N TYR C 25 14.30 1.11 -19.51
CA TYR C 25 14.51 2.54 -19.68
C TYR C 25 15.51 2.78 -20.81
N PHE C 26 15.47 4.01 -21.37
CA PHE C 26 16.49 4.42 -22.33
C PHE C 26 17.30 5.59 -21.77
N PRO C 27 18.57 5.78 -22.22
CA PRO C 27 19.37 6.92 -21.84
C PRO C 27 18.74 8.24 -22.30
N PRO C 28 18.37 9.17 -21.40
CA PRO C 28 17.81 10.47 -21.82
C PRO C 28 18.74 11.33 -22.66
N LYS C 29 18.18 12.30 -23.36
CA LYS C 29 18.91 13.17 -24.28
C LYS C 29 19.39 14.45 -23.60
N THR C 30 18.97 14.72 -22.36
CA THR C 30 19.26 15.94 -21.64
C THR C 30 19.86 15.57 -20.28
N ALA C 31 20.77 16.40 -19.79
CA ALA C 31 21.39 16.18 -18.48
C ALA C 31 20.34 16.19 -17.37
N GLN C 32 19.41 17.14 -17.48
CA GLN C 32 18.29 17.26 -16.56
C GLN C 32 17.37 16.04 -16.68
N GLY C 33 17.19 15.55 -17.90
CA GLY C 33 16.49 14.30 -18.16
C GLY C 33 17.11 13.10 -17.46
N VAL C 34 18.44 13.05 -17.40
CA VAL C 34 19.14 11.95 -16.74
C VAL C 34 18.84 11.98 -15.25
N GLN C 35 19.00 13.16 -14.63
CA GLN C 35 18.74 13.30 -13.19
C GLN C 35 17.31 12.91 -12.86
N ASN C 36 16.37 13.43 -13.64
CA ASN C 36 14.97 13.08 -13.46
C ASN C 36 14.71 11.60 -13.65
N LEU C 37 15.44 10.96 -14.59
CA LEU C 37 15.27 9.53 -14.80
C LEU C 37 15.66 8.75 -13.55
N TYR C 38 16.76 9.13 -12.90
CA TYR C 38 17.18 8.43 -11.67
C TYR C 38 16.08 8.49 -10.61
N ASP C 39 15.45 9.66 -10.43
CA ASP C 39 14.33 9.80 -9.51
C ASP C 39 13.18 8.89 -9.89
N ARG C 40 12.88 8.81 -11.19
CA ARG C 40 11.76 8.00 -11.66
C ARG C 40 12.04 6.51 -11.45
N MET C 41 13.30 6.10 -11.68
CA MET C 41 13.72 4.72 -11.49
C MET C 41 13.57 4.34 -10.01
N GLU C 42 13.94 5.26 -9.11
CA GLU C 42 13.78 5.05 -7.69
C GLU C 42 12.31 4.87 -7.31
N ARG C 43 11.45 5.79 -7.77
CA ARG C 43 10.03 5.72 -7.45
C ARG C 43 9.44 4.41 -7.96
N MET C 44 9.70 4.11 -9.24
CA MET C 44 9.09 2.95 -9.89
C MET C 44 9.63 1.62 -9.32
N TYR C 45 10.82 1.62 -8.71
CA TYR C 45 11.33 0.43 -8.06
C TYR C 45 10.44 -0.03 -6.90
N ASN C 46 9.68 0.88 -6.30
CA ASN C 46 8.72 0.51 -5.27
C ASN C 46 7.51 -0.24 -5.79
N TYR C 47 7.27 -0.23 -7.11
CA TYR C 47 6.28 -1.12 -7.72
C TYR C 47 6.72 -2.57 -7.61
N GLY C 48 8.01 -2.80 -7.38
CA GLY C 48 8.60 -4.11 -7.17
C GLY C 48 8.95 -4.85 -8.46
N PRO C 49 9.67 -4.24 -9.43
CA PRO C 49 10.17 -4.97 -10.58
C PRO C 49 11.31 -5.85 -10.10
N LYS C 50 11.47 -7.02 -10.72
CA LYS C 50 12.55 -7.92 -10.36
C LYS C 50 13.87 -7.33 -10.84
N PHE C 51 13.83 -6.53 -11.92
CA PHE C 51 14.99 -5.84 -12.42
C PHE C 51 14.59 -4.75 -13.43
N ILE C 52 15.58 -3.96 -13.85
CA ILE C 52 15.38 -2.93 -14.86
C ILE C 52 16.38 -3.15 -15.97
N ASP C 53 16.00 -2.77 -17.19
CA ASP C 53 16.85 -2.84 -18.37
C ASP C 53 17.25 -1.43 -18.69
N ILE C 54 18.48 -1.25 -19.16
CA ILE C 54 18.89 0.03 -19.72
C ILE C 54 19.39 -0.27 -21.11
N THR C 55 18.83 0.50 -22.08
CA THR C 55 19.10 0.25 -23.49
C THR C 55 20.48 0.79 -23.84
N TRP C 56 21.04 0.26 -24.94
CA TRP C 56 22.35 0.64 -25.44
C TRP C 56 22.18 1.52 -26.68
N GLY C 57 22.79 2.69 -26.66
CA GLY C 57 22.76 3.58 -27.81
C GLY C 57 23.51 2.99 -28.99
N ALA C 58 22.78 2.75 -30.09
CA ALA C 58 23.33 2.34 -31.38
C ALA C 58 24.54 3.21 -31.77
N GLY C 59 25.68 2.56 -31.99
CA GLY C 59 26.90 3.24 -32.35
C GLY C 59 27.84 3.41 -31.17
N GLY C 60 27.29 3.60 -29.97
CA GLY C 60 28.09 3.82 -28.77
C GLY C 60 28.50 5.28 -28.63
N ARG C 61 27.63 6.20 -29.07
CA ARG C 61 27.74 7.62 -28.78
C ARG C 61 27.49 7.87 -27.29
N VAL C 62 26.33 7.39 -26.81
CA VAL C 62 25.88 7.47 -25.43
C VAL C 62 26.30 6.25 -24.61
N ALA C 63 27.27 5.48 -25.09
CA ALA C 63 27.83 4.34 -24.40
C ALA C 63 28.27 4.70 -22.98
N GLU C 64 29.00 5.82 -22.86
CA GLU C 64 29.47 6.29 -21.57
C GLU C 64 28.31 6.56 -20.62
N LEU C 65 27.21 7.10 -21.18
CA LEU C 65 26.01 7.42 -20.42
C LEU C 65 25.27 6.16 -19.98
N THR C 66 25.13 5.18 -20.89
CA THR C 66 24.51 3.91 -20.53
C THR C 66 25.28 3.27 -19.37
N CYS C 67 26.62 3.20 -19.49
CA CYS C 67 27.47 2.64 -18.47
C CYS C 67 27.36 3.43 -17.16
N GLU C 68 27.36 4.76 -17.25
CA GLU C 68 27.20 5.64 -16.10
C GLU C 68 25.91 5.24 -15.35
N MET C 69 24.83 5.05 -16.11
CA MET C 69 23.52 4.78 -15.56
C MET C 69 23.42 3.38 -14.95
N VAL C 70 24.04 2.40 -15.60
CA VAL C 70 24.08 1.05 -15.05
C VAL C 70 24.83 1.08 -13.73
N VAL C 71 25.98 1.79 -13.69
CA VAL C 71 26.74 1.93 -12.47
C VAL C 71 25.90 2.64 -11.40
N GLN C 72 25.27 3.76 -11.76
CA GLN C 72 24.44 4.50 -10.82
C GLN C 72 23.32 3.62 -10.25
N ALA C 73 22.66 2.88 -11.14
CA ALA C 73 21.52 2.05 -10.77
C ALA C 73 21.96 0.86 -9.92
N GLN C 74 22.93 0.09 -10.43
CA GLN C 74 23.38 -1.15 -9.82
C GLN C 74 24.16 -0.84 -8.53
N ALA C 75 25.19 -0.01 -8.67
CA ALA C 75 26.18 0.18 -7.62
C ALA C 75 25.71 1.13 -6.51
N TYR C 76 24.99 2.21 -6.83
CA TYR C 76 24.64 3.25 -5.84
C TYR C 76 23.19 3.16 -5.40
N LEU C 77 22.25 3.05 -6.34
CA LEU C 77 20.82 2.97 -5.99
C LEU C 77 20.38 1.57 -5.63
N GLY C 78 21.23 0.55 -5.81
CA GLY C 78 20.90 -0.84 -5.49
C GLY C 78 19.72 -1.39 -6.29
N LEU C 79 19.65 -1.11 -7.60
CA LEU C 79 18.62 -1.61 -8.50
C LEU C 79 19.26 -2.70 -9.35
N GLU C 80 18.64 -3.89 -9.41
CA GLU C 80 19.17 -4.98 -10.21
C GLU C 80 19.01 -4.61 -11.69
N THR C 81 20.13 -4.51 -12.42
CA THR C 81 20.11 -4.06 -13.81
C THR C 81 20.51 -5.15 -14.78
N CYS C 82 19.85 -5.15 -15.94
CA CYS C 82 20.28 -5.84 -17.13
C CYS C 82 20.69 -4.79 -18.15
N MET C 83 21.95 -4.84 -18.57
CA MET C 83 22.48 -3.85 -19.49
C MET C 83 22.36 -4.45 -20.89
N HIS C 84 21.77 -3.66 -21.82
CA HIS C 84 21.75 -4.08 -23.21
C HIS C 84 23.10 -3.75 -23.79
N LEU C 85 23.52 -4.49 -24.81
CA LEU C 85 24.80 -4.28 -25.44
C LEU C 85 24.76 -4.80 -26.87
N THR C 86 25.19 -3.94 -27.82
CA THR C 86 25.27 -4.29 -29.23
C THR C 86 26.72 -4.60 -29.57
N CYS C 87 26.97 -5.11 -30.78
CA CYS C 87 28.32 -5.50 -31.19
C CYS C 87 28.76 -5.00 -32.56
N THR C 88 27.95 -5.16 -33.61
CA THR C 88 28.36 -4.78 -34.97
C THR C 88 28.62 -3.29 -35.12
N ASP C 89 27.88 -2.47 -34.39
CA ASP C 89 28.03 -1.01 -34.44
C ASP C 89 29.29 -0.53 -33.72
N MET C 90 30.03 -1.42 -33.04
CA MET C 90 31.15 -1.04 -32.21
C MET C 90 32.39 -1.83 -32.62
N GLY C 91 33.33 -2.02 -31.70
CA GLY C 91 34.46 -2.90 -31.88
C GLY C 91 34.68 -3.75 -30.63
N VAL C 92 35.71 -4.58 -30.68
CA VAL C 92 36.03 -5.49 -29.60
C VAL C 92 36.45 -4.70 -28.35
N GLU C 93 37.21 -3.64 -28.54
CA GLU C 93 37.71 -2.82 -27.44
C GLU C 93 36.54 -2.15 -26.70
N ARG C 94 35.60 -1.57 -27.45
CA ARG C 94 34.46 -0.91 -26.85
C ARG C 94 33.53 -1.90 -26.15
N ILE C 95 33.39 -3.12 -26.69
CA ILE C 95 32.60 -4.17 -26.06
C ILE C 95 33.26 -4.56 -24.75
N ASN C 96 34.55 -4.93 -24.81
CA ASN C 96 35.32 -5.30 -23.63
C ASN C 96 35.29 -4.24 -22.55
N ASP C 97 35.36 -2.97 -22.96
CA ASP C 97 35.24 -1.84 -22.05
C ASP C 97 33.88 -1.83 -21.34
N ALA C 98 32.82 -2.00 -22.11
CA ALA C 98 31.46 -2.02 -21.56
C ALA C 98 31.31 -3.19 -20.57
N LEU C 99 31.84 -4.36 -20.93
CA LEU C 99 31.72 -5.54 -20.10
C LEU C 99 32.48 -5.35 -18.80
N ARG C 100 33.70 -4.80 -18.88
CA ARG C 100 34.50 -4.53 -17.71
C ARG C 100 33.77 -3.57 -16.76
N LYS C 101 33.18 -2.51 -17.33
CA LYS C 101 32.43 -1.55 -16.51
C LYS C 101 31.23 -2.21 -15.84
N ALA C 102 30.47 -3.01 -16.60
CA ALA C 102 29.30 -3.70 -16.06
C ALA C 102 29.70 -4.69 -14.97
N TYR C 103 30.83 -5.36 -15.19
CA TYR C 103 31.43 -6.25 -14.22
C TYR C 103 31.70 -5.55 -12.89
N LYS C 104 32.46 -4.45 -12.96
CA LYS C 104 32.80 -3.71 -11.75
C LYS C 104 31.56 -3.12 -11.08
N ALA C 105 30.53 -2.79 -11.87
CA ALA C 105 29.31 -2.20 -11.34
C ALA C 105 28.48 -3.20 -10.54
N GLY C 106 28.73 -4.51 -10.70
CA GLY C 106 27.91 -5.53 -10.08
C GLY C 106 26.74 -5.97 -10.95
N CYS C 107 26.73 -5.60 -12.25
CA CYS C 107 25.75 -6.09 -13.19
C CYS C 107 26.06 -7.55 -13.49
N THR C 108 25.04 -8.42 -13.46
CA THR C 108 25.20 -9.84 -13.76
C THR C 108 24.23 -10.28 -14.84
N ASN C 109 23.72 -9.37 -15.65
CA ASN C 109 22.78 -9.69 -16.71
C ASN C 109 22.99 -8.76 -17.89
N ILE C 110 23.25 -9.36 -19.08
CA ILE C 110 23.49 -8.65 -20.31
C ILE C 110 22.42 -9.09 -21.28
N LEU C 111 21.84 -8.14 -22.02
CA LEU C 111 21.04 -8.47 -23.19
C LEU C 111 21.97 -8.30 -24.39
N ALA C 112 22.30 -9.41 -25.06
CA ALA C 112 23.30 -9.45 -26.12
C ALA C 112 22.61 -9.24 -27.46
N LEU C 113 22.95 -8.15 -28.16
CA LEU C 113 22.30 -7.73 -29.38
C LEU C 113 23.34 -7.47 -30.45
N ARG C 114 22.89 -7.56 -31.71
CA ARG C 114 23.73 -7.23 -32.84
C ARG C 114 23.86 -5.71 -32.97
N GLY C 115 22.71 -5.01 -32.81
CA GLY C 115 22.60 -3.65 -33.30
C GLY C 115 22.54 -3.64 -34.81
N ASP C 116 22.64 -2.43 -35.39
CA ASP C 116 22.54 -2.23 -36.82
C ASP C 116 23.94 -2.09 -37.39
N PRO C 117 24.28 -2.78 -38.52
CA PRO C 117 25.55 -2.56 -39.20
C PRO C 117 25.72 -1.12 -39.66
N PRO C 118 26.96 -0.57 -39.74
CA PRO C 118 27.17 0.76 -40.32
C PRO C 118 26.73 0.79 -41.79
N ARG C 119 26.25 1.95 -42.25
CA ARG C 119 25.83 2.11 -43.63
C ARG C 119 27.04 2.11 -44.58
N ASP C 120 28.17 2.69 -44.14
CA ASP C 120 29.38 2.68 -44.93
C ASP C 120 30.09 1.33 -44.75
N LYS C 121 30.14 0.49 -45.79
CA LYS C 121 30.72 -0.85 -45.67
C LYS C 121 32.21 -0.83 -45.31
N GLU C 122 32.92 0.19 -45.79
CA GLU C 122 34.31 0.46 -45.43
C GLU C 122 34.50 0.64 -43.92
N LYS C 123 33.51 1.27 -43.28
CA LYS C 123 33.55 1.51 -41.83
C LYS C 123 33.22 0.28 -40.98
N TRP C 124 32.88 -0.88 -41.57
CA TRP C 124 32.46 -2.05 -40.81
C TRP C 124 33.63 -2.97 -40.49
N GLU C 125 34.37 -2.64 -39.44
CA GLU C 125 35.58 -3.37 -39.05
C GLU C 125 35.21 -4.49 -38.09
N ALA C 126 34.12 -4.33 -37.32
CA ALA C 126 33.67 -5.33 -36.37
C ALA C 126 33.37 -6.67 -37.06
N ALA C 127 33.07 -6.63 -38.37
CA ALA C 127 32.90 -7.82 -39.19
C ALA C 127 34.17 -8.66 -39.25
N LYS C 128 35.31 -7.99 -39.45
CA LYS C 128 36.62 -8.63 -39.40
C LYS C 128 36.93 -8.99 -37.94
N ASP C 129 36.60 -8.07 -37.01
CA ASP C 129 36.78 -8.34 -35.58
C ASP C 129 36.12 -9.64 -35.14
N GLY C 130 35.11 -10.14 -35.84
CA GLY C 130 34.41 -11.36 -35.53
C GLY C 130 33.12 -11.06 -34.74
N PHE C 131 32.43 -9.94 -35.05
CA PHE C 131 31.18 -9.56 -34.42
C PHE C 131 30.17 -9.20 -35.49
N ARG C 132 29.76 -10.20 -36.28
CA ARG C 132 28.82 -9.99 -37.38
C ARG C 132 27.39 -10.14 -36.87
N TYR C 133 27.18 -11.02 -35.88
CA TYR C 133 25.86 -11.36 -35.37
C TYR C 133 25.89 -11.41 -33.85
N ALA C 134 24.73 -11.26 -33.22
CA ALA C 134 24.58 -11.38 -31.77
C ALA C 134 25.15 -12.66 -31.17
N LYS C 135 25.08 -13.78 -31.91
CA LYS C 135 25.65 -15.04 -31.45
C LYS C 135 27.15 -14.88 -31.09
N ASP C 136 27.85 -14.03 -31.85
CA ASP C 136 29.25 -13.79 -31.62
C ASP C 136 29.50 -13.07 -30.29
N LEU C 137 28.61 -12.14 -29.94
CA LEU C 137 28.70 -11.47 -28.66
C LEU C 137 28.35 -12.41 -27.49
N VAL C 138 27.36 -13.28 -27.69
CA VAL C 138 27.01 -14.27 -26.68
C VAL C 138 28.22 -15.15 -26.40
N ALA C 139 28.82 -15.67 -27.46
CA ALA C 139 30.00 -16.51 -27.35
C ALA C 139 31.12 -15.77 -26.64
N HIS C 140 31.30 -14.49 -26.97
CA HIS C 140 32.40 -13.71 -26.45
C HIS C 140 32.28 -13.54 -24.93
N ILE C 141 31.07 -13.16 -24.50
CA ILE C 141 30.82 -12.92 -23.09
C ILE C 141 31.07 -14.22 -22.32
N ARG C 142 30.56 -15.34 -22.84
CA ARG C 142 30.75 -16.62 -22.20
C ARG C 142 32.21 -17.03 -22.12
N LYS C 143 32.99 -16.76 -23.16
CA LYS C 143 34.38 -17.19 -23.16
C LYS C 143 35.23 -16.34 -22.23
N GLU C 144 34.96 -15.03 -22.17
CA GLU C 144 35.78 -14.13 -21.36
C GLU C 144 35.35 -14.07 -19.91
N TYR C 145 34.05 -14.20 -19.65
CA TYR C 145 33.51 -14.06 -18.29
C TYR C 145 32.80 -15.31 -17.78
N GLY C 146 32.86 -16.42 -18.53
CA GLY C 146 32.30 -17.69 -18.08
C GLY C 146 30.82 -17.60 -17.72
N ASP C 147 30.48 -17.87 -16.45
CA ASP C 147 29.13 -17.86 -15.94
C ASP C 147 28.72 -16.51 -15.36
N HIS C 148 29.63 -15.54 -15.30
CA HIS C 148 29.38 -14.35 -14.50
C HIS C 148 28.06 -13.67 -14.86
N PHE C 149 27.89 -13.43 -16.17
CA PHE C 149 26.72 -12.77 -16.73
C PHE C 149 25.74 -13.82 -17.24
N ASP C 150 24.48 -13.69 -16.83
CA ASP C 150 23.39 -14.27 -17.57
C ASP C 150 23.12 -13.44 -18.82
N ILE C 151 22.81 -14.10 -19.93
CA ILE C 151 22.74 -13.46 -21.24
C ILE C 151 21.36 -13.66 -21.82
N GLY C 152 20.67 -12.56 -22.16
CA GLY C 152 19.43 -12.58 -22.92
C GLY C 152 19.71 -12.35 -24.42
N VAL C 153 18.80 -12.77 -25.27
CA VAL C 153 18.86 -12.44 -26.69
C VAL C 153 17.49 -12.01 -27.18
N ALA C 154 17.50 -11.35 -28.34
CA ALA C 154 16.30 -10.75 -28.93
C ALA C 154 15.53 -11.82 -29.68
N GLY C 155 14.20 -11.86 -29.44
CA GLY C 155 13.28 -12.64 -30.24
C GLY C 155 12.26 -11.77 -30.96
N TYR C 156 11.77 -12.25 -32.11
CA TYR C 156 10.91 -11.45 -33.00
C TYR C 156 9.66 -12.23 -33.40
N PRO C 157 8.54 -12.12 -32.64
CA PRO C 157 7.28 -12.78 -33.01
C PRO C 157 6.70 -12.41 -34.36
N GLU C 158 6.96 -11.17 -34.83
CA GLU C 158 6.67 -10.73 -36.19
C GLU C 158 5.16 -10.66 -36.44
N GLY C 159 4.59 -11.73 -37.03
CA GLY C 159 3.26 -11.74 -37.57
C GLY C 159 3.18 -11.12 -38.96
N CYS C 160 3.58 -9.83 -39.08
CA CYS C 160 3.78 -9.18 -40.37
C CYS C 160 4.96 -8.21 -40.30
N ASP C 161 6.19 -8.76 -40.35
CA ASP C 161 7.42 -8.03 -40.06
C ASP C 161 8.62 -8.73 -40.70
N ASP C 162 9.76 -8.01 -40.83
CA ASP C 162 10.94 -8.54 -41.50
C ASP C 162 12.22 -8.34 -40.70
N ASN C 163 12.13 -8.07 -39.39
CA ASN C 163 13.32 -8.02 -38.54
C ASN C 163 14.06 -9.35 -38.64
N LYS C 164 13.30 -10.46 -38.66
CA LYS C 164 13.80 -11.81 -38.88
C LYS C 164 12.96 -12.49 -39.95
N ASP C 165 13.49 -13.53 -40.63
CA ASP C 165 12.84 -14.16 -41.78
C ASP C 165 12.44 -15.62 -41.58
N GLU C 166 11.14 -15.89 -41.40
CA GLU C 166 10.50 -17.17 -41.69
C GLU C 166 10.77 -18.23 -40.61
N ASP C 167 11.66 -19.17 -40.83
CA ASP C 167 12.09 -20.15 -39.86
C ASP C 167 13.60 -20.40 -40.04
N LEU C 168 14.23 -19.74 -41.02
CA LEU C 168 15.62 -19.36 -40.95
C LEU C 168 15.91 -18.53 -39.69
N LEU C 169 14.97 -17.62 -39.38
CA LEU C 169 15.05 -16.80 -38.19
C LEU C 169 15.11 -17.63 -36.91
N LEU C 170 14.32 -18.69 -36.83
CA LEU C 170 14.25 -19.56 -35.66
C LEU C 170 15.49 -20.43 -35.59
N ASP C 171 16.03 -20.87 -36.74
CA ASP C 171 17.33 -21.52 -36.78
C ASP C 171 18.42 -20.63 -36.17
N HIS C 172 18.44 -19.37 -36.60
CA HIS C 172 19.39 -18.38 -36.13
C HIS C 172 19.20 -18.05 -34.64
N LEU C 173 17.95 -18.04 -34.18
CA LEU C 173 17.63 -17.85 -32.78
C LEU C 173 18.18 -19.01 -31.95
N LYS C 174 18.04 -20.25 -32.48
CA LYS C 174 18.55 -21.42 -31.81
C LYS C 174 20.08 -21.37 -31.73
N GLU C 175 20.75 -20.94 -32.80
CA GLU C 175 22.20 -20.75 -32.77
C GLU C 175 22.61 -19.83 -31.62
N LYS C 176 21.97 -18.67 -31.51
CA LYS C 176 22.27 -17.69 -30.46
C LYS C 176 22.07 -18.30 -29.08
N VAL C 177 20.92 -18.95 -28.87
CA VAL C 177 20.61 -19.50 -27.56
C VAL C 177 21.66 -20.56 -27.20
N ASP C 178 22.01 -21.41 -28.17
CA ASP C 178 22.97 -22.48 -27.97
C ASP C 178 24.40 -21.99 -27.74
N MET C 179 24.71 -20.73 -28.06
CA MET C 179 26.00 -20.16 -27.71
C MET C 179 26.12 -19.86 -26.23
N GLY C 180 24.99 -19.80 -25.52
CA GLY C 180 24.98 -19.71 -24.07
C GLY C 180 24.07 -18.61 -23.54
N ALA C 181 22.93 -18.36 -24.20
CA ALA C 181 21.95 -17.40 -23.74
C ALA C 181 20.91 -18.15 -22.90
N GLY C 182 20.55 -17.57 -21.75
CA GLY C 182 19.65 -18.17 -20.80
C GLY C 182 18.20 -17.75 -20.98
N PHE C 183 17.92 -16.70 -21.75
CA PHE C 183 16.56 -16.27 -21.96
C PHE C 183 16.43 -15.41 -23.22
N ILE C 184 15.15 -15.26 -23.66
CA ILE C 184 14.77 -14.50 -24.83
C ILE C 184 13.92 -13.32 -24.38
N VAL C 185 14.16 -12.14 -24.95
CA VAL C 185 13.28 -10.99 -24.75
C VAL C 185 12.73 -10.63 -26.12
N THR C 186 11.40 -10.54 -26.22
CA THR C 186 10.78 -10.29 -27.52
C THR C 186 10.74 -8.78 -27.76
N GLN C 187 10.74 -8.41 -29.05
CA GLN C 187 10.36 -7.06 -29.45
C GLN C 187 8.88 -6.91 -29.12
N MET C 188 8.46 -5.67 -29.01
CA MET C 188 7.07 -5.31 -28.70
C MET C 188 6.12 -5.96 -29.71
N PHE C 189 4.90 -6.20 -29.25
CA PHE C 189 3.84 -6.72 -30.09
C PHE C 189 2.51 -6.31 -29.48
N TYR C 190 1.46 -6.31 -30.29
CA TYR C 190 0.08 -6.15 -29.83
C TYR C 190 -0.84 -7.25 -30.33
N ASP C 191 -0.34 -8.16 -31.19
CA ASP C 191 -1.09 -9.33 -31.63
C ASP C 191 -0.69 -10.54 -30.79
N VAL C 192 -1.44 -10.76 -29.71
CA VAL C 192 -1.14 -11.81 -28.74
C VAL C 192 -1.33 -13.22 -29.33
N ASP C 193 -2.28 -13.41 -30.24
CA ASP C 193 -2.49 -14.72 -30.85
C ASP C 193 -1.27 -15.13 -31.67
N ASN C 194 -0.75 -14.18 -32.48
CA ASN C 194 0.47 -14.42 -33.23
C ASN C 194 1.64 -14.71 -32.29
N PHE C 195 1.73 -13.97 -31.19
CA PHE C 195 2.78 -14.18 -30.21
C PHE C 195 2.75 -15.61 -29.63
N LEU C 196 1.55 -16.06 -29.23
CA LEU C 196 1.41 -17.37 -28.61
C LEU C 196 1.69 -18.51 -29.59
N ARG C 197 1.34 -18.29 -30.87
CA ARG C 197 1.67 -19.21 -31.95
C ARG C 197 3.18 -19.27 -32.15
N TRP C 198 3.81 -18.10 -32.15
CA TRP C 198 5.26 -17.99 -32.24
C TRP C 198 5.96 -18.77 -31.11
N VAL C 199 5.48 -18.60 -29.88
CA VAL C 199 6.03 -19.32 -28.73
C VAL C 199 6.01 -20.82 -29.00
N LYS C 200 4.85 -21.32 -29.46
CA LYS C 200 4.72 -22.72 -29.79
C LYS C 200 5.76 -23.15 -30.84
N LYS C 201 5.97 -22.31 -31.86
CA LYS C 201 6.93 -22.60 -32.91
C LYS C 201 8.35 -22.64 -32.33
N VAL C 202 8.65 -21.71 -31.41
CA VAL C 202 9.96 -21.62 -30.79
C VAL C 202 10.26 -22.91 -30.02
N ARG C 203 9.28 -23.37 -29.21
CA ARG C 203 9.45 -24.60 -28.45
C ARG C 203 9.58 -25.81 -29.35
N GLU C 204 8.76 -25.88 -30.42
CA GLU C 204 8.81 -26.98 -31.38
C GLU C 204 10.16 -27.06 -32.13
N ARG C 205 10.84 -25.90 -32.26
CA ARG C 205 12.17 -25.87 -32.84
C ARG C 205 13.25 -26.38 -31.88
N GLY C 206 12.87 -26.64 -30.62
CA GLY C 206 13.77 -27.15 -29.60
C GLY C 206 14.48 -26.05 -28.82
N ILE C 207 13.81 -24.89 -28.64
CA ILE C 207 14.32 -23.78 -27.86
C ILE C 207 13.49 -23.75 -26.58
N SER C 208 14.12 -24.05 -25.44
CA SER C 208 13.44 -24.25 -24.17
C SER C 208 13.67 -23.14 -23.15
N VAL C 209 14.60 -22.20 -23.40
CA VAL C 209 14.89 -21.16 -22.44
C VAL C 209 13.64 -20.30 -22.18
N PRO C 210 13.49 -19.66 -21.02
CA PRO C 210 12.34 -18.78 -20.77
C PRO C 210 12.18 -17.62 -21.77
N ILE C 211 10.93 -17.37 -22.20
CA ILE C 211 10.59 -16.29 -23.10
C ILE C 211 9.98 -15.14 -22.27
N VAL C 212 10.50 -13.92 -22.51
CA VAL C 212 10.03 -12.72 -21.86
C VAL C 212 9.36 -11.84 -22.91
N PRO C 213 8.03 -11.63 -22.84
CA PRO C 213 7.32 -10.74 -23.75
C PRO C 213 7.63 -9.28 -23.48
N GLY C 214 7.95 -8.54 -24.54
CA GLY C 214 8.06 -7.11 -24.51
C GLY C 214 6.69 -6.44 -24.62
N ILE C 215 6.25 -5.79 -23.54
CA ILE C 215 4.95 -5.12 -23.47
C ILE C 215 5.20 -3.62 -23.49
N MET C 216 4.53 -2.91 -24.40
CA MET C 216 4.59 -1.46 -24.37
C MET C 216 3.20 -0.90 -24.02
N PRO C 217 3.04 -0.38 -22.78
CA PRO C 217 1.87 0.41 -22.41
C PRO C 217 1.68 1.63 -23.31
N ILE C 218 0.43 2.01 -23.52
CA ILE C 218 0.07 3.13 -24.39
C ILE C 218 0.08 4.40 -23.54
N ALA C 219 1.10 5.24 -23.74
CA ALA C 219 1.21 6.54 -23.08
C ALA C 219 0.43 7.62 -23.84
N THR C 220 0.65 7.65 -25.16
CA THR C 220 0.07 8.63 -26.07
C THR C 220 -0.29 7.92 -27.38
N TYR C 221 -1.31 8.43 -28.07
CA TYR C 221 -1.70 7.84 -29.35
C TYR C 221 -0.57 7.91 -30.38
N ALA C 222 0.12 9.06 -30.40
CA ALA C 222 1.17 9.31 -31.37
C ALA C 222 2.32 8.32 -31.20
N SER C 223 2.83 8.21 -29.97
CA SER C 223 3.97 7.34 -29.69
C SER C 223 3.60 5.87 -29.91
N PHE C 224 2.34 5.53 -29.59
CA PHE C 224 1.78 4.20 -29.82
C PHE C 224 1.88 3.81 -31.29
N LEU C 225 1.30 4.63 -32.17
CA LEU C 225 1.32 4.39 -33.61
C LEU C 225 2.72 4.41 -34.18
N ARG C 226 3.48 5.45 -33.81
CA ARG C 226 4.78 5.69 -34.42
C ARG C 226 5.73 4.55 -34.08
N ARG C 227 5.70 4.10 -32.81
CA ARG C 227 6.55 3.00 -32.39
C ARG C 227 6.11 1.67 -33.01
N ALA C 228 4.80 1.45 -33.11
CA ALA C 228 4.27 0.26 -33.77
C ALA C 228 4.69 0.18 -35.24
N ASN C 229 4.38 1.25 -36.00
CA ASN C 229 4.72 1.33 -37.43
C ASN C 229 6.22 1.22 -37.69
N HIS C 230 7.02 1.81 -36.81
CA HIS C 230 8.47 1.77 -36.96
C HIS C 230 9.01 0.37 -36.71
N MET C 231 8.49 -0.31 -35.68
CA MET C 231 8.87 -1.68 -35.38
C MET C 231 8.10 -2.67 -36.25
N LYS C 232 7.28 -2.19 -37.21
CA LYS C 232 6.46 -3.01 -38.08
C LYS C 232 5.66 -4.05 -37.30
N CYS C 233 4.58 -3.61 -36.68
CA CYS C 233 3.94 -4.28 -35.55
C CYS C 233 2.42 -4.16 -35.68
N LYS C 234 1.76 -5.25 -36.09
CA LYS C 234 0.31 -5.28 -36.28
C LYS C 234 -0.42 -4.78 -35.03
N ILE C 235 -1.22 -3.71 -35.19
CA ILE C 235 -2.20 -3.29 -34.21
C ILE C 235 -3.54 -3.93 -34.59
N PRO C 236 -4.22 -4.68 -33.70
CA PRO C 236 -5.58 -5.17 -33.98
C PRO C 236 -6.56 -4.06 -34.42
N GLU C 237 -7.45 -4.40 -35.34
CA GLU C 237 -8.49 -3.46 -35.78
C GLU C 237 -9.43 -3.14 -34.62
N GLU C 238 -9.69 -4.13 -33.76
CA GLU C 238 -10.40 -3.94 -32.49
C GLU C 238 -9.89 -2.73 -31.69
N TRP C 239 -8.56 -2.61 -31.60
CA TRP C 239 -7.91 -1.57 -30.81
C TRP C 239 -8.04 -0.22 -31.50
N MET C 240 -7.68 -0.17 -32.78
CA MET C 240 -7.75 1.04 -33.58
C MET C 240 -9.17 1.62 -33.58
N ALA C 241 -10.15 0.71 -33.73
CA ALA C 241 -11.56 1.05 -33.66
C ALA C 241 -11.94 1.68 -32.32
N LYS C 242 -11.46 1.09 -31.22
CA LYS C 242 -11.81 1.55 -29.89
C LYS C 242 -11.15 2.90 -29.55
N LEU C 243 -9.97 3.16 -30.13
CA LEU C 243 -9.21 4.38 -29.88
C LEU C 243 -9.66 5.56 -30.76
N GLU C 244 -10.16 5.26 -31.98
CA GLU C 244 -10.51 6.27 -32.99
C GLU C 244 -11.41 7.40 -32.45
N PRO C 245 -12.52 7.08 -31.74
CA PRO C 245 -13.37 8.11 -31.13
C PRO C 245 -12.67 9.16 -30.29
N VAL C 246 -11.51 8.82 -29.70
CA VAL C 246 -10.83 9.70 -28.75
C VAL C 246 -9.34 9.82 -29.02
N LYS C 247 -8.87 9.64 -30.26
CA LYS C 247 -7.44 9.60 -30.55
C LYS C 247 -6.68 10.88 -30.16
N ASN C 248 -7.34 12.04 -30.23
CA ASN C 248 -6.67 13.30 -29.95
C ASN C 248 -6.71 13.68 -28.49
N ASP C 249 -7.39 12.91 -27.63
CA ASP C 249 -7.28 13.08 -26.19
C ASP C 249 -6.47 11.94 -25.58
N ASP C 250 -5.23 12.22 -25.20
CA ASP C 250 -4.32 11.20 -24.69
C ASP C 250 -4.68 10.68 -23.31
N VAL C 251 -5.44 11.46 -22.52
CA VAL C 251 -5.93 10.95 -21.24
C VAL C 251 -6.88 9.78 -21.52
N ALA C 252 -7.79 9.99 -22.48
CA ALA C 252 -8.78 8.98 -22.84
C ALA C 252 -8.12 7.80 -23.54
N VAL C 253 -7.14 8.09 -24.41
CA VAL C 253 -6.38 7.07 -25.10
C VAL C 253 -5.69 6.15 -24.08
N ARG C 254 -5.04 6.77 -23.09
CA ARG C 254 -4.32 6.02 -22.07
C ARG C 254 -5.26 5.16 -21.22
N GLU C 255 -6.44 5.69 -20.91
CA GLU C 255 -7.46 4.93 -20.16
C GLU C 255 -7.89 3.69 -20.92
N ILE C 256 -8.18 3.83 -22.21
CA ILE C 256 -8.62 2.69 -23.02
C ILE C 256 -7.46 1.69 -23.18
N GLY C 257 -6.26 2.23 -23.45
CA GLY C 257 -5.08 1.42 -23.68
C GLY C 257 -4.68 0.60 -22.46
N LYS C 258 -4.90 1.15 -21.25
CA LYS C 258 -4.74 0.41 -20.00
C LYS C 258 -5.46 -0.93 -20.10
N THR C 259 -6.73 -0.88 -20.49
CA THR C 259 -7.55 -2.08 -20.56
C THR C 259 -7.09 -3.00 -21.69
N LEU C 260 -6.83 -2.44 -22.87
CA LEU C 260 -6.38 -3.22 -24.02
C LEU C 260 -5.12 -4.02 -23.69
N VAL C 261 -4.11 -3.34 -23.14
CA VAL C 261 -2.83 -3.94 -22.83
C VAL C 261 -2.95 -4.92 -21.66
N ALA C 262 -3.70 -4.54 -20.62
CA ALA C 262 -3.89 -5.42 -19.47
C ALA C 262 -4.57 -6.72 -19.88
N ASP C 263 -5.58 -6.62 -20.76
CA ASP C 263 -6.25 -7.80 -21.30
C ASP C 263 -5.27 -8.70 -22.04
N MET C 264 -4.39 -8.08 -22.82
CA MET C 264 -3.38 -8.81 -23.55
C MET C 264 -2.43 -9.54 -22.59
N CYS C 265 -2.01 -8.82 -21.55
CA CYS C 265 -1.16 -9.39 -20.52
C CYS C 265 -1.81 -10.61 -19.84
N ARG C 266 -3.11 -10.52 -19.54
CA ARG C 266 -3.83 -11.64 -18.92
C ARG C 266 -3.84 -12.85 -19.83
N LYS C 267 -3.97 -12.63 -21.14
CA LYS C 267 -3.94 -13.72 -22.11
C LYS C 267 -2.57 -14.40 -22.12
N ILE C 268 -1.52 -13.62 -21.94
CA ILE C 268 -0.14 -14.13 -21.88
C ILE C 268 0.08 -14.92 -20.59
N LEU C 269 -0.35 -14.36 -19.45
CA LEU C 269 -0.23 -15.01 -18.14
C LEU C 269 -1.00 -16.34 -18.07
N ASP C 270 -2.23 -16.35 -18.59
CA ASP C 270 -3.04 -17.55 -18.70
C ASP C 270 -2.43 -18.60 -19.63
N ALA C 271 -1.59 -18.17 -20.57
CA ALA C 271 -0.85 -19.08 -21.43
C ALA C 271 0.38 -19.66 -20.75
N GLY C 272 0.69 -19.22 -19.52
CA GLY C 272 1.78 -19.76 -18.73
C GLY C 272 3.09 -18.99 -18.88
N ILE C 273 3.07 -17.82 -19.53
CA ILE C 273 4.22 -16.94 -19.64
C ILE C 273 4.09 -15.89 -18.56
N ARG C 274 4.95 -15.94 -17.54
CA ARG C 274 4.68 -15.30 -16.25
C ARG C 274 5.47 -14.06 -15.93
N HIS C 275 6.48 -13.71 -16.73
CA HIS C 275 7.26 -12.50 -16.49
C HIS C 275 6.96 -11.51 -17.59
N LEU C 276 6.57 -10.28 -17.20
CA LEU C 276 6.23 -9.24 -18.17
C LEU C 276 7.32 -8.18 -18.17
N HIS C 277 7.80 -7.83 -19.38
CA HIS C 277 8.84 -6.82 -19.53
C HIS C 277 8.25 -5.58 -20.15
N PHE C 278 8.12 -4.50 -19.35
CA PHE C 278 7.47 -3.27 -19.79
C PHE C 278 8.47 -2.25 -20.35
N TYR C 279 8.24 -1.84 -21.60
CA TYR C 279 8.91 -0.69 -22.19
C TYR C 279 8.24 0.59 -21.67
N THR C 280 8.88 1.27 -20.71
CA THR C 280 8.28 2.40 -20.02
C THR C 280 8.34 3.68 -20.85
N MET C 281 9.30 3.75 -21.79
CA MET C 281 9.64 4.98 -22.47
C MET C 281 9.96 6.11 -21.50
N ASN C 282 10.60 5.73 -20.36
CA ASN C 282 10.94 6.62 -19.27
C ASN C 282 9.74 7.38 -18.69
N LEU C 283 8.54 6.78 -18.77
CA LEU C 283 7.35 7.30 -18.10
C LEU C 283 6.82 6.25 -17.14
N ALA C 284 6.13 6.68 -16.08
CA ALA C 284 5.68 5.78 -15.02
C ALA C 284 4.22 5.38 -15.17
N GLN C 285 3.38 6.26 -15.71
CA GLN C 285 1.94 6.27 -15.42
C GLN C 285 1.28 5.07 -16.12
N ALA C 286 1.49 4.92 -17.43
CA ALA C 286 0.86 3.85 -18.19
C ALA C 286 1.23 2.46 -17.69
N THR C 287 2.48 2.28 -17.29
CA THR C 287 2.95 1.02 -16.71
C THR C 287 2.25 0.78 -15.38
N ARG C 288 2.24 1.80 -14.49
CA ARG C 288 1.53 1.75 -13.22
C ARG C 288 0.07 1.32 -13.44
N MET C 289 -0.56 1.90 -14.44
CA MET C 289 -1.98 1.72 -14.70
C MET C 289 -2.28 0.28 -15.12
N VAL C 290 -1.42 -0.28 -15.98
CA VAL C 290 -1.54 -1.67 -16.40
C VAL C 290 -1.34 -2.59 -15.18
N LEU C 291 -0.36 -2.28 -14.32
CA LEU C 291 -0.11 -3.09 -13.14
C LEU C 291 -1.28 -3.04 -12.16
N GLU C 292 -1.93 -1.88 -12.00
CA GLU C 292 -3.14 -1.76 -11.19
C GLU C 292 -4.22 -2.67 -11.75
N GLU C 293 -4.39 -2.65 -13.08
CA GLU C 293 -5.40 -3.46 -13.74
C GLU C 293 -5.14 -4.97 -13.54
N LEU C 294 -3.86 -5.37 -13.46
CA LEU C 294 -3.52 -6.76 -13.20
C LEU C 294 -3.50 -7.11 -11.71
N ASN C 295 -3.75 -6.14 -10.82
CA ASN C 295 -3.54 -6.32 -9.39
C ASN C 295 -2.13 -6.81 -9.07
N TRP C 296 -1.13 -6.15 -9.65
CA TRP C 296 0.29 -6.47 -9.48
C TRP C 296 1.08 -5.43 -8.71
N LEU C 297 0.41 -4.41 -8.13
CA LEU C 297 1.06 -3.48 -7.22
C LEU C 297 1.13 -4.06 -5.81
N PRO C 298 2.22 -3.82 -5.04
CA PRO C 298 2.39 -4.44 -3.71
C PRO C 298 1.55 -3.85 -2.56
N GLN C 340 4.28 13.65 -9.75
CA GLN C 340 5.33 13.23 -10.73
C GLN C 340 4.74 13.00 -12.14
N ASP C 341 3.63 13.67 -12.46
CA ASP C 341 2.85 13.48 -13.67
C ASP C 341 2.98 14.66 -14.62
N TRP C 342 3.94 15.55 -14.37
CA TRP C 342 4.07 16.79 -15.09
C TRP C 342 4.46 16.58 -16.55
N ASP C 343 5.16 15.47 -16.85
CA ASP C 343 5.59 15.11 -18.19
C ASP C 343 4.93 13.83 -18.72
N GLU C 344 3.77 13.47 -18.14
CA GLU C 344 2.89 12.40 -18.58
C GLU C 344 2.76 12.22 -20.10
N PHE C 345 2.66 13.36 -20.82
CA PHE C 345 2.33 13.37 -22.24
C PHE C 345 3.45 14.02 -23.02
N PRO C 346 4.51 13.27 -23.41
CA PRO C 346 5.55 13.81 -24.30
C PRO C 346 5.01 14.05 -25.71
N ASN C 347 5.79 14.81 -26.48
CA ASN C 347 5.39 15.26 -27.81
C ASN C 347 6.62 15.24 -28.68
N GLY C 348 7.27 14.07 -28.76
CA GLY C 348 8.55 13.90 -29.42
C GLY C 348 9.60 14.90 -28.92
N ARG C 349 10.18 15.66 -29.85
CA ARG C 349 11.17 16.66 -29.53
C ARG C 349 10.59 18.02 -29.14
N TRP C 350 9.26 18.11 -29.08
CA TRP C 350 8.56 19.36 -28.82
C TRP C 350 8.10 19.51 -27.38
N GLY C 351 8.12 18.42 -26.59
CA GLY C 351 7.79 18.51 -25.18
C GLY C 351 8.95 19.09 -24.37
N ASP C 352 8.80 19.06 -23.04
CA ASP C 352 9.80 19.58 -22.13
C ASP C 352 11.03 18.68 -22.18
N SER C 353 12.19 19.30 -22.44
CA SER C 353 13.46 18.60 -22.55
C SER C 353 13.99 18.10 -21.20
N ARG C 354 13.41 18.57 -20.10
CA ARG C 354 13.76 18.12 -18.77
C ARG C 354 13.19 16.74 -18.47
N SER C 355 12.17 16.32 -19.24
CA SER C 355 11.57 15.01 -19.08
C SER C 355 12.55 13.92 -19.50
N PRO C 356 12.69 12.83 -18.72
CA PRO C 356 13.34 11.60 -19.20
C PRO C 356 12.83 11.07 -20.53
N ALA C 357 11.52 11.26 -20.76
CA ALA C 357 10.82 10.77 -21.93
C ALA C 357 11.03 11.63 -23.17
N PHE C 358 11.79 12.72 -23.07
CA PHE C 358 11.98 13.63 -24.19
C PHE C 358 12.67 12.97 -25.39
N GLY C 359 12.24 13.38 -26.60
CA GLY C 359 12.84 12.98 -27.86
C GLY C 359 11.94 12.04 -28.65
N GLU C 360 12.45 11.59 -29.81
CA GLU C 360 11.80 10.59 -30.66
C GLU C 360 12.16 9.19 -30.21
N LEU C 361 11.17 8.48 -29.64
CA LEU C 361 11.35 7.15 -29.04
C LEU C 361 10.87 6.01 -29.95
N ASP C 362 11.13 6.10 -31.26
CA ASP C 362 10.62 5.14 -32.24
C ASP C 362 11.47 3.89 -32.30
N ALA C 363 12.81 4.06 -32.16
CA ALA C 363 13.79 3.00 -32.34
C ALA C 363 14.83 3.00 -31.23
N TYR C 364 15.67 1.96 -31.24
CA TYR C 364 16.71 1.78 -30.23
C TYR C 364 17.92 2.66 -30.43
N GLY C 365 18.00 3.41 -31.54
CA GLY C 365 19.13 4.30 -31.70
C GLY C 365 19.03 5.19 -32.92
N VAL C 366 19.82 6.27 -32.86
CA VAL C 366 19.80 7.35 -33.83
C VAL C 366 20.11 6.82 -35.23
N GLY C 367 19.33 7.27 -36.20
CA GLY C 367 19.56 6.92 -37.59
C GLY C 367 18.28 6.53 -38.32
N LEU C 368 18.47 6.36 -39.63
CA LEU C 368 17.44 6.04 -40.59
C LEU C 368 17.19 4.54 -40.56
N THR C 369 15.97 4.15 -40.94
CA THR C 369 15.59 2.77 -41.17
C THR C 369 15.94 2.37 -42.59
N GLY C 370 15.85 1.06 -42.87
CA GLY C 370 15.88 0.52 -44.22
C GLY C 370 17.31 0.30 -44.73
N SER C 371 17.43 -0.62 -45.70
CA SER C 371 18.67 -0.86 -46.42
C SER C 371 19.08 0.38 -47.19
N ASN C 372 20.38 0.54 -47.44
CA ASN C 372 20.89 1.58 -48.32
C ASN C 372 20.16 1.55 -49.67
N GLU C 373 19.96 0.34 -50.20
CA GLU C 373 19.19 0.12 -51.43
C GLU C 373 17.77 0.69 -51.31
N GLN C 374 17.08 0.34 -50.23
CA GLN C 374 15.69 0.77 -50.02
C GLN C 374 15.58 2.29 -49.94
N ASN C 375 16.55 2.90 -49.24
CA ASN C 375 16.59 4.35 -49.06
C ASN C 375 16.89 5.09 -50.35
N ARG C 376 17.80 4.54 -51.16
CA ARG C 376 18.02 5.06 -52.51
C ARG C 376 16.76 4.92 -53.37
N GLU C 377 16.01 3.83 -53.17
CA GLU C 377 14.81 3.53 -53.94
C GLU C 377 13.66 4.49 -53.62
N ARG C 378 13.50 4.84 -52.33
CA ARG C 378 12.74 6.02 -51.94
C ARG C 378 13.83 7.07 -51.98
N TRP C 379 13.54 8.33 -51.80
CA TRP C 379 14.54 9.41 -51.80
C TRP C 379 15.43 9.55 -53.03
N GLY C 380 15.56 8.54 -53.91
CA GLY C 380 16.24 8.71 -55.19
C GLY C 380 17.75 8.84 -54.99
N GLU C 381 18.41 9.43 -55.99
CA GLU C 381 19.82 9.74 -56.00
C GLU C 381 19.96 11.22 -56.32
N PRO C 382 19.84 12.15 -55.34
CA PRO C 382 19.86 13.59 -55.62
C PRO C 382 21.26 14.05 -56.05
N LYS C 383 21.31 14.80 -57.16
CA LYS C 383 22.56 15.33 -57.73
C LYS C 383 22.74 16.81 -57.38
N CYS C 384 21.67 17.49 -56.92
CA CYS C 384 21.66 18.92 -56.67
C CYS C 384 20.58 19.28 -55.66
N ILE C 385 20.51 20.57 -55.29
CA ILE C 385 19.56 21.07 -54.30
C ILE C 385 18.12 20.87 -54.76
N ARG C 386 17.85 21.12 -56.03
CA ARG C 386 16.49 21.04 -56.57
C ARG C 386 15.91 19.65 -56.37
N ASP C 387 16.75 18.61 -56.50
CA ASP C 387 16.31 17.23 -56.29
C ASP C 387 15.81 16.99 -54.87
N ILE C 388 16.55 17.54 -53.89
CA ILE C 388 16.18 17.45 -52.48
C ILE C 388 14.85 18.19 -52.28
N ALA C 389 14.78 19.41 -52.82
CA ALA C 389 13.57 20.23 -52.75
C ALA C 389 12.35 19.47 -53.28
N ASN C 390 12.51 18.81 -54.43
CA ASN C 390 11.41 18.05 -55.04
C ASN C 390 11.02 16.86 -54.15
N LEU C 391 12.00 16.25 -53.50
CA LEU C 391 11.71 15.19 -52.55
C LEU C 391 10.84 15.69 -51.41
N PHE C 392 11.18 16.87 -50.90
CA PHE C 392 10.43 17.47 -49.80
C PHE C 392 9.02 17.88 -50.23
N ILE C 393 8.90 18.40 -51.46
CA ILE C 393 7.60 18.78 -52.00
C ILE C 393 6.74 17.52 -52.18
N ARG C 394 7.34 16.43 -52.67
CA ARG C 394 6.66 15.14 -52.74
C ARG C 394 6.12 14.73 -51.36
N TYR C 395 6.92 14.95 -50.31
CA TYR C 395 6.46 14.70 -48.95
C TYR C 395 5.26 15.58 -48.59
N LEU C 396 5.35 16.87 -48.87
CA LEU C 396 4.29 17.83 -48.56
C LEU C 396 2.99 17.55 -49.32
N ARG C 397 3.12 17.06 -50.57
CA ARG C 397 1.98 16.68 -51.40
C ARG C 397 1.48 15.27 -51.10
N LYS C 398 1.95 14.65 -50.01
CA LYS C 398 1.44 13.38 -49.53
C LYS C 398 1.81 12.23 -50.48
N GLU C 399 2.81 12.41 -51.34
CA GLU C 399 3.20 11.43 -52.35
C GLU C 399 4.26 10.46 -51.80
N ILE C 400 5.06 10.88 -50.81
CA ILE C 400 5.85 9.98 -49.98
C ILE C 400 5.48 10.21 -48.52
N ASP C 401 5.58 9.13 -47.74
CA ASP C 401 5.17 9.12 -46.34
C ASP C 401 6.26 9.65 -45.40
N TYR C 402 7.54 9.46 -45.74
CA TYR C 402 8.64 9.73 -44.82
C TYR C 402 9.82 10.38 -45.53
N LEU C 403 10.27 11.52 -44.99
CA LEU C 403 11.58 12.07 -45.23
C LEU C 403 12.55 11.56 -44.18
N PRO C 404 13.88 11.64 -44.45
CA PRO C 404 14.90 11.33 -43.41
C PRO C 404 14.69 11.96 -42.02
N TRP C 405 14.11 13.16 -41.98
CA TRP C 405 13.86 13.87 -40.72
C TRP C 405 12.40 13.76 -40.27
N SER C 406 11.60 12.87 -40.87
CA SER C 406 10.16 12.84 -40.63
C SER C 406 9.76 11.73 -39.65
N GLU C 407 9.22 12.13 -38.50
CA GLU C 407 8.47 11.26 -37.60
C GLU C 407 7.32 10.52 -38.30
N ALA C 408 6.56 11.24 -39.13
CA ALA C 408 5.26 10.78 -39.62
C ALA C 408 4.96 11.41 -40.98
N PRO C 409 3.89 10.97 -41.69
CA PRO C 409 3.42 11.69 -42.88
C PRO C 409 2.90 13.09 -42.55
N VAL C 410 2.85 13.96 -43.56
CA VAL C 410 2.44 15.35 -43.38
C VAL C 410 1.05 15.40 -42.74
N ALA C 411 0.89 16.25 -41.70
CA ALA C 411 -0.37 16.41 -40.99
C ALA C 411 -1.34 17.26 -41.80
N ASP C 412 -2.63 17.09 -41.51
CA ASP C 412 -3.72 17.84 -42.12
C ASP C 412 -3.66 19.33 -41.82
N GLU C 413 -3.03 19.71 -40.68
CA GLU C 413 -2.86 21.11 -40.33
C GLU C 413 -1.89 21.85 -41.27
N ALA C 414 -1.19 21.12 -42.16
CA ALA C 414 -0.39 21.75 -43.19
C ALA C 414 -1.19 22.13 -44.44
N ASP C 415 -2.41 21.58 -44.61
CA ASP C 415 -3.19 21.73 -45.83
C ASP C 415 -3.42 23.18 -46.25
N LEU C 416 -3.76 24.03 -45.28
CA LEU C 416 -4.01 25.45 -45.53
C LEU C 416 -2.76 26.32 -45.64
N ILE C 417 -1.55 25.79 -45.38
CA ILE C 417 -0.28 26.50 -45.62
C ILE C 417 0.61 25.74 -46.59
N LYS C 418 0.07 24.72 -47.26
CA LYS C 418 0.86 23.81 -48.08
C LYS C 418 1.58 24.52 -49.22
N ASP C 419 0.89 25.47 -49.87
CA ASP C 419 1.45 26.18 -51.01
C ASP C 419 2.67 27.02 -50.63
N GLU C 420 2.61 27.67 -49.46
CA GLU C 420 3.69 28.51 -48.97
C GLU C 420 4.90 27.66 -48.59
N LEU C 421 4.65 26.51 -47.95
CA LEU C 421 5.69 25.55 -47.64
C LEU C 421 6.39 25.06 -48.91
N ILE C 422 5.59 24.63 -49.89
CA ILE C 422 6.12 24.23 -51.19
C ILE C 422 6.97 25.34 -51.81
N ASP C 423 6.52 26.60 -51.67
CA ASP C 423 7.21 27.74 -52.26
C ASP C 423 8.61 27.92 -51.66
N LEU C 424 8.69 27.80 -50.33
CA LEU C 424 9.97 27.82 -49.65
C LEU C 424 10.91 26.74 -50.16
N ASN C 425 10.41 25.52 -50.26
CA ASN C 425 11.23 24.38 -50.69
C ASN C 425 11.71 24.53 -52.12
N ARG C 426 10.85 25.04 -53.01
CA ARG C 426 11.26 25.33 -54.39
C ARG C 426 12.45 26.28 -54.45
N ARG C 427 12.45 27.28 -53.55
CA ARG C 427 13.52 28.26 -53.47
C ARG C 427 14.74 27.79 -52.68
N GLY C 428 14.72 26.54 -52.18
CA GLY C 428 15.86 25.91 -51.53
C GLY C 428 15.93 26.18 -50.02
N LEU C 429 14.86 26.70 -49.41
CA LEU C 429 14.72 26.74 -47.97
C LEU C 429 14.04 25.42 -47.60
N ILE C 430 14.85 24.42 -47.26
CA ILE C 430 14.40 23.06 -47.10
C ILE C 430 13.71 22.92 -45.75
N THR C 431 12.37 22.83 -45.73
CA THR C 431 11.59 22.84 -44.50
C THR C 431 11.60 21.45 -43.89
N VAL C 432 11.86 21.39 -42.58
CA VAL C 432 11.96 20.16 -41.80
C VAL C 432 10.70 19.97 -40.97
N ASN C 433 10.14 21.08 -40.46
CA ASN C 433 8.96 21.05 -39.61
C ASN C 433 8.26 22.40 -39.66
N SER C 434 6.97 22.42 -39.33
CA SER C 434 6.16 23.63 -39.42
C SER C 434 4.87 23.46 -38.64
N GLN C 435 4.22 24.59 -38.31
CA GLN C 435 2.82 24.56 -37.91
C GLN C 435 2.17 25.90 -38.20
N PRO C 436 0.84 25.88 -38.47
CA PRO C 436 0.09 27.12 -38.69
C PRO C 436 -0.27 27.77 -37.37
N ALA C 437 -0.50 29.09 -37.42
CA ALA C 437 -1.14 29.81 -36.33
C ALA C 437 -2.59 29.34 -36.21
N VAL C 438 -3.08 29.27 -34.98
CA VAL C 438 -4.45 28.91 -34.65
C VAL C 438 -4.86 29.80 -33.50
N ASN C 439 -6.02 30.44 -33.61
CA ASN C 439 -6.47 31.41 -32.63
C ASN C 439 -7.77 30.91 -32.02
N GLY C 440 -7.67 29.93 -31.16
CA GLY C 440 -8.80 29.52 -30.34
C GLY C 440 -9.80 28.66 -31.10
N ALA C 441 -9.31 27.66 -31.85
CA ALA C 441 -10.16 26.62 -32.40
C ALA C 441 -10.80 25.85 -31.27
N LYS C 442 -12.06 25.43 -31.46
CA LYS C 442 -12.67 24.48 -30.53
C LYS C 442 -11.82 23.22 -30.49
N SER C 443 -11.72 22.59 -29.32
CA SER C 443 -10.83 21.44 -29.09
C SER C 443 -11.29 20.19 -29.83
N ASN C 444 -12.54 20.18 -30.37
CA ASN C 444 -13.03 19.12 -31.23
C ASN C 444 -12.84 19.42 -32.71
N HIS C 445 -12.18 20.54 -33.06
CA HIS C 445 -11.94 20.90 -34.43
C HIS C 445 -11.29 19.73 -35.18
N PRO C 446 -11.83 19.31 -36.34
CA PRO C 446 -11.35 18.07 -36.99
C PRO C 446 -9.87 18.10 -37.38
N VAL C 447 -9.35 19.27 -37.77
CA VAL C 447 -7.95 19.44 -38.10
C VAL C 447 -7.14 19.83 -36.85
N HIS C 448 -7.50 20.93 -36.19
CA HIS C 448 -6.70 21.57 -35.16
C HIS C 448 -6.95 21.06 -33.74
N GLY C 449 -8.02 20.30 -33.51
CA GLY C 449 -8.45 19.94 -32.18
C GLY C 449 -7.53 18.91 -31.50
N TRP C 450 -7.45 19.00 -30.17
CA TRP C 450 -6.84 17.97 -29.34
C TRP C 450 -7.30 18.12 -27.88
N GLY C 451 -6.99 17.13 -27.06
CA GLY C 451 -7.33 17.16 -25.66
C GLY C 451 -8.81 16.85 -25.44
N PRO C 452 -9.34 17.09 -24.22
CA PRO C 452 -10.77 16.89 -23.95
C PRO C 452 -11.67 17.87 -24.70
N SER C 453 -12.97 17.70 -24.54
CA SER C 453 -13.96 18.50 -25.25
C SER C 453 -14.33 19.75 -24.44
N ASN C 454 -14.98 20.68 -25.14
CA ASN C 454 -15.39 21.96 -24.59
C ASN C 454 -14.17 22.78 -24.20
N GLY C 455 -13.08 22.65 -24.99
CA GLY C 455 -11.89 23.46 -24.83
C GLY C 455 -11.63 24.34 -26.04
N TYR C 456 -10.63 25.22 -25.92
CA TYR C 456 -10.12 26.00 -27.04
C TYR C 456 -8.60 25.79 -27.13
N VAL C 457 -8.07 25.74 -28.37
CA VAL C 457 -6.67 25.45 -28.58
C VAL C 457 -6.05 26.54 -29.43
N TYR C 458 -4.74 26.75 -29.22
CA TYR C 458 -4.01 27.87 -29.78
C TYR C 458 -2.66 27.39 -30.29
N GLN C 459 -2.19 28.01 -31.39
CA GLN C 459 -0.88 27.73 -31.93
C GLN C 459 -0.23 29.00 -32.43
N LYS C 460 1.01 29.25 -32.00
CA LYS C 460 1.91 30.18 -32.67
C LYS C 460 2.43 29.48 -33.93
N ALA C 461 2.41 30.20 -35.06
CA ALA C 461 3.04 29.71 -36.28
C ALA C 461 4.55 29.56 -36.07
N TYR C 462 5.11 28.45 -36.55
CA TYR C 462 6.56 28.29 -36.55
C TYR C 462 7.00 27.58 -37.81
N LEU C 463 8.30 27.71 -38.06
CA LEU C 463 8.92 27.18 -39.26
C LEU C 463 10.32 26.72 -38.88
N GLU C 464 10.70 25.55 -39.36
CA GLU C 464 12.04 25.02 -39.12
C GLU C 464 12.61 24.51 -40.42
N PHE C 465 13.83 24.95 -40.77
CA PHE C 465 14.37 24.63 -42.09
C PHE C 465 15.88 24.68 -42.12
N PHE C 466 16.44 23.95 -43.10
CA PHE C 466 17.82 24.06 -43.51
C PHE C 466 17.95 25.17 -44.54
N VAL C 467 19.04 25.93 -44.48
CA VAL C 467 19.30 26.98 -45.44
C VAL C 467 20.80 27.12 -45.67
N SER C 468 21.18 27.51 -46.90
CA SER C 468 22.57 27.64 -47.28
C SER C 468 23.24 28.76 -46.46
N PRO C 469 24.57 28.65 -46.17
CA PRO C 469 25.28 29.72 -45.45
C PRO C 469 25.29 31.06 -46.19
N GLU C 470 25.22 31.00 -47.52
CA GLU C 470 25.13 32.19 -48.38
C GLU C 470 23.88 32.99 -48.06
N LEU C 471 22.76 32.31 -47.83
CA LEU C 471 21.47 32.96 -47.65
C LEU C 471 21.13 33.24 -46.19
N TYR C 472 21.79 32.55 -45.25
CA TYR C 472 21.46 32.68 -43.83
C TYR C 472 21.58 34.13 -43.34
N PRO C 473 22.70 34.86 -43.61
CA PRO C 473 22.86 36.26 -43.16
C PRO C 473 21.66 37.17 -43.41
N GLU C 474 21.04 36.98 -44.59
CA GLU C 474 19.90 37.77 -45.01
C GLU C 474 18.68 37.42 -44.16
N ILE C 475 18.46 36.10 -43.99
CA ILE C 475 17.36 35.61 -43.16
C ILE C 475 17.47 36.19 -41.75
N LYS C 476 18.69 36.13 -41.20
CA LYS C 476 18.95 36.67 -39.88
C LYS C 476 18.57 38.15 -39.80
N ARG C 477 19.10 38.94 -40.75
CA ARG C 477 18.83 40.37 -40.82
C ARG C 477 17.32 40.66 -40.82
N ARG C 478 16.58 39.88 -41.62
CA ARG C 478 15.14 40.07 -41.76
C ARG C 478 14.36 39.72 -40.49
N ILE C 479 14.76 38.63 -39.81
CA ILE C 479 14.09 38.22 -38.58
C ILE C 479 14.31 39.27 -37.49
N GLU C 480 15.58 39.67 -37.30
CA GLU C 480 15.96 40.67 -36.30
C GLU C 480 15.16 41.98 -36.41
N SER C 481 14.79 42.37 -37.64
CA SER C 481 13.98 43.55 -37.87
C SER C 481 12.54 43.43 -37.37
N HIS C 482 12.02 42.18 -37.24
CA HIS C 482 10.67 41.93 -36.73
C HIS C 482 10.73 41.39 -35.30
N PRO C 483 10.52 42.25 -34.27
CA PRO C 483 10.82 41.88 -32.88
C PRO C 483 9.93 40.81 -32.24
N ASP C 484 8.76 40.53 -32.83
CA ASP C 484 7.83 39.55 -32.30
C ASP C 484 8.12 38.14 -32.78
N LEU C 485 9.21 37.96 -33.55
CA LEU C 485 9.70 36.67 -33.97
C LEU C 485 10.81 36.22 -33.05
N THR C 486 10.76 34.98 -32.57
CA THR C 486 11.86 34.36 -31.85
C THR C 486 12.53 33.40 -32.81
N TYR C 487 13.88 33.41 -32.88
CA TYR C 487 14.58 32.48 -33.76
C TYR C 487 15.73 31.79 -33.03
N HIS C 488 16.05 30.58 -33.49
CA HIS C 488 17.22 29.81 -33.08
C HIS C 488 17.87 29.30 -34.36
N ALA C 489 19.18 29.44 -34.50
CA ALA C 489 19.88 28.98 -35.68
C ALA C 489 21.25 28.44 -35.33
N VAL C 490 21.69 27.41 -36.06
CA VAL C 490 22.96 26.76 -35.77
C VAL C 490 23.44 25.90 -36.94
N THR C 491 24.76 25.69 -37.01
CA THR C 491 25.36 24.76 -37.97
C THR C 491 25.74 23.48 -37.26
N LYS C 492 26.15 22.47 -38.02
CA LYS C 492 26.58 21.19 -37.47
C LYS C 492 27.69 21.36 -36.43
N SER C 493 28.70 22.18 -36.73
CA SER C 493 29.89 22.34 -35.88
C SER C 493 30.01 23.73 -35.25
N GLY C 494 29.01 24.62 -35.44
CA GLY C 494 29.11 26.01 -35.00
C GLY C 494 28.24 26.32 -33.78
N ASN C 495 28.18 27.61 -33.42
CA ASN C 495 27.52 28.09 -32.22
C ASN C 495 26.07 28.49 -32.47
N LEU C 496 25.28 28.45 -31.39
CA LEU C 496 23.85 28.75 -31.40
C LEU C 496 23.69 30.26 -31.47
N GLU C 497 22.94 30.75 -32.47
CA GLU C 497 22.51 32.13 -32.55
C GLU C 497 21.01 32.20 -32.26
N THR C 498 20.59 33.26 -31.56
CA THR C 498 19.20 33.46 -31.17
C THR C 498 18.99 34.91 -30.75
N ASN C 499 17.76 35.38 -30.85
CA ASN C 499 17.37 36.70 -30.32
C ASN C 499 16.68 36.60 -28.96
N ALA C 500 16.41 35.36 -28.49
CA ALA C 500 15.79 35.15 -27.20
C ALA C 500 16.76 35.54 -26.09
N GLN C 501 16.43 36.61 -25.34
CA GLN C 501 17.35 37.18 -24.36
C GLN C 501 17.52 36.23 -23.16
N SER C 502 16.41 35.87 -22.50
CA SER C 502 16.41 34.87 -21.44
C SER C 502 16.67 33.48 -22.04
N ASP C 503 16.03 33.21 -23.18
CA ASP C 503 16.04 31.90 -23.82
C ASP C 503 15.61 30.80 -22.85
N GLY C 504 14.51 31.05 -22.13
CA GLY C 504 13.71 30.03 -21.47
C GLY C 504 12.75 29.41 -22.48
N PRO C 505 11.82 28.54 -22.05
CA PRO C 505 10.89 27.88 -22.95
C PRO C 505 9.86 28.84 -23.54
N ASN C 506 9.52 28.62 -24.81
CA ASN C 506 8.49 29.39 -25.51
C ASN C 506 7.36 28.44 -25.88
N ALA C 507 6.16 28.67 -25.33
CA ALA C 507 5.00 27.85 -25.64
C ALA C 507 4.47 28.22 -27.02
N VAL C 508 4.32 27.24 -27.90
CA VAL C 508 3.85 27.47 -29.27
C VAL C 508 2.57 26.71 -29.58
N THR C 509 2.16 25.77 -28.71
CA THR C 509 0.83 25.18 -28.76
C THR C 509 0.32 25.12 -27.33
N TRP C 510 -0.89 25.63 -27.09
CA TRP C 510 -1.51 25.48 -25.80
C TRP C 510 -3.02 25.32 -25.91
N GLY C 511 -3.63 24.90 -24.79
CA GLY C 511 -5.03 24.54 -24.76
C GLY C 511 -5.68 24.93 -23.44
N VAL C 512 -6.93 25.43 -23.53
CA VAL C 512 -7.71 25.88 -22.38
C VAL C 512 -8.87 24.91 -22.26
N PHE C 513 -8.93 24.16 -21.17
CA PHE C 513 -9.94 23.13 -20.97
C PHE C 513 -10.64 23.35 -19.64
N PRO C 514 -11.95 23.01 -19.51
CA PRO C 514 -12.70 23.19 -18.27
C PRO C 514 -12.05 22.58 -17.04
N GLY C 515 -11.91 23.37 -15.98
CA GLY C 515 -11.45 22.85 -14.70
C GLY C 515 -9.96 22.52 -14.68
N LYS C 516 -9.18 22.99 -15.67
CA LYS C 516 -7.79 22.62 -15.81
C LYS C 516 -6.89 23.86 -15.92
N GLU C 517 -5.60 23.64 -15.61
CA GLU C 517 -4.54 24.59 -15.92
C GLU C 517 -4.30 24.57 -17.42
N ILE C 518 -3.63 25.60 -17.92
CA ILE C 518 -3.30 25.70 -19.32
C ILE C 518 -2.30 24.60 -19.68
N VAL C 519 -2.63 23.80 -20.70
CA VAL C 519 -1.84 22.69 -21.16
C VAL C 519 -0.97 23.17 -22.32
N GLN C 520 0.33 22.82 -22.27
CA GLN C 520 1.36 23.37 -23.14
C GLN C 520 2.18 22.24 -23.74
N PRO C 521 1.61 21.40 -24.62
CA PRO C 521 2.36 20.27 -25.19
C PRO C 521 3.53 20.57 -26.12
N THR C 522 3.62 21.82 -26.63
CA THR C 522 4.63 22.15 -27.63
C THR C 522 5.38 23.40 -27.20
N ILE C 523 6.71 23.21 -27.04
CA ILE C 523 7.63 24.17 -26.49
C ILE C 523 8.79 24.28 -27.48
N VAL C 524 9.33 25.48 -27.67
CA VAL C 524 10.60 25.69 -28.34
C VAL C 524 11.53 26.18 -27.26
N GLU C 525 12.68 25.52 -27.11
CA GLU C 525 13.69 25.95 -26.14
C GLU C 525 15.08 25.56 -26.62
N ARG C 526 16.07 26.27 -26.10
CA ARG C 526 17.47 26.11 -26.45
C ARG C 526 17.95 24.65 -26.36
N ILE C 527 17.73 23.99 -25.21
CA ILE C 527 18.24 22.63 -25.02
C ILE C 527 17.52 21.65 -25.94
N SER C 528 16.20 21.78 -26.08
CA SER C 528 15.44 20.94 -27.02
C SER C 528 16.01 21.08 -28.43
N PHE C 529 16.24 22.33 -28.84
CA PHE C 529 16.69 22.64 -30.19
C PHE C 529 18.09 22.09 -30.46
N LEU C 530 19.02 22.23 -29.49
CA LEU C 530 20.38 21.71 -29.65
C LEU C 530 20.38 20.19 -29.68
N ALA C 531 19.56 19.57 -28.83
CA ALA C 531 19.36 18.12 -28.88
C ALA C 531 18.95 17.68 -30.28
N TRP C 532 18.04 18.45 -30.89
CA TRP C 532 17.57 18.17 -32.23
C TRP C 532 18.65 18.42 -33.28
N LYS C 533 19.31 19.59 -33.21
CA LYS C 533 20.43 19.90 -34.10
C LYS C 533 21.30 18.66 -34.32
N ASP C 534 21.80 18.10 -33.22
CA ASP C 534 22.76 17.00 -33.30
C ASP C 534 22.16 15.83 -34.08
N GLU C 535 20.90 15.50 -33.72
CA GLU C 535 20.19 14.42 -34.37
C GLU C 535 19.95 14.70 -35.85
N ALA C 536 19.54 15.93 -36.17
CA ALA C 536 19.20 16.31 -37.54
C ALA C 536 20.42 16.20 -38.47
N TYR C 537 21.54 16.79 -38.05
CA TYR C 537 22.76 16.71 -38.84
C TYR C 537 23.24 15.26 -38.96
N HIS C 538 23.03 14.45 -37.90
CA HIS C 538 23.35 13.03 -37.94
C HIS C 538 22.53 12.30 -39.01
N LEU C 539 21.22 12.56 -39.02
CA LEU C 539 20.32 11.91 -39.97
C LEU C 539 20.68 12.28 -41.41
N GLY C 540 21.10 13.54 -41.62
CA GLY C 540 21.56 13.94 -42.92
C GLY C 540 22.80 13.17 -43.36
N MET C 541 23.74 12.98 -42.44
CA MET C 541 24.95 12.22 -42.73
C MET C 541 24.65 10.75 -42.98
N GLU C 542 23.71 10.18 -42.21
CA GLU C 542 23.31 8.78 -42.40
C GLU C 542 22.61 8.63 -43.76
N TRP C 543 21.94 9.69 -44.23
CA TRP C 543 21.38 9.70 -45.57
C TRP C 543 22.49 9.71 -46.62
N ALA C 544 23.44 10.65 -46.48
CA ALA C 544 24.63 10.68 -47.32
C ALA C 544 25.31 9.31 -47.48
N ARG C 545 25.43 8.58 -46.36
CA ARG C 545 26.11 7.29 -46.37
C ARG C 545 25.32 6.15 -47.00
N CYS C 546 24.04 6.38 -47.35
CA CYS C 546 23.31 5.45 -48.21
C CYS C 546 23.88 5.42 -49.63
N TYR C 547 24.74 6.39 -49.99
CA TYR C 547 25.35 6.48 -51.30
C TYR C 547 26.85 6.18 -51.23
N ASP C 548 27.42 5.78 -52.40
CA ASP C 548 28.82 5.41 -52.53
C ASP C 548 29.77 6.56 -52.23
N ALA C 549 30.97 6.19 -51.75
CA ALA C 549 31.98 7.09 -51.21
C ALA C 549 32.22 8.36 -52.05
N GLY C 550 32.40 8.18 -53.37
CA GLY C 550 32.69 9.26 -54.30
C GLY C 550 31.45 9.90 -54.93
N SER C 551 30.24 9.40 -54.63
CA SER C 551 29.05 9.67 -55.41
C SER C 551 28.64 11.15 -55.33
N PRO C 552 28.01 11.71 -56.38
CA PRO C 552 27.41 13.06 -56.32
C PRO C 552 26.45 13.25 -55.14
N SER C 553 25.60 12.24 -54.90
CA SER C 553 24.62 12.30 -53.82
C SER C 553 25.27 12.45 -52.45
N ARG C 554 26.34 11.67 -52.21
CA ARG C 554 27.01 11.71 -50.92
C ARG C 554 27.71 13.05 -50.72
N VAL C 555 28.53 13.46 -51.69
CA VAL C 555 29.31 14.69 -51.54
C VAL C 555 28.36 15.89 -51.35
N LEU C 556 27.22 15.87 -52.09
CA LEU C 556 26.20 16.89 -51.98
C LEU C 556 25.67 16.95 -50.55
N LEU C 557 25.16 15.82 -50.07
CA LEU C 557 24.53 15.75 -48.74
C LEU C 557 25.51 16.07 -47.61
N GLU C 558 26.78 15.65 -47.74
CA GLU C 558 27.78 15.91 -46.73
C GLU C 558 28.14 17.39 -46.69
N GLU C 559 28.32 18.01 -47.88
CA GLU C 559 28.57 19.44 -47.97
C GLU C 559 27.42 20.22 -47.33
N MET C 560 26.19 19.83 -47.65
CA MET C 560 25.00 20.44 -47.08
C MET C 560 25.01 20.42 -45.55
N MET C 561 25.19 19.23 -44.98
CA MET C 561 25.19 19.07 -43.53
C MET C 561 26.35 19.82 -42.86
N ASN C 562 27.53 19.83 -43.50
CA ASN C 562 28.68 20.52 -42.95
C ASN C 562 28.63 22.04 -43.10
N THR C 563 27.74 22.60 -43.92
CA THR C 563 27.74 24.05 -44.19
C THR C 563 26.42 24.74 -43.93
N TRP C 564 25.28 24.04 -44.11
CA TRP C 564 23.97 24.66 -44.00
C TRP C 564 23.57 24.86 -42.55
N TRP C 565 22.74 25.90 -42.34
CA TRP C 565 22.17 26.23 -41.04
C TRP C 565 20.82 25.55 -40.86
N LEU C 566 20.57 25.06 -39.64
CA LEU C 566 19.25 24.69 -39.19
C LEU C 566 18.69 25.90 -38.44
N VAL C 567 17.48 26.30 -38.82
CA VAL C 567 16.87 27.54 -38.35
C VAL C 567 15.45 27.21 -37.88
N ASN C 568 15.07 27.77 -36.73
CA ASN C 568 13.75 27.67 -36.15
C ASN C 568 13.26 29.09 -35.94
N ILE C 569 12.08 29.42 -36.48
CA ILE C 569 11.47 30.74 -36.35
C ILE C 569 10.07 30.53 -35.81
N VAL C 570 9.70 31.31 -34.78
CA VAL C 570 8.38 31.31 -34.20
C VAL C 570 7.83 32.73 -34.33
N ASN C 571 6.58 32.83 -34.78
CA ASN C 571 5.86 34.09 -34.78
C ASN C 571 4.98 34.10 -33.54
N ASN C 572 5.34 34.92 -32.57
CA ASN C 572 4.64 34.93 -31.29
C ASN C 572 3.23 35.52 -31.42
N ASP C 573 2.97 36.30 -32.47
CA ASP C 573 1.62 36.75 -32.75
C ASP C 573 0.83 35.65 -33.47
N PHE C 574 0.00 34.96 -32.70
CA PHE C 574 -0.79 33.82 -33.15
C PHE C 574 -2.10 34.27 -33.79
N HIS C 575 -2.36 35.60 -33.84
CA HIS C 575 -3.40 36.15 -34.71
C HIS C 575 -3.00 36.10 -36.18
N GLN C 576 -1.69 36.05 -36.48
CA GLN C 576 -1.17 36.17 -37.82
C GLN C 576 -0.71 34.82 -38.38
N GLY C 577 -1.32 34.38 -39.50
CA GLY C 577 -0.98 33.15 -40.19
C GLY C 577 0.25 33.26 -41.10
N ASN C 578 0.41 34.39 -41.82
CA ASN C 578 1.23 34.47 -43.02
C ASN C 578 2.54 35.25 -42.89
N THR C 579 2.81 35.90 -41.76
CA THR C 579 3.91 36.86 -41.69
C THR C 579 5.29 36.16 -41.78
N LEU C 580 5.39 34.88 -41.40
CA LEU C 580 6.62 34.12 -41.60
C LEU C 580 6.97 33.95 -43.06
N PHE C 581 5.95 33.58 -43.85
CA PHE C 581 6.10 33.38 -45.28
C PHE C 581 6.37 34.69 -46.01
N GLU C 582 5.72 35.78 -45.55
CA GLU C 582 5.95 37.12 -46.08
C GLU C 582 7.39 37.55 -45.87
N ILE C 583 7.88 37.44 -44.63
CA ILE C 583 9.27 37.75 -44.26
C ILE C 583 10.27 37.03 -45.16
N LEU C 584 9.96 35.78 -45.58
CA LEU C 584 10.89 34.96 -46.34
C LEU C 584 10.60 34.98 -47.84
N LYS C 585 9.77 35.92 -48.33
CA LYS C 585 9.40 35.97 -49.73
C LYS C 585 10.54 36.63 -50.49
N GLY C 586 10.87 36.03 -51.65
CA GLY C 586 11.92 36.55 -52.53
C GLY C 586 13.34 36.12 -52.14
N LEU C 587 13.52 35.30 -51.10
CA LEU C 587 14.81 34.69 -50.82
C LEU C 587 14.93 33.37 -51.56
N GLU C 588 16.08 33.15 -52.21
CA GLU C 588 16.33 31.94 -52.97
C GLU C 588 17.80 31.54 -52.87
N VAL C 589 18.04 30.25 -52.67
CA VAL C 589 19.38 29.67 -52.73
C VAL C 589 19.74 29.61 -54.22
N THR C 590 20.93 30.08 -54.56
CA THR C 590 21.43 30.01 -55.94
C THR C 590 22.13 28.67 -56.15
N ASP C 591 22.35 28.33 -57.43
CA ASP C 591 22.97 27.07 -57.82
C ASP C 591 22.16 25.87 -57.33
N LEU C 592 20.84 25.91 -57.57
CA LEU C 592 19.93 24.82 -57.23
C LEU C 592 20.17 23.58 -58.10
N ASP C 593 20.67 23.78 -59.32
CA ASP C 593 20.93 22.73 -60.28
C ASP C 593 22.39 22.33 -60.37
N LYS C 594 23.27 22.99 -59.60
CA LYS C 594 24.70 22.71 -59.61
C LYS C 594 24.98 21.31 -59.07
N VAL C 595 25.77 20.55 -59.83
CA VAL C 595 26.21 19.21 -59.46
C VAL C 595 27.69 19.29 -59.02
N PRO C 596 28.04 18.83 -57.81
CA PRO C 596 29.44 18.87 -57.33
C PRO C 596 30.38 17.89 -58.05
N SER D 1 20.86 30.13 19.58
CA SER D 1 21.82 29.11 20.03
C SER D 1 23.12 29.77 20.42
N ASN D 2 23.96 29.02 21.17
CA ASN D 2 25.27 29.47 21.60
C ASN D 2 25.22 30.75 22.41
N ALA D 3 24.09 31.04 23.05
CA ALA D 3 23.87 32.30 23.74
C ALA D 3 23.99 33.54 22.84
N MET D 4 23.80 33.40 21.51
CA MET D 4 23.90 34.53 20.61
C MET D 4 22.66 35.42 20.87
N HIS D 5 22.93 36.68 21.18
CA HIS D 5 21.93 37.70 21.36
C HIS D 5 22.01 38.73 20.23
N ILE D 6 20.87 39.07 19.65
CA ILE D 6 20.80 39.98 18.52
C ILE D 6 21.38 41.35 18.86
N ARG D 7 21.17 41.84 20.09
CA ARG D 7 21.71 43.14 20.50
C ARG D 7 23.23 43.24 20.28
N ASP D 8 23.93 42.13 20.49
CA ASP D 8 25.37 42.04 20.31
C ASP D 8 25.72 42.01 18.83
N MET D 9 24.96 41.26 18.04
CA MET D 9 25.09 41.24 16.59
C MET D 9 24.88 42.64 15.99
N LEU D 10 23.89 43.38 16.50
CA LEU D 10 23.62 44.75 16.08
C LEU D 10 24.71 45.73 16.48
N ALA D 11 25.21 45.60 17.71
CA ALA D 11 26.37 46.37 18.17
C ALA D 11 27.57 46.19 17.26
N GLU D 12 27.82 44.94 16.83
CA GLU D 12 28.90 44.65 15.91
C GLU D 12 28.67 45.23 14.53
N ALA D 13 27.43 45.20 14.05
CA ALA D 13 27.10 45.83 12.78
C ALA D 13 27.40 47.32 12.83
N GLU D 14 27.05 47.94 13.96
CA GLU D 14 27.20 49.38 14.12
C GLU D 14 28.67 49.77 14.21
N ARG D 15 29.50 48.89 14.78
CA ARG D 15 30.93 49.14 14.92
C ARG D 15 31.67 48.89 13.60
N THR D 16 31.46 47.72 12.98
CA THR D 16 32.18 47.31 11.81
C THR D 16 31.68 47.92 10.51
N GLY D 17 30.36 48.16 10.43
CA GLY D 17 29.71 48.53 9.18
C GLY D 17 29.61 47.38 8.19
N GLU D 18 29.88 46.13 8.65
CA GLU D 18 29.84 44.94 7.83
C GLU D 18 28.45 44.75 7.22
N PRO D 19 28.29 43.99 6.13
CA PRO D 19 26.96 43.57 5.68
C PRO D 19 26.23 42.81 6.79
N SER D 20 25.16 43.42 7.31
CA SER D 20 24.40 42.86 8.42
C SER D 20 22.92 42.94 8.07
N PHE D 21 22.29 41.79 7.89
CA PHE D 21 20.90 41.74 7.52
C PHE D 21 20.24 40.45 8.00
N SER D 22 18.91 40.47 8.03
CA SER D 22 18.10 39.38 8.52
C SER D 22 16.86 39.25 7.67
N PHE D 23 16.27 38.05 7.62
CA PHE D 23 15.10 37.77 6.80
C PHE D 23 13.95 37.32 7.65
N GLU D 24 12.77 37.91 7.46
CA GLU D 24 11.54 37.50 8.11
C GLU D 24 10.76 36.58 7.17
N TYR D 25 10.28 35.47 7.72
CA TYR D 25 9.36 34.56 7.04
C TYR D 25 8.09 34.42 7.84
N PHE D 26 7.00 34.04 7.17
CA PHE D 26 5.75 33.78 7.86
C PHE D 26 5.33 32.34 7.65
N PRO D 27 4.51 31.74 8.56
CA PRO D 27 4.00 30.39 8.39
C PRO D 27 3.12 30.26 7.16
N PRO D 28 3.46 29.43 6.15
CA PRO D 28 2.60 29.24 4.98
C PRO D 28 1.22 28.69 5.31
N LYS D 29 0.29 28.82 4.36
CA LYS D 29 -1.09 28.39 4.55
C LYS D 29 -1.31 26.95 4.10
N THR D 30 -0.35 26.31 3.43
CA THR D 30 -0.48 25.01 2.82
C THR D 30 0.70 24.15 3.29
N ALA D 31 0.43 22.84 3.40
CA ALA D 31 1.48 21.88 3.77
C ALA D 31 2.63 21.87 2.75
N GLN D 32 2.24 21.92 1.49
CA GLN D 32 3.18 22.01 0.38
C GLN D 32 3.97 23.33 0.43
N GLY D 33 3.26 24.40 0.81
CA GLY D 33 3.89 25.68 1.07
C GLY D 33 4.98 25.64 2.15
N VAL D 34 4.73 24.86 3.20
CA VAL D 34 5.68 24.72 4.29
C VAL D 34 6.95 24.05 3.78
N GLN D 35 6.80 22.94 3.07
CA GLN D 35 7.96 22.23 2.55
C GLN D 35 8.77 23.12 1.63
N ASN D 36 8.08 23.79 0.71
CA ASN D 36 8.76 24.74 -0.18
C ASN D 36 9.47 25.85 0.58
N LEU D 37 8.87 26.30 1.69
CA LEU D 37 9.48 27.36 2.47
C LEU D 37 10.81 26.90 3.07
N TYR D 38 10.88 25.67 3.55
CA TYR D 38 12.13 25.15 4.11
C TYR D 38 13.25 25.19 3.07
N ASP D 39 12.94 24.76 1.83
CA ASP D 39 13.90 24.84 0.74
C ASP D 39 14.36 26.27 0.51
N ARG D 40 13.41 27.21 0.54
CA ARG D 40 13.72 28.60 0.28
C ARG D 40 14.61 29.19 1.37
N MET D 41 14.34 28.81 2.64
CA MET D 41 15.10 29.28 3.78
C MET D 41 16.55 28.77 3.67
N GLU D 42 16.70 27.51 3.24
CA GLU D 42 18.03 26.95 3.02
C GLU D 42 18.79 27.72 1.95
N ARG D 43 18.16 27.94 0.79
CA ARG D 43 18.82 28.64 -0.31
C ARG D 43 19.22 30.06 0.14
N MET D 44 18.26 30.78 0.73
CA MET D 44 18.48 32.18 1.08
C MET D 44 19.51 32.35 2.20
N TYR D 45 19.72 31.31 3.03
CA TYR D 45 20.75 31.39 4.04
C TYR D 45 22.18 31.54 3.45
N ASN D 46 22.37 31.10 2.21
CA ASN D 46 23.62 31.33 1.50
C ASN D 46 23.89 32.78 1.13
N TYR D 47 22.87 33.64 1.17
CA TYR D 47 23.07 35.09 1.04
C TYR D 47 23.79 35.63 2.26
N GLY D 48 23.79 34.88 3.36
CA GLY D 48 24.53 35.21 4.57
C GLY D 48 23.79 36.13 5.54
N PRO D 49 22.49 35.89 5.88
CA PRO D 49 21.83 36.69 6.90
C PRO D 49 22.39 36.29 8.25
N LYS D 50 22.42 37.22 9.20
CA LYS D 50 22.87 36.92 10.54
C LYS D 50 21.87 36.02 11.25
N PHE D 51 20.59 36.14 10.89
CA PHE D 51 19.53 35.34 11.44
C PHE D 51 18.26 35.52 10.60
N ILE D 52 17.25 34.71 10.92
CA ILE D 52 15.94 34.80 10.28
C ILE D 52 14.90 34.95 11.38
N ASP D 53 13.78 35.61 11.05
CA ASP D 53 12.66 35.80 11.92
C ASP D 53 11.59 34.86 11.43
N ILE D 54 10.82 34.29 12.36
CA ILE D 54 9.59 33.59 12.00
C ILE D 54 8.46 34.27 12.73
N THR D 55 7.41 34.62 11.97
CA THR D 55 6.27 35.39 12.48
C THR D 55 5.39 34.46 13.32
N TRP D 56 4.60 35.09 14.19
CA TRP D 56 3.61 34.40 15.00
C TRP D 56 2.21 34.61 14.45
N GLY D 57 1.50 33.53 14.17
CA GLY D 57 0.13 33.63 13.72
C GLY D 57 -0.79 34.14 14.82
N ALA D 58 -1.39 35.32 14.57
CA ALA D 58 -2.39 35.95 15.42
C ALA D 58 -3.43 34.94 15.91
N GLY D 59 -3.52 34.80 17.24
CA GLY D 59 -4.46 33.88 17.88
C GLY D 59 -3.85 32.54 18.26
N GLY D 60 -3.43 31.75 17.24
CA GLY D 60 -3.03 30.37 17.42
C GLY D 60 -3.36 29.57 16.18
N ARG D 61 -3.79 28.31 16.35
CA ARG D 61 -3.92 27.32 15.29
C ARG D 61 -2.57 27.02 14.64
N VAL D 62 -1.95 28.04 14.05
CA VAL D 62 -0.63 28.01 13.46
C VAL D 62 0.49 28.26 14.47
N ALA D 63 0.17 28.35 15.77
CA ALA D 63 1.19 28.33 16.81
C ALA D 63 2.08 27.10 16.70
N GLU D 64 1.43 25.94 16.51
CA GLU D 64 2.11 24.68 16.34
C GLU D 64 3.06 24.74 15.15
N LEU D 65 2.62 25.40 14.08
CA LEU D 65 3.41 25.52 12.86
C LEU D 65 4.61 26.43 13.06
N THR D 66 4.40 27.58 13.73
CA THR D 66 5.50 28.48 14.03
C THR D 66 6.58 27.73 14.81
N CYS D 67 6.16 27.03 15.85
CA CYS D 67 7.07 26.27 16.70
C CYS D 67 7.76 25.15 15.92
N GLU D 68 6.99 24.44 15.09
CA GLU D 68 7.52 23.40 14.20
C GLU D 68 8.66 23.98 13.36
N MET D 69 8.42 25.16 12.78
CA MET D 69 9.35 25.80 11.87
C MET D 69 10.59 26.34 12.57
N VAL D 70 10.41 26.89 13.78
CA VAL D 70 11.54 27.35 14.56
C VAL D 70 12.43 26.15 14.89
N VAL D 71 11.81 25.03 15.29
CA VAL D 71 12.55 23.81 15.57
C VAL D 71 13.26 23.32 14.33
N GLN D 72 12.55 23.25 13.21
CA GLN D 72 13.12 22.78 11.95
C GLN D 72 14.31 23.65 11.54
N ALA D 73 14.13 24.97 11.64
CA ALA D 73 15.14 25.93 11.21
C ALA D 73 16.34 25.90 12.15
N GLN D 74 16.08 26.08 13.45
CA GLN D 74 17.13 26.24 14.44
C GLN D 74 17.84 24.91 14.66
N ALA D 75 17.04 23.88 14.98
CA ALA D 75 17.57 22.61 15.46
C ALA D 75 18.10 21.71 14.34
N TYR D 76 17.46 21.67 13.16
CA TYR D 76 17.79 20.71 12.10
C TYR D 76 18.54 21.37 10.95
N LEU D 77 18.07 22.51 10.45
CA LEU D 77 18.74 23.19 9.34
C LEU D 77 19.87 24.10 9.79
N GLY D 78 20.06 24.29 11.11
CA GLY D 78 21.11 25.14 11.64
C GLY D 78 21.03 26.62 11.21
N LEU D 79 19.83 27.19 11.24
CA LEU D 79 19.60 28.59 10.90
C LEU D 79 19.31 29.32 12.18
N GLU D 80 20.04 30.42 12.46
CA GLU D 80 19.82 31.17 13.68
C GLU D 80 18.46 31.88 13.58
N THR D 81 17.53 31.58 14.50
CA THR D 81 16.16 32.11 14.43
C THR D 81 15.83 33.06 15.58
N CYS D 82 15.05 34.10 15.26
CA CYS D 82 14.32 34.91 16.21
C CYS D 82 12.83 34.61 16.04
N MET D 83 12.18 34.14 17.11
CA MET D 83 10.79 33.75 17.03
C MET D 83 9.95 34.95 17.50
N HIS D 84 8.96 35.35 16.71
CA HIS D 84 8.00 36.36 17.16
C HIS D 84 7.00 35.67 18.08
N LEU D 85 6.44 36.42 19.03
CA LEU D 85 5.42 35.92 19.93
C LEU D 85 4.50 37.04 20.41
N THR D 86 3.18 36.80 20.34
CA THR D 86 2.16 37.72 20.83
C THR D 86 1.69 37.24 22.21
N CYS D 87 0.86 38.05 22.91
CA CYS D 87 0.39 37.71 24.24
C CYS D 87 -1.11 37.93 24.46
N THR D 88 -1.69 39.09 24.07
CA THR D 88 -3.11 39.36 24.33
C THR D 88 -4.06 38.40 23.61
N ASP D 89 -3.61 37.90 22.45
CA ASP D 89 -4.34 36.93 21.63
C ASP D 89 -4.48 35.57 22.32
N MET D 90 -3.71 35.30 23.39
CA MET D 90 -3.47 33.96 23.88
C MET D 90 -3.75 33.93 25.37
N GLY D 91 -3.17 32.97 26.11
CA GLY D 91 -3.12 33.02 27.56
C GLY D 91 -1.75 32.57 28.07
N VAL D 92 -1.64 32.41 29.39
CA VAL D 92 -0.35 32.20 30.04
C VAL D 92 0.25 30.85 29.64
N GLU D 93 -0.62 29.83 29.58
CA GLU D 93 -0.21 28.48 29.26
C GLU D 93 0.35 28.44 27.83
N ARG D 94 -0.36 29.04 26.88
CA ARG D 94 0.10 29.07 25.48
C ARG D 94 1.41 29.84 25.32
N ILE D 95 1.55 30.96 26.04
CA ILE D 95 2.78 31.74 26.00
C ILE D 95 3.95 30.90 26.52
N ASN D 96 3.76 30.32 27.70
CA ASN D 96 4.78 29.47 28.31
C ASN D 96 5.15 28.28 27.44
N ASP D 97 4.15 27.71 26.76
CA ASP D 97 4.36 26.59 25.85
C ASP D 97 5.25 26.99 24.67
N ALA D 98 4.95 28.16 24.11
CA ALA D 98 5.73 28.68 22.99
C ALA D 98 7.18 28.94 23.41
N LEU D 99 7.34 29.53 24.61
CA LEU D 99 8.66 29.85 25.10
C LEU D 99 9.46 28.58 25.33
N ARG D 100 8.82 27.58 25.95
CA ARG D 100 9.44 26.28 26.19
C ARG D 100 9.89 25.64 24.87
N LYS D 101 9.04 25.69 23.86
CA LYS D 101 9.40 25.14 22.55
C LYS D 101 10.59 25.86 21.93
N ALA D 102 10.57 27.20 21.97
CA ALA D 102 11.68 27.98 21.44
C ALA D 102 12.99 27.69 22.20
N TYR D 103 12.85 27.53 23.52
CA TYR D 103 13.95 27.14 24.37
C TYR D 103 14.57 25.81 23.95
N LYS D 104 13.73 24.78 23.83
CA LYS D 104 14.23 23.45 23.46
C LYS D 104 14.79 23.44 22.05
N ALA D 105 14.28 24.31 21.17
CA ALA D 105 14.74 24.41 19.80
C ALA D 105 16.12 25.01 19.69
N GLY D 106 16.60 25.70 20.71
CA GLY D 106 17.88 26.39 20.68
C GLY D 106 17.76 27.83 20.20
N CYS D 107 16.53 28.38 20.17
CA CYS D 107 16.32 29.78 19.89
C CYS D 107 16.75 30.60 21.11
N THR D 108 17.47 31.71 20.90
CA THR D 108 17.87 32.61 21.97
C THR D 108 17.45 34.05 21.69
N ASN D 109 16.48 34.26 20.79
CA ASN D 109 15.97 35.58 20.47
C ASN D 109 14.47 35.55 20.23
N ILE D 110 13.72 36.38 20.96
CA ILE D 110 12.27 36.49 20.86
C ILE D 110 11.95 37.93 20.46
N LEU D 111 11.02 38.10 19.51
CA LEU D 111 10.39 39.40 19.30
C LEU D 111 9.08 39.40 20.07
N ALA D 112 9.01 40.20 21.14
CA ALA D 112 7.88 40.21 22.07
C ALA D 112 6.83 41.23 21.62
N LEU D 113 5.63 40.76 21.30
CA LEU D 113 4.56 41.56 20.71
C LEU D 113 3.28 41.41 21.50
N ARG D 114 2.40 42.41 21.37
CA ARG D 114 1.08 42.36 21.96
C ARG D 114 0.17 41.44 21.15
N GLY D 115 0.23 41.60 19.82
CA GLY D 115 -0.84 41.12 18.95
C GLY D 115 -2.08 41.98 19.12
N ASP D 116 -3.21 41.56 18.56
CA ASP D 116 -4.43 42.34 18.56
C ASP D 116 -5.34 41.90 19.69
N PRO D 117 -5.90 42.84 20.50
CA PRO D 117 -6.87 42.46 21.52
C PRO D 117 -8.13 41.85 20.89
N PRO D 118 -8.88 40.97 21.58
CA PRO D 118 -10.17 40.51 21.06
C PRO D 118 -11.16 41.67 20.88
N ARG D 119 -12.00 41.60 19.84
CA ARG D 119 -13.05 42.62 19.66
C ARG D 119 -14.12 42.50 20.72
N ASP D 120 -14.43 41.25 21.13
CA ASP D 120 -15.31 40.96 22.25
C ASP D 120 -14.45 40.91 23.52
N LYS D 121 -14.26 42.08 24.15
CA LYS D 121 -13.40 42.21 25.34
C LYS D 121 -14.00 41.58 26.59
N GLU D 122 -15.28 41.18 26.57
CA GLU D 122 -15.87 40.31 27.59
C GLU D 122 -15.11 38.98 27.66
N LYS D 123 -14.65 38.48 26.50
CA LYS D 123 -13.89 37.25 26.42
C LYS D 123 -12.40 37.52 26.26
N TRP D 124 -11.80 38.20 27.26
CA TRP D 124 -10.39 38.58 27.21
C TRP D 124 -9.58 37.96 28.36
N GLU D 125 -9.22 36.68 28.21
CA GLU D 125 -8.47 35.93 29.21
C GLU D 125 -7.09 36.52 29.52
N ALA D 126 -6.36 36.88 28.46
CA ALA D 126 -4.99 37.35 28.57
C ALA D 126 -4.84 38.55 29.51
N ALA D 127 -5.85 39.45 29.51
CA ALA D 127 -5.81 40.64 30.34
C ALA D 127 -6.03 40.30 31.79
N LYS D 128 -6.93 39.33 32.07
CA LYS D 128 -7.06 38.77 33.41
C LYS D 128 -5.78 38.07 33.85
N ASP D 129 -5.09 37.44 32.88
CA ASP D 129 -3.79 36.82 33.10
C ASP D 129 -2.64 37.82 33.26
N GLY D 130 -2.88 39.12 33.07
CA GLY D 130 -1.86 40.15 33.19
C GLY D 130 -1.02 40.32 31.92
N PHE D 131 -1.63 40.13 30.73
CA PHE D 131 -0.98 40.29 29.44
C PHE D 131 -1.79 41.24 28.57
N ARG D 132 -1.84 42.52 28.96
CA ARG D 132 -2.60 43.55 28.26
C ARG D 132 -1.75 44.18 27.17
N TYR D 133 -0.44 44.30 27.41
CA TYR D 133 0.49 44.98 26.52
C TYR D 133 1.76 44.16 26.35
N ALA D 134 2.51 44.42 25.26
CA ALA D 134 3.81 43.79 25.02
C ALA D 134 4.79 43.87 26.17
N LYS D 135 4.76 44.99 26.92
CA LYS D 135 5.65 45.15 28.06
C LYS D 135 5.48 44.00 29.07
N ASP D 136 4.25 43.49 29.19
CA ASP D 136 3.96 42.41 30.10
C ASP D 136 4.63 41.11 29.67
N LEU D 137 4.66 40.87 28.35
CA LEU D 137 5.37 39.72 27.82
C LEU D 137 6.90 39.86 27.98
N VAL D 138 7.43 41.07 27.78
CA VAL D 138 8.85 41.32 27.97
C VAL D 138 9.22 40.99 29.42
N ALA D 139 8.44 41.54 30.36
CA ALA D 139 8.66 41.27 31.77
C ALA D 139 8.60 39.77 32.07
N HIS D 140 7.63 39.10 31.45
CA HIS D 140 7.40 37.68 31.71
C HIS D 140 8.59 36.83 31.26
N ILE D 141 9.06 37.10 30.06
CA ILE D 141 10.19 36.36 29.49
C ILE D 141 11.41 36.56 30.40
N ARG D 142 11.65 37.79 30.81
CA ARG D 142 12.77 38.07 31.70
C ARG D 142 12.64 37.37 33.04
N LYS D 143 11.43 37.29 33.60
CA LYS D 143 11.20 36.65 34.89
C LYS D 143 11.42 35.13 34.81
N GLU D 144 10.91 34.52 33.76
CA GLU D 144 10.90 33.06 33.64
C GLU D 144 12.20 32.53 33.05
N TYR D 145 12.86 33.28 32.16
CA TYR D 145 14.06 32.82 31.47
C TYR D 145 15.29 33.68 31.75
N GLY D 146 15.17 34.73 32.57
CA GLY D 146 16.32 35.59 32.85
C GLY D 146 16.90 36.22 31.59
N ASP D 147 18.19 35.95 31.34
CA ASP D 147 18.92 36.47 30.20
C ASP D 147 18.94 35.49 29.04
N HIS D 148 18.30 34.32 29.16
CA HIS D 148 18.42 33.31 28.12
C HIS D 148 18.08 33.87 26.73
N PHE D 149 16.94 34.53 26.64
CA PHE D 149 16.44 35.16 25.43
C PHE D 149 16.79 36.63 25.42
N ASP D 150 17.37 37.09 24.29
CA ASP D 150 17.32 38.49 23.95
C ASP D 150 15.94 38.80 23.40
N ILE D 151 15.42 39.98 23.72
CA ILE D 151 14.05 40.34 23.43
C ILE D 151 14.04 41.60 22.56
N GLY D 152 13.38 41.51 21.39
CA GLY D 152 13.07 42.66 20.56
C GLY D 152 11.65 43.16 20.82
N VAL D 153 11.38 44.42 20.50
CA VAL D 153 10.03 44.95 20.53
C VAL D 153 9.76 45.73 19.25
N ALA D 154 8.46 45.93 18.98
CA ALA D 154 7.98 46.59 17.78
C ALA D 154 8.07 48.09 17.96
N GLY D 155 8.59 48.78 16.92
CA GLY D 155 8.56 50.23 16.84
C GLY D 155 7.80 50.71 15.61
N TYR D 156 7.20 51.91 15.68
CA TYR D 156 6.30 52.40 14.64
C TYR D 156 6.67 53.81 14.18
N PRO D 157 7.52 53.97 13.14
CA PRO D 157 7.89 55.29 12.63
C PRO D 157 6.73 56.17 12.13
N GLU D 158 5.69 55.53 11.58
CA GLU D 158 4.57 56.24 10.97
C GLU D 158 3.30 56.04 11.80
N GLY D 159 3.40 55.57 13.06
CA GLY D 159 2.32 55.64 14.02
C GLY D 159 1.14 54.68 13.80
N CYS D 160 1.39 53.37 13.64
CA CYS D 160 0.35 52.42 13.25
C CYS D 160 0.47 51.09 13.99
N ASP D 161 -0.04 51.04 15.22
CA ASP D 161 -0.29 49.79 15.95
C ASP D 161 -1.73 49.73 16.45
N ASP D 162 -2.19 50.81 17.11
CA ASP D 162 -3.56 50.90 17.62
C ASP D 162 -4.02 52.35 17.50
N ASN D 163 -3.48 53.23 18.35
CA ASN D 163 -3.56 54.68 18.22
C ASN D 163 -2.28 55.17 17.54
N LYS D 164 -2.34 56.41 17.02
CA LYS D 164 -1.25 57.03 16.26
C LYS D 164 -0.56 58.16 17.01
N ASP D 165 -1.13 58.63 18.14
CA ASP D 165 -0.55 59.69 18.95
C ASP D 165 0.92 59.38 19.31
N GLU D 166 1.85 60.03 18.59
CA GLU D 166 3.25 59.64 18.55
C GLU D 166 3.96 59.78 19.91
N ASP D 167 3.61 60.85 20.65
CA ASP D 167 4.06 61.05 22.01
C ASP D 167 3.82 59.88 22.97
N LEU D 168 2.55 59.47 23.00
CA LEU D 168 2.12 58.40 23.87
C LEU D 168 2.80 57.09 23.44
N LEU D 169 2.87 56.87 22.12
CA LEU D 169 3.54 55.73 21.53
C LEU D 169 4.99 55.59 21.97
N LEU D 170 5.73 56.72 22.03
CA LEU D 170 7.13 56.70 22.41
C LEU D 170 7.31 56.49 23.91
N ASP D 171 6.37 57.04 24.70
CA ASP D 171 6.33 56.74 26.13
C ASP D 171 6.17 55.24 26.38
N HIS D 172 5.22 54.65 25.65
CA HIS D 172 4.91 53.23 25.78
C HIS D 172 6.05 52.36 25.27
N LEU D 173 6.75 52.82 24.22
CA LEU D 173 7.92 52.14 23.69
C LEU D 173 9.04 52.15 24.74
N LYS D 174 9.21 53.28 25.44
CA LYS D 174 10.21 53.36 26.48
C LYS D 174 9.87 52.41 27.64
N GLU D 175 8.60 52.33 28.02
CA GLU D 175 8.17 51.36 29.04
C GLU D 175 8.60 49.93 28.67
N LYS D 176 8.27 49.52 27.44
CA LYS D 176 8.60 48.19 26.93
C LYS D 176 10.10 47.94 27.00
N VAL D 177 10.88 48.88 26.47
CA VAL D 177 12.32 48.71 26.40
C VAL D 177 12.88 48.55 27.81
N ASP D 178 12.40 49.40 28.72
CA ASP D 178 12.86 49.40 30.10
C ASP D 178 12.45 48.15 30.89
N MET D 179 11.49 47.37 30.39
CA MET D 179 11.16 46.08 30.99
C MET D 179 12.23 45.02 30.72
N GLY D 180 13.07 45.25 29.72
CA GLY D 180 14.19 44.37 29.43
C GLY D 180 14.31 43.96 27.97
N ALA D 181 13.96 44.86 27.02
CA ALA D 181 14.14 44.61 25.60
C ALA D 181 15.49 45.18 25.18
N GLY D 182 16.23 44.40 24.38
CA GLY D 182 17.55 44.79 23.89
C GLY D 182 17.55 45.50 22.54
N PHE D 183 16.43 45.45 21.79
CA PHE D 183 16.40 46.08 20.48
C PHE D 183 14.97 46.32 20.00
N ILE D 184 14.85 47.20 18.98
CA ILE D 184 13.60 47.57 18.37
C ILE D 184 13.62 47.14 16.92
N VAL D 185 12.51 46.58 16.43
CA VAL D 185 12.31 46.30 15.01
C VAL D 185 11.12 47.13 14.56
N THR D 186 11.32 47.90 13.48
CA THR D 186 10.28 48.82 13.05
C THR D 186 9.34 48.09 12.11
N GLN D 187 8.10 48.59 12.06
CA GLN D 187 7.17 48.28 10.99
C GLN D 187 7.77 48.83 9.70
N MET D 188 7.33 48.27 8.57
CA MET D 188 7.76 48.70 7.27
C MET D 188 7.50 50.19 7.06
N PHE D 189 8.32 50.82 6.21
CA PHE D 189 8.15 52.21 5.82
C PHE D 189 8.81 52.41 4.47
N TYR D 190 8.42 53.48 3.76
CA TYR D 190 9.08 53.90 2.53
C TYR D 190 9.50 55.36 2.56
N ASP D 191 9.16 56.09 3.64
CA ASP D 191 9.56 57.47 3.83
C ASP D 191 10.77 57.50 4.76
N VAL D 192 11.95 57.53 4.16
CA VAL D 192 13.20 57.45 4.93
C VAL D 192 13.46 58.70 5.77
N ASP D 193 13.03 59.88 5.29
CA ASP D 193 13.21 61.11 6.06
C ASP D 193 12.43 61.04 7.37
N ASN D 194 11.16 60.61 7.27
CA ASN D 194 10.33 60.41 8.44
C ASN D 194 10.96 59.40 9.40
N PHE D 195 11.50 58.31 8.84
CA PHE D 195 12.15 57.29 9.65
C PHE D 195 13.33 57.86 10.46
N LEU D 196 14.20 58.61 9.79
CA LEU D 196 15.39 59.16 10.43
C LEU D 196 15.04 60.20 11.48
N ARG D 197 13.96 60.97 11.22
CA ARG D 197 13.41 61.92 12.20
C ARG D 197 12.87 61.16 13.41
N TRP D 198 12.15 60.07 13.16
CA TRP D 198 11.65 59.21 14.21
C TRP D 198 12.77 58.65 15.08
N VAL D 199 13.86 58.19 14.46
CA VAL D 199 15.01 57.69 15.20
C VAL D 199 15.52 58.77 16.15
N LYS D 200 15.67 60.00 15.64
CA LYS D 200 16.07 61.13 16.46
C LYS D 200 15.13 61.32 17.66
N LYS D 201 13.83 61.21 17.42
CA LYS D 201 12.82 61.33 18.47
C LYS D 201 12.98 60.23 19.53
N VAL D 202 13.25 59.01 19.05
CA VAL D 202 13.42 57.85 19.91
C VAL D 202 14.61 58.05 20.84
N ARG D 203 15.74 58.48 20.27
CA ARG D 203 16.93 58.73 21.08
C ARG D 203 16.73 59.88 22.06
N GLU D 204 16.06 60.96 21.61
CA GLU D 204 15.80 62.11 22.48
C GLU D 204 14.85 61.77 23.63
N ARG D 205 14.02 60.73 23.46
CA ARG D 205 13.18 60.23 24.54
C ARG D 205 13.98 59.41 25.56
N GLY D 206 15.26 59.10 25.26
CA GLY D 206 16.13 58.37 26.14
C GLY D 206 16.09 56.86 25.91
N ILE D 207 15.84 56.44 24.66
CA ILE D 207 15.82 55.04 24.26
C ILE D 207 17.07 54.84 23.42
N SER D 208 18.03 54.07 23.92
CA SER D 208 19.36 53.91 23.33
C SER D 208 19.59 52.54 22.68
N VAL D 209 18.69 51.57 22.86
CA VAL D 209 18.87 50.24 22.29
C VAL D 209 18.95 50.31 20.76
N PRO D 210 19.63 49.38 20.07
CA PRO D 210 19.70 49.39 18.61
C PRO D 210 18.34 49.33 17.90
N ILE D 211 18.18 50.13 16.84
CA ILE D 211 16.98 50.17 16.02
C ILE D 211 17.25 49.39 14.73
N VAL D 212 16.31 48.50 14.40
CA VAL D 212 16.40 47.69 13.20
C VAL D 212 15.25 48.10 12.26
N PRO D 213 15.54 48.69 11.10
CA PRO D 213 14.52 49.06 10.13
C PRO D 213 13.94 47.84 9.43
N GLY D 214 12.60 47.77 9.39
CA GLY D 214 11.84 46.83 8.59
C GLY D 214 11.78 47.30 7.14
N ILE D 215 12.45 46.57 6.25
CA ILE D 215 12.50 46.87 4.84
C ILE D 215 11.65 45.85 4.12
N MET D 216 10.70 46.31 3.30
CA MET D 216 9.96 45.43 2.45
C MET D 216 10.32 45.70 0.99
N PRO D 217 11.09 44.78 0.36
CA PRO D 217 11.31 44.81 -1.08
C PRO D 217 9.99 44.72 -1.85
N ILE D 218 9.97 45.32 -3.04
CA ILE D 218 8.80 45.32 -3.89
C ILE D 218 8.85 44.08 -4.78
N ALA D 219 8.00 43.08 -4.47
CA ALA D 219 7.83 41.89 -5.28
C ALA D 219 6.83 42.16 -6.41
N THR D 220 5.67 42.77 -6.08
CA THR D 220 4.60 43.03 -7.03
C THR D 220 3.97 44.39 -6.72
N TYR D 221 3.44 45.06 -7.73
CA TYR D 221 2.81 46.37 -7.54
C TYR D 221 1.61 46.26 -6.59
N ALA D 222 0.82 45.19 -6.76
CA ALA D 222 -0.40 45.00 -5.98
C ALA D 222 -0.09 44.85 -4.49
N SER D 223 0.82 43.93 -4.18
CA SER D 223 1.16 43.65 -2.78
C SER D 223 1.84 44.86 -2.13
N PHE D 224 2.63 45.58 -2.94
CA PHE D 224 3.28 46.82 -2.53
C PHE D 224 2.26 47.85 -2.04
N LEU D 225 1.30 48.19 -2.91
CA LEU D 225 0.24 49.14 -2.56
C LEU D 225 -0.65 48.68 -1.42
N ARG D 226 -1.06 47.41 -1.49
CA ARG D 226 -2.04 46.90 -0.55
C ARG D 226 -1.44 46.88 0.86
N ARG D 227 -0.18 46.42 0.96
CA ARG D 227 0.51 46.37 2.24
C ARG D 227 0.79 47.78 2.77
N ALA D 228 1.19 48.70 1.88
CA ALA D 228 1.42 50.08 2.28
C ALA D 228 0.16 50.75 2.83
N ASN D 229 -0.93 50.73 2.03
CA ASN D 229 -2.20 51.33 2.42
C ASN D 229 -2.78 50.72 3.70
N HIS D 230 -2.59 49.41 3.86
CA HIS D 230 -3.10 48.71 5.03
C HIS D 230 -2.32 49.09 6.28
N MET D 231 -0.99 49.20 6.15
CA MET D 231 -0.14 49.62 7.26
C MET D 231 -0.13 51.14 7.40
N LYS D 232 -0.91 51.88 6.56
CA LYS D 232 -0.93 53.32 6.56
C LYS D 232 0.49 53.87 6.49
N CYS D 233 1.05 53.86 5.28
CA CYS D 233 2.48 53.94 5.04
C CYS D 233 2.72 54.81 3.81
N LYS D 234 3.11 56.08 4.03
CA LYS D 234 3.35 57.01 2.93
C LYS D 234 4.35 56.41 1.94
N ILE D 235 3.93 56.32 0.68
CA ILE D 235 4.79 56.03 -0.45
C ILE D 235 5.15 57.40 -1.06
N PRO D 236 6.45 57.73 -1.25
CA PRO D 236 6.83 58.94 -1.96
C PRO D 236 6.18 59.08 -3.36
N GLU D 237 5.81 60.31 -3.72
CA GLU D 237 5.24 60.59 -5.04
C GLU D 237 6.28 60.29 -6.13
N GLU D 238 7.56 60.55 -5.85
CA GLU D 238 8.66 60.13 -6.73
C GLU D 238 8.58 58.66 -7.13
N TRP D 239 8.26 57.79 -6.17
CA TRP D 239 8.19 56.34 -6.41
C TRP D 239 6.97 55.99 -7.25
N MET D 240 5.80 56.47 -6.83
CA MET D 240 4.54 56.23 -7.53
C MET D 240 4.64 56.68 -9.00
N ALA D 241 5.23 57.87 -9.20
CA ALA D 241 5.50 58.43 -10.51
C ALA D 241 6.38 57.51 -11.36
N LYS D 242 7.45 56.99 -10.75
CA LYS D 242 8.41 56.17 -11.49
C LYS D 242 7.85 54.79 -11.84
N LEU D 243 6.93 54.28 -11.00
CA LEU D 243 6.32 52.97 -11.20
C LEU D 243 5.14 53.01 -12.18
N GLU D 244 4.41 54.13 -12.23
CA GLU D 244 3.16 54.26 -12.99
C GLU D 244 3.27 53.87 -14.46
N PRO D 245 4.32 54.28 -15.21
CA PRO D 245 4.51 53.82 -16.60
C PRO D 245 4.43 52.32 -16.83
N VAL D 246 4.79 51.52 -15.80
CA VAL D 246 4.86 50.07 -15.94
C VAL D 246 4.22 49.30 -14.80
N LYS D 247 3.21 49.88 -14.14
CA LYS D 247 2.59 49.27 -12.96
C LYS D 247 2.02 47.87 -13.18
N ASN D 248 1.54 47.57 -14.38
CA ASN D 248 0.90 46.29 -14.66
C ASN D 248 1.89 45.21 -15.06
N ASP D 249 3.17 45.54 -15.26
CA ASP D 249 4.21 44.54 -15.48
C ASP D 249 5.07 44.43 -14.22
N ASP D 250 4.90 43.34 -13.48
CA ASP D 250 5.59 43.16 -12.21
C ASP D 250 7.08 42.90 -12.36
N VAL D 251 7.54 42.41 -13.52
CA VAL D 251 8.97 42.26 -13.77
C VAL D 251 9.60 43.66 -13.76
N ALA D 252 8.95 44.59 -14.47
CA ALA D 252 9.43 45.96 -14.59
C ALA D 252 9.29 46.71 -13.27
N VAL D 253 8.18 46.46 -12.57
CA VAL D 253 7.93 47.04 -11.26
C VAL D 253 9.04 46.62 -10.29
N ARG D 254 9.37 45.34 -10.29
CA ARG D 254 10.39 44.81 -9.41
C ARG D 254 11.78 45.37 -9.73
N GLU D 255 12.08 45.54 -11.02
CA GLU D 255 13.33 46.16 -11.45
C GLU D 255 13.47 47.59 -10.93
N ILE D 256 12.42 48.39 -11.05
CA ILE D 256 12.44 49.78 -10.59
C ILE D 256 12.51 49.80 -9.07
N GLY D 257 11.71 48.94 -8.42
CA GLY D 257 11.62 48.87 -6.96
C GLY D 257 12.93 48.47 -6.30
N LYS D 258 13.70 47.60 -6.98
CA LYS D 258 15.04 47.25 -6.58
C LYS D 258 15.84 48.52 -6.30
N THR D 259 15.84 49.44 -7.28
CA THR D 259 16.59 50.69 -7.18
C THR D 259 16.02 51.59 -6.09
N LEU D 260 14.69 51.73 -6.06
CA LEU D 260 14.03 52.59 -5.08
C LEU D 260 14.40 52.19 -3.66
N VAL D 261 14.22 50.89 -3.35
CA VAL D 261 14.45 50.36 -2.02
C VAL D 261 15.94 50.37 -1.68
N ALA D 262 16.80 49.99 -2.63
CA ALA D 262 18.24 49.98 -2.39
C ALA D 262 18.75 51.38 -2.07
N ASP D 263 18.25 52.40 -2.81
CA ASP D 263 18.58 53.78 -2.53
C ASP D 263 18.16 54.20 -1.12
N MET D 264 16.97 53.74 -0.71
CA MET D 264 16.47 54.01 0.63
C MET D 264 17.39 53.37 1.68
N CYS D 265 17.77 52.13 1.44
CA CYS D 265 18.69 51.40 2.30
C CYS D 265 20.03 52.12 2.45
N ARG D 266 20.56 52.66 1.35
CA ARG D 266 21.82 53.40 1.38
C ARG D 266 21.71 54.64 2.25
N LYS D 267 20.55 55.32 2.19
CA LYS D 267 20.32 56.48 3.03
C LYS D 267 20.30 56.10 4.51
N ILE D 268 19.78 54.91 4.81
CA ILE D 268 19.73 54.39 6.17
C ILE D 268 21.14 54.02 6.66
N LEU D 269 21.90 53.30 5.82
CA LEU D 269 23.26 52.87 6.13
C LEU D 269 24.19 54.07 6.36
N ASP D 270 24.10 55.08 5.49
CA ASP D 270 24.86 56.31 5.64
C ASP D 270 24.48 57.10 6.89
N ALA D 271 23.24 56.90 7.39
CA ALA D 271 22.79 57.49 8.64
C ALA D 271 23.33 56.74 9.85
N GLY D 272 24.02 55.61 9.65
CA GLY D 272 24.66 54.87 10.73
C GLY D 272 23.80 53.75 11.28
N ILE D 273 22.69 53.42 10.62
CA ILE D 273 21.82 52.30 10.99
C ILE D 273 22.22 51.15 10.08
N ARG D 274 22.86 50.13 10.63
CA ARG D 274 23.67 49.19 9.86
C ARG D 274 23.11 47.80 9.69
N HIS D 275 22.02 47.45 10.40
CA HIS D 275 21.40 46.15 10.21
C HIS D 275 20.07 46.34 9.51
N LEU D 276 19.85 45.60 8.41
CA LEU D 276 18.63 45.71 7.65
C LEU D 276 17.82 44.44 7.84
N HIS D 277 16.53 44.61 8.15
CA HIS D 277 15.62 43.49 8.36
C HIS D 277 14.63 43.43 7.22
N PHE D 278 14.76 42.39 6.36
CA PHE D 278 13.93 42.27 5.17
C PHE D 278 12.70 41.40 5.41
N TYR D 279 11.51 41.97 5.18
CA TYR D 279 10.28 41.22 5.05
C TYR D 279 10.26 40.56 3.67
N THR D 280 10.56 39.26 3.61
CA THR D 280 10.69 38.55 2.34
C THR D 280 9.33 38.21 1.76
N MET D 281 8.28 38.14 2.61
CA MET D 281 6.99 37.59 2.23
C MET D 281 7.13 36.19 1.64
N ASN D 282 8.09 35.41 2.17
CA ASN D 282 8.41 34.07 1.71
C ASN D 282 8.78 34.01 0.22
N LEU D 283 9.34 35.10 -0.32
CA LEU D 283 9.90 35.12 -1.68
C LEU D 283 11.37 35.49 -1.58
N ALA D 284 12.19 35.01 -2.52
CA ALA D 284 13.64 35.23 -2.49
C ALA D 284 14.11 36.41 -3.34
N GLN D 285 13.43 36.68 -4.45
CA GLN D 285 14.01 37.35 -5.60
C GLN D 285 14.21 38.84 -5.28
N ALA D 286 13.17 39.52 -4.81
CA ALA D 286 13.23 40.95 -4.54
C ALA D 286 14.29 41.31 -3.49
N THR D 287 14.38 40.46 -2.45
CA THR D 287 15.41 40.62 -1.43
C THR D 287 16.80 40.43 -2.02
N ARG D 288 16.99 39.35 -2.79
CA ARG D 288 18.25 39.06 -3.47
C ARG D 288 18.67 40.28 -4.30
N MET D 289 17.69 40.86 -5.02
CA MET D 289 17.95 41.93 -5.97
C MET D 289 18.44 43.17 -5.23
N VAL D 290 17.79 43.50 -4.11
CA VAL D 290 18.21 44.64 -3.28
C VAL D 290 19.61 44.40 -2.73
N LEU D 291 19.91 43.18 -2.30
CA LEU D 291 21.23 42.86 -1.78
C LEU D 291 22.32 42.97 -2.85
N GLU D 292 22.02 42.55 -4.08
CA GLU D 292 22.93 42.73 -5.20
C GLU D 292 23.20 44.22 -5.41
N GLU D 293 22.15 45.03 -5.36
CA GLU D 293 22.27 46.47 -5.54
C GLU D 293 23.13 47.12 -4.45
N LEU D 294 23.08 46.59 -3.23
CA LEU D 294 23.93 47.07 -2.14
C LEU D 294 25.31 46.44 -2.12
N ASN D 295 25.62 45.52 -3.06
CA ASN D 295 26.84 44.73 -3.02
C ASN D 295 27.01 44.02 -1.67
N TRP D 296 25.96 43.35 -1.20
CA TRP D 296 25.93 42.63 0.08
C TRP D 296 25.83 41.13 -0.08
N LEU D 297 25.88 40.61 -1.32
CA LEU D 297 25.96 39.19 -1.55
C LEU D 297 27.40 38.71 -1.49
N PRO D 298 27.68 37.51 -0.93
CA PRO D 298 29.06 37.07 -0.67
C PRO D 298 29.87 36.59 -1.88
N THR D 339 12.26 26.44 -12.56
CA THR D 339 13.16 27.20 -11.66
C THR D 339 12.50 27.34 -10.28
N GLN D 340 13.25 27.86 -9.30
CA GLN D 340 12.75 28.37 -8.03
C GLN D 340 12.23 29.81 -8.12
N ASP D 341 11.95 30.30 -9.34
CA ASP D 341 11.25 31.54 -9.59
C ASP D 341 9.83 31.29 -10.08
N TRP D 342 9.32 30.07 -9.91
CA TRP D 342 8.04 29.68 -10.48
C TRP D 342 6.87 30.42 -9.82
N ASP D 343 7.06 30.81 -8.55
CA ASP D 343 6.07 31.53 -7.77
C ASP D 343 6.51 32.96 -7.42
N GLU D 344 7.47 33.52 -8.19
CA GLU D 344 7.96 34.86 -8.01
C GLU D 344 6.88 35.95 -7.90
N PHE D 345 5.74 35.76 -8.58
CA PHE D 345 4.68 36.76 -8.64
C PHE D 345 3.38 36.20 -8.07
N PRO D 346 3.18 36.24 -6.73
CA PRO D 346 1.92 35.81 -6.13
C PRO D 346 0.79 36.79 -6.44
N ASN D 347 -0.44 36.33 -6.19
CA ASN D 347 -1.65 37.05 -6.53
C ASN D 347 -2.67 36.88 -5.43
N GLY D 348 -2.26 37.22 -4.20
CA GLY D 348 -3.06 37.04 -3.01
C GLY D 348 -3.51 35.59 -2.84
N ARG D 349 -4.83 35.40 -2.69
CA ARG D 349 -5.42 34.09 -2.52
C ARG D 349 -5.69 33.38 -3.85
N TRP D 350 -5.34 34.02 -4.97
CA TRP D 350 -5.61 33.52 -6.30
C TRP D 350 -4.42 32.82 -6.95
N GLY D 351 -3.20 33.00 -6.40
CA GLY D 351 -2.02 32.34 -6.96
C GLY D 351 -1.96 30.86 -6.55
N ASP D 352 -0.82 30.23 -6.89
CA ASP D 352 -0.62 28.82 -6.59
C ASP D 352 -0.48 28.65 -5.08
N SER D 353 -1.33 27.78 -4.50
CA SER D 353 -1.34 27.53 -3.06
C SER D 353 -0.12 26.70 -2.59
N ARG D 354 0.64 26.13 -3.52
CA ARG D 354 1.88 25.46 -3.19
C ARG D 354 3.01 26.43 -2.86
N SER D 355 2.87 27.71 -3.26
CA SER D 355 3.87 28.71 -2.98
C SER D 355 3.87 29.03 -1.48
N PRO D 356 5.06 29.12 -0.83
CA PRO D 356 5.18 29.72 0.51
C PRO D 356 4.51 31.10 0.64
N ALA D 357 4.58 31.89 -0.45
CA ALA D 357 4.07 33.23 -0.50
C ALA D 357 2.56 33.34 -0.68
N PHE D 358 1.83 32.21 -0.77
CA PHE D 358 0.40 32.24 -1.01
C PHE D 358 -0.37 32.92 0.13
N GLY D 359 -1.44 33.63 -0.24
CA GLY D 359 -2.40 34.23 0.69
C GLY D 359 -2.34 35.74 0.62
N GLU D 360 -3.22 36.44 1.37
CA GLU D 360 -3.44 37.88 1.22
C GLU D 360 -2.33 38.77 1.77
N LEU D 361 -1.95 38.57 3.04
CA LEU D 361 -0.70 39.10 3.60
C LEU D 361 -0.60 40.62 3.69
N ASP D 362 -1.71 41.30 3.94
CA ASP D 362 -1.73 42.75 4.12
C ASP D 362 -1.30 43.14 5.54
N ALA D 363 -1.69 42.32 6.52
CA ALA D 363 -1.22 42.38 7.91
C ALA D 363 -0.74 41.01 8.38
N TYR D 364 -0.26 40.98 9.63
CA TYR D 364 0.01 39.76 10.38
C TYR D 364 -1.27 39.06 10.79
N GLY D 365 -2.37 39.85 10.94
CA GLY D 365 -3.49 39.49 11.77
C GLY D 365 -4.64 39.06 10.89
N VAL D 366 -5.16 37.86 11.13
CA VAL D 366 -6.03 37.21 10.17
C VAL D 366 -7.43 37.84 10.22
N GLY D 367 -7.59 39.13 10.52
CA GLY D 367 -8.84 39.79 10.81
C GLY D 367 -8.92 41.18 10.17
N LEU D 368 -9.96 41.92 10.58
CA LEU D 368 -10.22 43.26 10.05
C LEU D 368 -9.46 44.26 10.91
N THR D 369 -9.13 45.41 10.32
CA THR D 369 -8.44 46.51 10.98
C THR D 369 -9.46 47.41 11.66
N GLY D 370 -8.93 48.35 12.45
CA GLY D 370 -9.70 49.47 12.96
C GLY D 370 -10.42 49.12 14.27
N SER D 371 -10.72 50.18 15.04
CA SER D 371 -11.49 50.07 16.27
C SER D 371 -12.90 49.59 15.94
N ASN D 372 -13.54 48.92 16.91
CA ASN D 372 -14.96 48.56 16.79
C ASN D 372 -15.79 49.80 16.42
N GLU D 373 -15.49 50.92 17.08
CA GLU D 373 -16.09 52.22 16.79
C GLU D 373 -15.92 52.61 15.31
N GLN D 374 -14.67 52.55 14.84
CA GLN D 374 -14.34 52.95 13.47
C GLN D 374 -15.08 52.10 12.44
N ASN D 375 -15.16 50.79 12.71
CA ASN D 375 -15.81 49.85 11.83
C ASN D 375 -17.31 50.03 11.80
N ARG D 376 -17.92 50.32 12.96
CA ARG D 376 -19.32 50.72 13.00
C ARG D 376 -19.55 52.02 12.22
N GLU D 377 -18.57 52.94 12.27
CA GLU D 377 -18.64 54.22 11.59
C GLU D 377 -18.62 54.06 10.06
N ARG D 378 -17.78 53.16 9.56
CA ARG D 378 -17.67 52.98 8.10
C ARG D 378 -18.67 51.98 7.51
N TRP D 379 -19.09 50.95 8.26
CA TRP D 379 -20.02 49.94 7.73
C TRP D 379 -21.40 50.05 8.33
N GLY D 380 -21.62 51.08 9.16
CA GLY D 380 -22.92 51.32 9.76
C GLY D 380 -23.30 50.25 10.79
N GLU D 381 -24.60 50.14 11.04
CA GLU D 381 -25.19 49.18 11.96
C GLU D 381 -26.28 48.44 11.21
N PRO D 382 -25.94 47.38 10.42
CA PRO D 382 -26.93 46.68 9.60
C PRO D 382 -27.90 45.87 10.45
N LYS D 383 -29.21 46.08 10.21
CA LYS D 383 -30.27 45.37 10.92
C LYS D 383 -30.85 44.22 10.10
N CYS D 384 -30.57 44.19 8.78
CA CYS D 384 -31.15 43.22 7.87
C CYS D 384 -30.22 43.03 6.66
N ILE D 385 -30.61 42.10 5.77
CA ILE D 385 -29.81 41.75 4.60
C ILE D 385 -29.68 42.94 3.65
N ARG D 386 -30.76 43.70 3.46
CA ARG D 386 -30.78 44.82 2.54
C ARG D 386 -29.72 45.86 2.91
N ASP D 387 -29.50 46.08 4.22
CA ASP D 387 -28.47 47.00 4.69
C ASP D 387 -27.07 46.58 4.23
N ILE D 388 -26.79 45.28 4.34
CA ILE D 388 -25.51 44.71 3.91
C ILE D 388 -25.38 44.91 2.39
N ALA D 389 -26.45 44.55 1.66
CA ALA D 389 -26.49 44.71 0.22
C ALA D 389 -26.18 46.15 -0.21
N ASN D 390 -26.79 47.12 0.50
CA ASN D 390 -26.57 48.53 0.19
C ASN D 390 -25.13 48.93 0.48
N LEU D 391 -24.54 48.36 1.54
CA LEU D 391 -23.14 48.60 1.84
C LEU D 391 -22.26 48.14 0.68
N PHE D 392 -22.57 46.95 0.15
CA PHE D 392 -21.82 46.37 -0.97
C PHE D 392 -22.01 47.18 -2.25
N ILE D 393 -23.23 47.68 -2.49
CA ILE D 393 -23.50 48.51 -3.66
C ILE D 393 -22.73 49.83 -3.54
N ARG D 394 -22.69 50.41 -2.34
CA ARG D 394 -21.87 51.58 -2.08
C ARG D 394 -20.39 51.32 -2.43
N TYR D 395 -19.90 50.12 -2.08
CA TYR D 395 -18.57 49.71 -2.49
C TYR D 395 -18.42 49.66 -4.02
N LEU D 396 -19.39 49.03 -4.70
CA LEU D 396 -19.38 48.88 -6.15
C LEU D 396 -19.45 50.22 -6.89
N ARG D 397 -20.21 51.17 -6.32
CA ARG D 397 -20.35 52.52 -6.87
C ARG D 397 -19.19 53.43 -6.45
N LYS D 398 -18.11 52.89 -5.84
CA LYS D 398 -16.91 53.61 -5.52
C LYS D 398 -17.15 54.66 -4.43
N GLU D 399 -18.22 54.49 -3.63
CA GLU D 399 -18.60 55.45 -2.59
C GLU D 399 -17.93 55.11 -1.27
N ILE D 400 -17.61 53.83 -1.02
CA ILE D 400 -16.72 53.41 0.07
C ILE D 400 -15.57 52.61 -0.54
N ASP D 401 -14.41 52.69 0.08
CA ASP D 401 -13.18 52.09 -0.43
C ASP D 401 -13.02 50.63 -0.02
N TYR D 402 -13.57 50.21 1.15
CA TYR D 402 -13.26 48.90 1.71
C TYR D 402 -14.49 48.25 2.34
N LEU D 403 -14.80 47.02 1.91
CA LEU D 403 -15.67 46.11 2.62
C LEU D 403 -14.86 45.19 3.53
N PRO D 404 -15.48 44.54 4.54
CA PRO D 404 -14.80 43.54 5.36
C PRO D 404 -13.95 42.47 4.66
N TRP D 405 -14.38 42.07 3.46
CA TRP D 405 -13.67 41.08 2.66
C TRP D 405 -12.86 41.71 1.54
N SER D 406 -12.64 43.04 1.54
CA SER D 406 -12.04 43.75 0.42
C SER D 406 -10.57 44.08 0.69
N GLU D 407 -9.69 43.51 -0.13
CA GLU D 407 -8.28 43.88 -0.18
C GLU D 407 -8.10 45.34 -0.61
N ALA D 408 -8.91 45.80 -1.57
CA ALA D 408 -8.72 47.09 -2.22
C ALA D 408 -10.04 47.68 -2.69
N PRO D 409 -10.07 48.95 -3.17
CA PRO D 409 -11.28 49.49 -3.83
C PRO D 409 -11.60 48.76 -5.13
N VAL D 410 -12.86 48.86 -5.57
CA VAL D 410 -13.35 48.17 -6.76
C VAL D 410 -12.45 48.48 -7.96
N ALA D 411 -12.09 47.43 -8.71
CA ALA D 411 -11.24 47.54 -9.88
C ALA D 411 -12.03 48.05 -11.07
N ASP D 412 -11.30 48.66 -12.02
CA ASP D 412 -11.85 49.18 -13.25
C ASP D 412 -12.46 48.10 -14.15
N GLU D 413 -11.98 46.85 -14.03
CA GLU D 413 -12.53 45.75 -14.80
C GLU D 413 -13.94 45.37 -14.35
N ALA D 414 -14.44 45.94 -13.23
CA ALA D 414 -15.84 45.81 -12.87
C ALA D 414 -16.78 46.78 -13.58
N ASP D 415 -16.24 47.85 -14.19
CA ASP D 415 -17.04 48.95 -14.72
C ASP D 415 -18.09 48.50 -15.73
N LEU D 416 -17.70 47.61 -16.65
CA LEU D 416 -18.59 47.11 -17.71
C LEU D 416 -19.54 46.00 -17.24
N ILE D 417 -19.40 45.47 -16.01
CA ILE D 417 -20.33 44.51 -15.43
C ILE D 417 -20.93 45.03 -14.13
N LYS D 418 -20.78 46.32 -13.85
CA LYS D 418 -21.15 46.90 -12.57
C LYS D 418 -22.65 46.76 -12.28
N ASP D 419 -23.48 46.96 -13.30
CA ASP D 419 -24.92 46.88 -13.13
C ASP D 419 -25.39 45.48 -12.75
N GLU D 420 -24.79 44.45 -13.34
CA GLU D 420 -25.15 43.05 -13.07
C GLU D 420 -24.72 42.68 -11.65
N LEU D 421 -23.52 43.12 -11.25
CA LEU D 421 -23.05 42.91 -9.89
C LEU D 421 -23.98 43.56 -8.87
N ILE D 422 -24.31 44.83 -9.11
CA ILE D 422 -25.26 45.56 -8.26
C ILE D 422 -26.59 44.78 -8.18
N ASP D 423 -27.03 44.22 -9.32
CA ASP D 423 -28.32 43.53 -9.39
C ASP D 423 -28.34 42.28 -8.50
N LEU D 424 -27.24 41.52 -8.53
CA LEU D 424 -27.06 40.39 -7.65
C LEU D 424 -27.17 40.81 -6.18
N ASN D 425 -26.44 41.86 -5.82
CA ASN D 425 -26.41 42.31 -4.43
C ASN D 425 -27.77 42.81 -3.95
N ARG D 426 -28.49 43.52 -4.82
CA ARG D 426 -29.87 43.94 -4.52
C ARG D 426 -30.76 42.74 -4.16
N ARG D 427 -30.57 41.63 -4.87
CA ARG D 427 -31.35 40.41 -4.66
C ARG D 427 -30.81 39.56 -3.51
N GLY D 428 -29.74 40.01 -2.82
CA GLY D 428 -29.22 39.34 -1.64
C GLY D 428 -28.19 38.25 -1.96
N LEU D 429 -27.68 38.21 -3.19
CA LEU D 429 -26.53 37.39 -3.53
C LEU D 429 -25.33 38.30 -3.29
N ILE D 430 -24.76 38.22 -2.08
CA ILE D 430 -23.77 39.17 -1.62
C ILE D 430 -22.43 38.82 -2.25
N THR D 431 -22.00 39.61 -3.24
CA THR D 431 -20.80 39.30 -4.02
C THR D 431 -19.56 39.74 -3.23
N VAL D 432 -18.58 38.84 -3.17
CA VAL D 432 -17.32 39.04 -2.47
C VAL D 432 -16.22 39.36 -3.47
N ASN D 433 -16.26 38.71 -4.64
CA ASN D 433 -15.23 38.85 -5.64
C ASN D 433 -15.79 38.46 -7.01
N SER D 434 -15.17 38.97 -8.06
CA SER D 434 -15.69 38.78 -9.42
C SER D 434 -14.61 39.11 -10.44
N GLN D 435 -14.79 38.61 -11.67
CA GLN D 435 -14.07 39.15 -12.80
C GLN D 435 -14.85 38.91 -14.09
N PRO D 436 -14.70 39.81 -15.09
CA PRO D 436 -15.30 39.62 -16.39
C PRO D 436 -14.48 38.65 -17.24
N ALA D 437 -15.17 38.01 -18.21
CA ALA D 437 -14.50 37.29 -19.27
C ALA D 437 -13.72 38.28 -20.14
N VAL D 438 -12.57 37.82 -20.62
CA VAL D 438 -11.71 38.58 -21.53
C VAL D 438 -11.17 37.58 -22.54
N ASN D 439 -11.31 37.90 -23.83
CA ASN D 439 -10.94 36.98 -24.89
C ASN D 439 -9.82 37.62 -25.72
N GLY D 440 -8.62 37.63 -25.14
CA GLY D 440 -7.43 38.00 -25.87
C GLY D 440 -7.28 39.50 -26.05
N ALA D 441 -7.47 40.26 -24.98
CA ALA D 441 -7.11 41.67 -24.96
C ALA D 441 -5.60 41.78 -25.15
N LYS D 442 -5.15 42.83 -25.87
CA LYS D 442 -3.74 43.17 -25.90
C LYS D 442 -3.28 43.44 -24.46
N SER D 443 -2.04 43.03 -24.15
CA SER D 443 -1.50 43.11 -22.81
C SER D 443 -1.29 44.55 -22.32
N ASN D 444 -1.37 45.55 -23.22
CA ASN D 444 -1.34 46.95 -22.86
C ASN D 444 -2.72 47.56 -22.70
N HIS D 445 -3.78 46.75 -22.81
CA HIS D 445 -5.14 47.24 -22.63
C HIS D 445 -5.27 47.99 -21.30
N PRO D 446 -5.78 49.24 -21.29
CA PRO D 446 -5.73 50.07 -20.08
C PRO D 446 -6.46 49.48 -18.87
N VAL D 447 -7.58 48.78 -19.12
CA VAL D 447 -8.34 48.09 -18.08
C VAL D 447 -7.83 46.67 -17.87
N HIS D 448 -7.81 45.85 -18.92
CA HIS D 448 -7.59 44.41 -18.82
C HIS D 448 -6.13 43.98 -18.89
N GLY D 449 -5.23 44.86 -19.33
CA GLY D 449 -3.86 44.48 -19.65
C GLY D 449 -3.02 44.21 -18.40
N TRP D 450 -2.03 43.33 -18.56
CA TRP D 450 -0.98 43.12 -17.56
C TRP D 450 0.21 42.43 -18.19
N GLY D 451 1.32 42.38 -17.46
CA GLY D 451 2.54 41.74 -17.93
C GLY D 451 3.26 42.57 -18.98
N PRO D 452 4.26 41.99 -19.69
CA PRO D 452 4.99 42.72 -20.73
C PRO D 452 4.13 43.05 -21.94
N SER D 453 4.73 43.77 -22.90
CA SER D 453 4.00 44.26 -24.05
C SER D 453 4.08 43.28 -25.23
N ASN D 454 3.18 43.50 -26.19
CA ASN D 454 3.00 42.62 -27.34
C ASN D 454 2.58 41.23 -26.89
N GLY D 455 1.74 41.17 -25.84
CA GLY D 455 1.11 39.94 -25.41
C GLY D 455 -0.42 40.00 -25.54
N TYR D 456 -1.07 38.87 -25.27
CA TYR D 456 -2.53 38.79 -25.21
C TYR D 456 -2.91 38.14 -23.88
N VAL D 457 -4.00 38.61 -23.28
CA VAL D 457 -4.42 38.15 -21.97
C VAL D 457 -5.87 37.70 -22.05
N TYR D 458 -6.19 36.74 -21.17
CA TYR D 458 -7.45 36.01 -21.19
C TYR D 458 -7.97 35.87 -19.77
N GLN D 459 -9.30 35.94 -19.62
CA GLN D 459 -9.94 35.71 -18.36
C GLN D 459 -11.22 34.93 -18.54
N LYS D 460 -11.37 33.85 -17.76
CA LYS D 460 -12.66 33.22 -17.53
C LYS D 460 -13.43 34.11 -16.58
N ALA D 461 -14.70 34.37 -16.87
CA ALA D 461 -15.59 35.04 -15.93
C ALA D 461 -15.76 34.16 -14.69
N TYR D 462 -15.71 34.80 -13.52
CA TYR D 462 -16.04 34.10 -12.29
C TYR D 462 -16.78 35.03 -11.37
N LEU D 463 -17.44 34.39 -10.40
CA LEU D 463 -18.28 35.07 -9.44
C LEU D 463 -18.15 34.35 -8.12
N GLU D 464 -17.97 35.12 -7.04
CA GLU D 464 -17.87 34.55 -5.72
C GLU D 464 -18.78 35.31 -4.78
N PHE D 465 -19.65 34.59 -4.06
CA PHE D 465 -20.67 35.26 -3.28
C PHE D 465 -21.17 34.41 -2.12
N PHE D 466 -21.72 35.11 -1.13
CA PHE D 466 -22.49 34.51 -0.06
C PHE D 466 -23.95 34.42 -0.51
N VAL D 467 -24.61 33.32 -0.14
CA VAL D 467 -26.01 33.13 -0.44
C VAL D 467 -26.67 32.33 0.67
N SER D 468 -27.98 32.60 0.89
CA SER D 468 -28.75 31.96 1.94
C SER D 468 -28.86 30.45 1.69
N PRO D 469 -28.96 29.62 2.75
CA PRO D 469 -29.17 28.17 2.59
C PRO D 469 -30.48 27.82 1.89
N GLU D 470 -31.49 28.69 2.05
CA GLU D 470 -32.78 28.55 1.39
C GLU D 470 -32.62 28.55 -0.14
N LEU D 471 -31.77 29.45 -0.65
CA LEU D 471 -31.62 29.69 -2.09
C LEU D 471 -30.50 28.84 -2.70
N TYR D 472 -29.54 28.33 -1.89
CA TYR D 472 -28.41 27.59 -2.42
C TYR D 472 -28.83 26.38 -3.26
N PRO D 473 -29.76 25.49 -2.80
CA PRO D 473 -30.17 24.31 -3.58
C PRO D 473 -30.57 24.60 -5.04
N GLU D 474 -31.23 25.75 -5.23
CA GLU D 474 -31.65 26.18 -6.57
C GLU D 474 -30.43 26.56 -7.41
N ILE D 475 -29.53 27.35 -6.82
CA ILE D 475 -28.29 27.74 -7.49
C ILE D 475 -27.50 26.48 -7.91
N LYS D 476 -27.41 25.51 -7.00
CA LYS D 476 -26.74 24.25 -7.31
C LYS D 476 -27.38 23.56 -8.51
N ARG D 477 -28.70 23.40 -8.46
CA ARG D 477 -29.46 22.77 -9.54
C ARG D 477 -29.18 23.45 -10.89
N ARG D 478 -29.15 24.79 -10.88
CA ARG D 478 -28.93 25.57 -12.09
C ARG D 478 -27.52 25.42 -12.65
N ILE D 479 -26.51 25.39 -11.78
CA ILE D 479 -25.12 25.23 -12.20
C ILE D 479 -24.93 23.83 -12.80
N GLU D 480 -25.40 22.79 -12.09
CA GLU D 480 -25.31 21.40 -12.56
C GLU D 480 -25.88 21.19 -13.96
N SER D 481 -26.93 21.94 -14.32
CA SER D 481 -27.52 21.88 -15.66
C SER D 481 -26.60 22.45 -16.75
N HIS D 482 -25.65 23.33 -16.40
CA HIS D 482 -24.71 23.93 -17.35
C HIS D 482 -23.31 23.35 -17.15
N PRO D 483 -22.91 22.32 -17.93
CA PRO D 483 -21.68 21.56 -17.62
C PRO D 483 -20.35 22.28 -17.81
N ASP D 484 -20.36 23.45 -18.49
CA ASP D 484 -19.16 24.25 -18.72
C ASP D 484 -18.84 25.19 -17.55
N LEU D 485 -19.66 25.13 -16.48
CA LEU D 485 -19.40 25.86 -15.26
C LEU D 485 -18.74 24.95 -14.24
N THR D 486 -17.68 25.44 -13.59
CA THR D 486 -17.06 24.76 -12.46
C THR D 486 -17.52 25.53 -11.23
N TYR D 487 -17.93 24.81 -10.18
CA TYR D 487 -18.33 25.49 -8.96
C TYR D 487 -17.70 24.85 -7.73
N HIS D 488 -17.51 25.69 -6.71
CA HIS D 488 -17.11 25.27 -5.37
C HIS D 488 -18.05 25.98 -4.41
N ALA D 489 -18.60 25.23 -3.45
CA ALA D 489 -19.53 25.81 -2.49
C ALA D 489 -19.33 25.17 -1.13
N VAL D 490 -19.48 25.98 -0.07
CA VAL D 490 -19.26 25.48 1.27
C VAL D 490 -19.87 26.41 2.32
N THR D 491 -20.18 25.85 3.49
CA THR D 491 -20.63 26.61 4.65
C THR D 491 -19.44 26.76 5.62
N LYS D 492 -19.61 27.59 6.64
CA LYS D 492 -18.61 27.78 7.68
C LYS D 492 -18.17 26.45 8.32
N SER D 493 -19.15 25.59 8.64
CA SER D 493 -18.92 24.35 9.38
C SER D 493 -19.18 23.10 8.55
N GLY D 494 -19.47 23.23 7.24
CA GLY D 494 -19.96 22.16 6.39
C GLY D 494 -18.88 21.65 5.43
N ASN D 495 -19.26 20.69 4.58
CA ASN D 495 -18.37 20.07 3.61
C ASN D 495 -18.41 20.78 2.26
N LEU D 496 -17.30 20.61 1.51
CA LEU D 496 -17.09 21.24 0.22
C LEU D 496 -17.91 20.47 -0.81
N GLU D 497 -18.76 21.19 -1.55
CA GLU D 497 -19.45 20.66 -2.72
C GLU D 497 -18.81 21.27 -3.97
N THR D 498 -18.70 20.45 -5.01
CA THR D 498 -18.10 20.85 -6.27
C THR D 498 -18.47 19.85 -7.35
N ASN D 499 -18.45 20.30 -8.59
CA ASN D 499 -18.62 19.42 -9.76
C ASN D 499 -17.28 19.05 -10.39
N ALA D 500 -16.17 19.65 -9.92
CA ALA D 500 -14.84 19.31 -10.41
C ALA D 500 -14.47 17.90 -9.95
N GLN D 501 -14.37 16.94 -10.88
CA GLN D 501 -14.17 15.53 -10.52
C GLN D 501 -12.77 15.32 -9.94
N SER D 502 -11.72 15.67 -10.71
CA SER D 502 -10.35 15.63 -10.22
C SER D 502 -10.13 16.73 -9.18
N ASP D 503 -10.70 17.92 -9.44
CA ASP D 503 -10.54 19.09 -8.60
C ASP D 503 -9.05 19.42 -8.36
N GLY D 504 -8.27 19.42 -9.45
CA GLY D 504 -7.00 20.11 -9.52
C GLY D 504 -7.22 21.60 -9.80
N PRO D 505 -6.15 22.37 -10.06
CA PRO D 505 -6.27 23.81 -10.33
C PRO D 505 -6.97 24.12 -11.66
N ASN D 506 -7.79 25.19 -11.66
CA ASN D 506 -8.43 25.70 -12.86
C ASN D 506 -7.91 27.11 -13.11
N ALA D 507 -7.25 27.34 -14.25
CA ALA D 507 -6.74 28.66 -14.61
C ALA D 507 -7.89 29.54 -15.06
N VAL D 508 -8.03 30.72 -14.46
CA VAL D 508 -9.09 31.67 -14.81
C VAL D 508 -8.55 33.00 -15.31
N THR D 509 -7.25 33.27 -15.17
CA THR D 509 -6.58 34.34 -15.87
C THR D 509 -5.27 33.79 -16.42
N TRP D 510 -5.01 34.00 -17.71
CA TRP D 510 -3.72 33.66 -18.27
C TRP D 510 -3.28 34.65 -19.33
N GLY D 511 -2.00 34.56 -19.70
CA GLY D 511 -1.38 35.52 -20.60
C GLY D 511 -0.36 34.86 -21.51
N VAL D 512 -0.36 35.29 -22.78
CA VAL D 512 0.52 34.76 -23.81
C VAL D 512 1.47 35.89 -24.17
N PHE D 513 2.76 35.72 -23.88
CA PHE D 513 3.76 36.74 -24.09
C PHE D 513 4.90 36.23 -24.95
N PRO D 514 5.54 37.08 -25.79
CA PRO D 514 6.63 36.66 -26.67
C PRO D 514 7.75 35.91 -25.97
N GLY D 515 8.10 34.73 -26.48
CA GLY D 515 9.27 34.00 -26.02
C GLY D 515 9.07 33.36 -24.65
N LYS D 516 7.82 33.25 -24.17
CA LYS D 516 7.55 32.77 -22.82
C LYS D 516 6.54 31.63 -22.82
N GLU D 517 6.57 30.84 -21.72
CA GLU D 517 5.51 29.91 -21.37
C GLU D 517 4.30 30.69 -20.92
N ILE D 518 3.15 30.03 -20.94
CA ILE D 518 1.89 30.66 -20.60
C ILE D 518 1.90 30.99 -19.11
N VAL D 519 1.61 32.25 -18.78
CA VAL D 519 1.58 32.74 -17.42
C VAL D 519 0.13 32.64 -16.90
N GLN D 520 -0.02 32.10 -15.68
CA GLN D 520 -1.30 31.74 -15.10
C GLN D 520 -1.41 32.30 -13.69
N PRO D 521 -1.51 33.64 -13.53
CA PRO D 521 -1.56 34.24 -12.20
C PRO D 521 -2.79 33.97 -11.35
N THR D 522 -3.87 33.49 -11.93
CA THR D 522 -5.13 33.37 -11.20
C THR D 522 -5.70 31.97 -11.41
N ILE D 523 -5.86 31.25 -10.29
CA ILE D 523 -6.19 29.84 -10.22
C ILE D 523 -7.34 29.72 -9.23
N VAL D 524 -8.29 28.84 -9.54
CA VAL D 524 -9.31 28.43 -8.58
C VAL D 524 -9.01 26.98 -8.32
N GLU D 525 -8.83 26.64 -7.06
CA GLU D 525 -8.37 25.32 -6.65
C GLU D 525 -8.93 25.02 -5.27
N ARG D 526 -9.17 23.73 -5.01
CA ARG D 526 -9.80 23.28 -3.76
C ARG D 526 -9.12 23.83 -2.51
N ILE D 527 -7.80 23.63 -2.41
CA ILE D 527 -7.03 24.06 -1.23
C ILE D 527 -7.08 25.59 -1.07
N SER D 528 -6.88 26.32 -2.17
CA SER D 528 -6.96 27.77 -2.15
C SER D 528 -8.33 28.22 -1.61
N PHE D 529 -9.38 27.60 -2.14
CA PHE D 529 -10.76 27.95 -1.82
C PHE D 529 -11.08 27.67 -0.35
N LEU D 530 -10.65 26.52 0.17
CA LEU D 530 -10.90 26.18 1.57
C LEU D 530 -10.10 27.10 2.51
N ALA D 531 -8.86 27.40 2.13
CA ALA D 531 -8.06 28.41 2.85
C ALA D 531 -8.83 29.72 2.95
N TRP D 532 -9.47 30.13 1.86
CA TRP D 532 -10.26 31.36 1.81
C TRP D 532 -11.53 31.22 2.63
N LYS D 533 -12.29 30.12 2.45
CA LYS D 533 -13.49 29.84 3.25
C LYS D 533 -13.25 30.26 4.71
N ASP D 534 -12.21 29.64 5.31
CA ASP D 534 -11.97 29.82 6.74
C ASP D 534 -11.78 31.30 7.05
N GLU D 535 -10.97 31.98 6.23
CA GLU D 535 -10.71 33.38 6.42
C GLU D 535 -11.98 34.23 6.25
N ALA D 536 -12.76 33.94 5.21
CA ALA D 536 -13.95 34.71 4.89
C ALA D 536 -15.00 34.64 6.01
N TYR D 537 -15.28 33.43 6.48
CA TYR D 537 -16.23 33.28 7.58
C TYR D 537 -15.69 33.89 8.86
N HIS D 538 -14.37 33.84 9.06
CA HIS D 538 -13.75 34.50 10.20
C HIS D 538 -13.94 36.00 10.14
N LEU D 539 -13.68 36.62 8.97
CA LEU D 539 -13.84 38.05 8.79
C LEU D 539 -15.29 38.49 9.04
N GLY D 540 -16.24 37.67 8.62
CA GLY D 540 -17.63 37.95 8.91
C GLY D 540 -17.93 37.98 10.42
N MET D 541 -17.35 37.00 11.14
CA MET D 541 -17.52 36.94 12.57
C MET D 541 -16.83 38.09 13.29
N GLU D 542 -15.65 38.48 12.80
CA GLU D 542 -14.92 39.62 13.36
C GLU D 542 -15.69 40.91 13.09
N TRP D 543 -16.44 40.96 11.98
CA TRP D 543 -17.36 42.08 11.73
C TRP D 543 -18.51 42.07 12.75
N ALA D 544 -19.17 40.93 12.89
CA ALA D 544 -20.20 40.74 13.90
C ALA D 544 -19.78 41.24 15.29
N ARG D 545 -18.54 40.91 15.68
CA ARG D 545 -18.05 41.26 17.01
C ARG D 545 -17.69 42.72 17.18
N CYS D 546 -17.71 43.52 16.12
CA CYS D 546 -17.68 44.98 16.24
C CYS D 546 -18.96 45.53 16.89
N TYR D 547 -20.02 44.70 17.00
CA TYR D 547 -21.28 45.10 17.62
C TYR D 547 -21.48 44.37 18.95
N ASP D 548 -22.34 44.97 19.79
CA ASP D 548 -22.63 44.51 21.15
C ASP D 548 -23.27 43.12 21.16
N ALA D 549 -23.03 42.39 22.25
CA ALA D 549 -23.36 40.97 22.42
C ALA D 549 -24.77 40.59 21.95
N GLY D 550 -25.79 41.36 22.38
CA GLY D 550 -27.19 41.09 22.05
C GLY D 550 -27.68 41.75 20.76
N SER D 551 -26.85 42.59 20.13
CA SER D 551 -27.31 43.60 19.18
C SER D 551 -27.93 42.96 17.93
N PRO D 552 -28.89 43.63 17.25
CA PRO D 552 -29.38 43.18 15.93
C PRO D 552 -28.29 42.91 14.90
N SER D 553 -27.30 43.84 14.83
CA SER D 553 -26.20 43.71 13.89
C SER D 553 -25.39 42.43 14.10
N ARG D 554 -25.09 42.13 15.37
CA ARG D 554 -24.28 40.95 15.69
C ARG D 554 -25.04 39.67 15.38
N VAL D 555 -26.26 39.55 15.90
CA VAL D 555 -27.03 38.33 15.72
C VAL D 555 -27.26 38.06 14.22
N LEU D 556 -27.51 39.15 13.45
CA LEU D 556 -27.67 39.08 12.01
C LEU D 556 -26.43 38.47 11.36
N LEU D 557 -25.28 39.12 11.60
CA LEU D 557 -24.03 38.72 10.97
C LEU D 557 -23.58 37.31 11.37
N GLU D 558 -23.83 36.92 12.64
CA GLU D 558 -23.47 35.60 13.13
C GLU D 558 -24.35 34.52 12.49
N GLU D 559 -25.67 34.79 12.42
CA GLU D 559 -26.59 33.88 11.75
C GLU D 559 -26.18 33.67 10.30
N MET D 560 -25.87 34.77 9.61
CA MET D 560 -25.42 34.73 8.22
C MET D 560 -24.20 33.83 8.03
N MET D 561 -23.16 34.09 8.83
CA MET D 561 -21.91 33.34 8.73
C MET D 561 -22.10 31.86 9.08
N ASN D 562 -22.96 31.57 10.08
CA ASN D 562 -23.20 30.19 10.49
C ASN D 562 -24.12 29.42 9.55
N THR D 563 -24.83 30.08 8.62
CA THR D 563 -25.83 29.40 7.79
C THR D 563 -25.62 29.58 6.29
N TRP D 564 -25.09 30.72 5.85
CA TRP D 564 -24.96 31.02 4.43
C TRP D 564 -23.80 30.26 3.79
N TRP D 565 -23.95 29.99 2.49
CA TRP D 565 -22.94 29.33 1.67
C TRP D 565 -22.06 30.38 0.99
N LEU D 566 -20.75 30.08 0.94
CA LEU D 566 -19.81 30.76 0.07
C LEU D 566 -19.71 29.92 -1.19
N VAL D 567 -19.90 30.59 -2.33
CA VAL D 567 -20.02 29.94 -3.62
C VAL D 567 -19.07 30.64 -4.58
N ASN D 568 -18.34 29.82 -5.35
CA ASN D 568 -17.45 30.28 -6.40
C ASN D 568 -17.92 29.57 -7.67
N ILE D 569 -18.22 30.35 -8.71
CA ILE D 569 -18.63 29.82 -10.00
C ILE D 569 -17.68 30.41 -11.04
N VAL D 570 -17.15 29.53 -11.90
CA VAL D 570 -16.30 29.90 -13.00
C VAL D 570 -17.01 29.43 -14.26
N ASN D 571 -17.07 30.33 -15.25
CA ASN D 571 -17.56 30.00 -16.57
C ASN D 571 -16.34 29.74 -17.43
N ASN D 572 -16.12 28.46 -17.77
CA ASN D 572 -14.91 28.07 -18.48
C ASN D 572 -14.93 28.58 -19.92
N ASP D 573 -16.12 28.89 -20.47
CA ASP D 573 -16.19 29.54 -21.76
C ASP D 573 -15.94 31.04 -21.62
N PHE D 574 -14.72 31.45 -21.92
CA PHE D 574 -14.26 32.84 -21.79
C PHE D 574 -14.64 33.66 -23.02
N HIS D 575 -15.28 33.04 -24.02
CA HIS D 575 -15.95 33.77 -25.10
C HIS D 575 -17.22 34.45 -24.60
N GLN D 576 -17.82 33.95 -23.50
CA GLN D 576 -19.10 34.41 -23.00
C GLN D 576 -18.95 35.30 -21.76
N GLY D 577 -19.44 36.56 -21.87
CA GLY D 577 -19.42 37.54 -20.79
C GLY D 577 -20.54 37.36 -19.76
N ASN D 578 -21.76 37.03 -20.22
CA ASN D 578 -22.99 37.24 -19.43
C ASN D 578 -23.67 35.99 -18.88
N THR D 579 -23.20 34.78 -19.20
CA THR D 579 -23.96 33.58 -18.89
C THR D 579 -24.05 33.30 -17.37
N LEU D 580 -23.09 33.79 -16.57
CA LEU D 580 -23.19 33.69 -15.12
C LEU D 580 -24.36 34.49 -14.57
N PHE D 581 -24.50 35.72 -15.06
CA PHE D 581 -25.57 36.61 -14.64
C PHE D 581 -26.92 36.09 -15.12
N GLU D 582 -26.96 35.52 -16.34
CA GLU D 582 -28.16 34.91 -16.90
C GLU D 582 -28.65 33.76 -16.03
N ILE D 583 -27.74 32.81 -15.74
CA ILE D 583 -28.00 31.66 -14.88
C ILE D 583 -28.61 32.08 -13.53
N LEU D 584 -28.18 33.24 -12.99
CA LEU D 584 -28.61 33.69 -11.67
C LEU D 584 -29.72 34.71 -11.71
N LYS D 585 -30.37 34.89 -12.87
CA LYS D 585 -31.43 35.88 -13.04
C LYS D 585 -32.71 35.32 -12.43
N GLY D 586 -33.42 36.15 -11.67
CA GLY D 586 -34.67 35.77 -11.01
C GLY D 586 -34.50 35.01 -9.70
N LEU D 587 -33.27 34.82 -9.21
CA LEU D 587 -33.02 34.33 -7.87
C LEU D 587 -32.97 35.50 -6.89
N GLU D 588 -33.67 35.35 -5.76
CA GLU D 588 -33.69 36.38 -4.74
C GLU D 588 -33.79 35.73 -3.37
N VAL D 589 -32.98 36.24 -2.43
CA VAL D 589 -33.08 35.88 -1.02
C VAL D 589 -34.33 36.57 -0.48
N THR D 590 -35.17 35.83 0.24
CA THR D 590 -36.33 36.38 0.93
C THR D 590 -35.93 36.89 2.31
N ASP D 591 -36.84 37.64 2.94
CA ASP D 591 -36.64 38.27 4.24
C ASP D 591 -35.44 39.22 4.21
N LEU D 592 -35.33 40.06 3.17
CA LEU D 592 -34.25 41.03 3.04
C LEU D 592 -34.35 42.14 4.07
N ASP D 593 -35.59 42.47 4.49
CA ASP D 593 -35.86 43.53 5.44
C ASP D 593 -36.14 43.02 6.85
N LYS D 594 -36.16 41.69 7.05
CA LYS D 594 -36.45 41.08 8.33
C LYS D 594 -35.28 41.37 9.30
N VAL D 595 -35.66 41.83 10.51
CA VAL D 595 -34.74 42.12 11.58
C VAL D 595 -34.78 40.98 12.61
N PRO D 596 -33.63 40.32 12.93
CA PRO D 596 -33.60 39.18 13.84
C PRO D 596 -34.20 39.34 15.24
N GLU D 597 -34.50 38.21 15.89
CA GLU D 597 -35.13 38.18 17.20
C GLU D 597 -34.08 37.96 18.31
#